data_9UGQ
#
_entry.id   9UGQ
#
_cell.length_a   1.00
_cell.length_b   1.00
_cell.length_c   1.00
_cell.angle_alpha   90.00
_cell.angle_beta   90.00
_cell.angle_gamma   90.00
#
_symmetry.space_group_name_H-M   'P 1'
#
loop_
_entity.id
_entity.type
_entity.pdbx_description
1 polymer SalKC
2 polymer SalA
3 non-polymer 'PHOSPHOTHIOPHOSPHORIC ACID-ADENYLATE ESTER'
4 non-polymer 'MAGNESIUM ION'
#
loop_
_entity_poly.entity_id
_entity_poly.type
_entity_poly.pdbx_seq_one_letter_code
_entity_poly.pdbx_strand_id
1 'polypeptide(L)'
;MQYDFSLKDPLFFTLTDDDLTDFSSKYSAPLPYDWHELSNNSEWVNQYPIGFTTERQGWKVHISSDYKHSHEVLEVVSKV
CHEFRVVFKYLKTEKVFVLRNGKNIDRGYSGKFITCYPNIESLEGFLKELERKLKGYTGPYILSDRRWREAPIYLRYGVF
RESIPELEGNLKSDELLVSGKIIKDIRSPKFIIPEGLEIPEFLEKWLKDIKGDEKSEFPFTIESAIRFSNCGGIYNATLS
SSNKKIILREARPYTGLDFSGEYSTERMKSERRALTILKDIDGIPNVFWYGKLWEHNFLGVEKMDGIPLNHWLTKNYPLY
DSKGKEKYLYRAKNILKQLISIVERAHKHSVYHQDIHFGNILIDRSDRLSLIDWEQVRFDNSKMVEQKMAAPGYGSWIDD
YPSKIDWYGVKQIAHYLYFPLIEQTSLVLGYDQQTFKVAHRNFVEMGYSDTDIKNMEVIINALDNKCSTFDNLSEKKILK
PCLNNLVINSKADINDFASRLGKGLLTISDEWKRKYKNKRIFPVHYYGLKINQGIAFSDLGILLSYKKLIDLLSDKVDNS
YEEIKNLAIQTAIAKFRDDSPGLLDGMSGTIWIIHELGEKQLAIDLFRKYYSEMLRKSSEKNIYSGTAGILLVGLYLISQ
HNDLSIKELIISDMNLFADNYLFNPSDFCKVGVGDTNSNDPYEADSGLLFGHTGIGWLFGEAYRYTKNSKFLKCLNLAIE
SELVAYEKDDFDRLQYNQGKRLLPYLSTGSAGLLLLISRNKEFLQNSVLNNCHYLEKAVSPNFCVFPGIANGMCGLFLSK
NLYKSNINYVQQCKELIRCLETYLCVVEDGFALAGDSGLKLTTDISTGTAGIILTLVSLRNGKLELLPSVQ
;
A,B
2 'polypeptide(L)' MLEEVLKLQLMDAKE E
#
loop_
_chem_comp.id
_chem_comp.type
_chem_comp.name
_chem_comp.formula
AGS non-polymer 'PHOSPHOTHIOPHOSPHORIC ACID-ADENYLATE ESTER' 'C10 H16 N5 O12 P3 S'
MG non-polymer 'MAGNESIUM ION' 'Mg 2'
#
# COMPACT_ATOMS: atom_id res chain seq x y z
N GLN A 2 4.30 -0.13 24.54
CA GLN A 2 4.68 1.15 23.97
C GLN A 2 3.80 1.49 22.77
N TYR A 3 4.00 2.70 22.23
CA TYR A 3 3.23 3.19 21.08
C TYR A 3 4.20 3.50 19.94
N ASP A 4 4.16 2.68 18.90
CA ASP A 4 4.98 2.90 17.71
C ASP A 4 4.16 3.60 16.64
N PHE A 5 3.80 4.84 16.94
CA PHE A 5 3.02 5.65 16.02
C PHE A 5 3.94 6.48 15.12
N SER A 6 3.44 6.79 13.92
CA SER A 6 4.21 7.49 12.90
C SER A 6 3.57 8.84 12.61
N LEU A 7 4.39 9.88 12.58
CA LEU A 7 3.95 11.20 12.12
C LEU A 7 4.25 11.38 10.63
N LYS A 8 3.83 10.42 9.82
CA LYS A 8 4.11 10.41 8.40
C LYS A 8 2.90 10.83 7.56
N ASP A 9 1.71 10.40 7.95
CA ASP A 9 0.50 10.88 7.31
C ASP A 9 0.29 12.35 7.68
N PRO A 10 -0.02 13.22 6.71
CA PRO A 10 -0.13 14.65 7.02
C PRO A 10 -1.37 15.04 7.79
N LEU A 11 -2.32 14.13 8.00
CA LEU A 11 -3.58 14.47 8.63
C LEU A 11 -3.90 13.68 9.88
N PHE A 12 -3.54 12.40 9.94
CA PHE A 12 -3.94 11.53 11.04
C PHE A 12 -2.75 10.76 11.58
N PHE A 13 -2.89 10.29 12.82
CA PHE A 13 -1.90 9.41 13.42
C PHE A 13 -1.99 8.03 12.79
N THR A 14 -0.87 7.50 12.33
CA THR A 14 -0.78 6.16 11.77
C THR A 14 0.32 5.39 12.47
N LEU A 15 0.33 4.08 12.26
CA LEU A 15 1.29 3.19 12.90
C LEU A 15 2.52 3.04 12.02
N THR A 16 3.68 2.82 12.67
CA THR A 16 4.91 2.55 11.93
C THR A 16 4.87 1.19 11.26
N ASP A 17 4.07 0.25 11.78
CA ASP A 17 3.86 -1.01 11.07
C ASP A 17 3.08 -0.80 9.78
N ASP A 18 2.19 0.19 9.76
CA ASP A 18 1.46 0.55 8.54
C ASP A 18 2.17 1.65 7.77
N ASP A 19 3.47 1.44 7.50
CA ASP A 19 4.28 2.37 6.72
C ASP A 19 4.88 1.59 5.56
N LEU A 20 4.56 2.03 4.34
CA LEU A 20 5.00 1.32 3.14
C LEU A 20 5.43 2.24 2.01
N THR A 21 5.86 3.47 2.31
CA THR A 21 6.37 4.37 1.27
C THR A 21 7.63 3.83 0.64
N ASP A 22 8.72 3.78 1.42
CA ASP A 22 9.98 3.10 1.08
C ASP A 22 10.60 3.63 -0.22
N PHE A 23 11.04 4.88 -0.16
CA PHE A 23 11.89 5.42 -1.22
C PHE A 23 13.18 4.62 -1.26
N SER A 24 13.99 4.74 -0.19
CA SER A 24 14.74 3.64 0.44
C SER A 24 15.52 2.72 -0.50
N SER A 25 16.61 3.22 -1.10
CA SER A 25 17.44 2.40 -1.99
C SER A 25 17.99 1.18 -1.27
N LYS A 26 17.86 0.03 -1.92
CA LYS A 26 18.00 -1.27 -1.28
C LYS A 26 19.47 -1.65 -1.07
N TYR A 27 19.68 -2.52 -0.09
CA TYR A 27 20.95 -3.21 0.10
C TYR A 27 20.81 -4.61 -0.48
N SER A 28 21.76 -5.00 -1.34
CA SER A 28 21.70 -6.29 -2.00
C SER A 28 23.05 -6.97 -1.94
N ALA A 29 23.02 -8.30 -1.83
CA ALA A 29 24.20 -9.14 -1.83
C ALA A 29 23.98 -10.26 -2.85
N PRO A 30 25.03 -10.71 -3.55
CA PRO A 30 24.85 -11.74 -4.57
C PRO A 30 24.51 -13.09 -3.97
N LEU A 31 23.55 -13.78 -4.58
CA LEU A 31 23.06 -15.06 -4.08
C LEU A 31 23.62 -16.18 -4.92
N PRO A 32 24.37 -17.13 -4.33
CA PRO A 32 24.85 -18.28 -5.11
C PRO A 32 23.76 -19.29 -5.44
N TYR A 33 24.13 -20.37 -6.12
CA TYR A 33 23.15 -21.37 -6.53
C TYR A 33 22.60 -22.14 -5.33
N ASP A 34 23.45 -22.47 -4.36
CA ASP A 34 23.05 -23.27 -3.22
C ASP A 34 22.69 -22.43 -2.00
N TRP A 35 22.24 -21.19 -2.21
CA TRP A 35 21.85 -20.32 -1.13
C TRP A 35 20.45 -19.76 -1.41
N HIS A 36 19.76 -19.40 -0.33
CA HIS A 36 18.47 -18.72 -0.41
C HIS A 36 18.57 -17.37 0.27
N GLU A 37 17.66 -16.47 -0.10
CA GLU A 37 17.54 -15.18 0.55
C GLU A 37 16.08 -14.98 0.95
N LEU A 38 15.83 -14.87 2.25
CA LEU A 38 14.47 -14.75 2.77
C LEU A 38 14.38 -13.55 3.69
N SER A 39 13.43 -12.66 3.42
CA SER A 39 13.24 -11.42 4.18
C SER A 39 11.92 -11.50 4.94
N ASN A 40 11.98 -11.91 6.21
CA ASN A 40 10.80 -12.02 7.04
C ASN A 40 10.44 -10.73 7.75
N ASN A 41 11.44 -9.99 8.24
CA ASN A 41 11.20 -8.72 8.91
C ASN A 41 11.10 -7.60 7.88
N SER A 42 10.78 -6.41 8.35
CA SER A 42 10.75 -5.23 7.50
C SER A 42 12.05 -4.46 7.54
N GLU A 43 13.07 -4.98 8.22
CA GLU A 43 14.35 -4.29 8.29
C GLU A 43 15.53 -5.21 8.03
N TRP A 44 15.37 -6.51 8.22
CA TRP A 44 16.45 -7.47 8.02
C TRP A 44 16.20 -8.34 6.79
N VAL A 45 17.29 -8.80 6.19
CA VAL A 45 17.26 -9.71 5.04
C VAL A 45 18.23 -10.84 5.36
N ASN A 46 17.72 -12.07 5.40
CA ASN A 46 18.48 -13.23 5.83
C ASN A 46 18.96 -14.06 4.64
N GLN A 47 20.15 -14.64 4.75
CA GLN A 47 20.70 -15.54 3.75
C GLN A 47 21.18 -16.81 4.44
N TYR A 48 20.79 -17.97 3.89
CA TYR A 48 21.18 -19.26 4.44
C TYR A 48 21.44 -20.24 3.30
N PRO A 49 22.34 -21.23 3.50
CA PRO A 49 22.75 -22.14 2.40
C PRO A 49 21.81 -23.31 2.14
N ILE A 50 20.50 -23.06 2.13
CA ILE A 50 19.41 -23.98 1.81
C ILE A 50 19.42 -25.24 2.68
N GLY A 51 18.59 -25.23 3.72
CA GLY A 51 18.45 -26.39 4.58
C GLY A 51 19.52 -26.58 5.62
N PHE A 52 20.50 -25.68 5.69
CA PHE A 52 21.54 -25.73 6.70
C PHE A 52 21.25 -24.67 7.76
N THR A 53 21.14 -25.10 9.00
CA THR A 53 20.78 -24.24 10.11
C THR A 53 22.02 -23.88 10.92
N THR A 54 21.80 -23.16 12.01
CA THR A 54 22.84 -22.78 12.95
C THR A 54 22.49 -23.32 14.33
N GLU A 55 23.49 -23.32 15.22
CA GLU A 55 23.25 -23.67 16.61
C GLU A 55 22.42 -22.58 17.28
N ARG A 56 21.70 -22.95 18.33
CA ARG A 56 20.77 -22.01 18.97
C ARG A 56 21.50 -20.96 19.80
N GLN A 57 22.62 -21.30 20.41
CA GLN A 57 23.48 -20.33 21.08
C GLN A 57 24.86 -20.37 20.46
N GLY A 58 25.51 -19.22 20.43
CA GLY A 58 26.84 -19.16 19.86
C GLY A 58 27.35 -17.73 19.84
N TRP A 59 28.54 -17.57 19.25
CA TRP A 59 29.21 -16.27 19.17
C TRP A 59 28.81 -15.59 17.86
N LYS A 60 28.01 -14.53 17.98
CA LYS A 60 27.66 -13.72 16.82
C LYS A 60 28.88 -12.96 16.30
N VAL A 61 28.77 -12.48 15.07
CA VAL A 61 29.72 -11.52 14.51
C VAL A 61 28.91 -10.35 13.99
N HIS A 62 29.11 -9.18 14.58
CA HIS A 62 28.44 -7.96 14.16
C HIS A 62 29.42 -7.09 13.41
N ILE A 63 29.02 -6.64 12.23
CA ILE A 63 29.88 -5.83 11.37
C ILE A 63 29.21 -4.49 11.15
N SER A 64 29.93 -3.42 11.44
CA SER A 64 29.44 -2.07 11.34
C SER A 64 30.06 -1.38 10.13
N SER A 65 29.44 -0.27 9.72
CA SER A 65 29.96 0.50 8.60
C SER A 65 29.43 1.93 8.70
N ASP A 66 30.14 2.85 8.04
CA ASP A 66 29.63 4.20 7.89
C ASP A 66 28.63 4.27 6.75
N TYR A 67 28.14 5.48 6.49
CA TYR A 67 27.13 5.65 5.45
C TYR A 67 27.72 5.52 4.06
N LYS A 68 28.95 6.01 3.86
CA LYS A 68 29.51 6.09 2.52
C LYS A 68 29.94 4.73 2.00
N HIS A 69 30.49 3.88 2.87
CA HIS A 69 31.05 2.61 2.44
C HIS A 69 30.17 1.42 2.84
N SER A 70 28.89 1.66 3.14
CA SER A 70 28.02 0.56 3.54
C SER A 70 27.70 -0.37 2.37
N HIS A 71 27.61 0.17 1.15
CA HIS A 71 27.36 -0.69 0.00
C HIS A 71 28.58 -1.52 -0.40
N GLU A 72 29.77 -1.18 0.10
CA GLU A 72 30.98 -1.93 -0.21
C GLU A 72 31.39 -2.90 0.89
N VAL A 73 31.05 -2.62 2.14
CA VAL A 73 31.27 -3.59 3.21
C VAL A 73 30.39 -4.82 3.02
N LEU A 74 29.16 -4.61 2.53
CA LEU A 74 28.24 -5.72 2.30
C LEU A 74 28.75 -6.65 1.21
N GLU A 75 29.30 -6.09 0.13
CA GLU A 75 29.84 -6.89 -0.97
C GLU A 75 31.12 -7.63 -0.61
N VAL A 76 31.79 -7.25 0.46
CA VAL A 76 32.95 -7.96 0.97
C VAL A 76 32.56 -9.03 1.98
N VAL A 77 31.67 -8.68 2.91
CA VAL A 77 31.23 -9.59 3.95
C VAL A 77 30.43 -10.75 3.35
N SER A 78 29.58 -10.46 2.36
CA SER A 78 28.85 -11.51 1.67
C SER A 78 29.77 -12.44 0.90
N LYS A 79 30.83 -11.90 0.28
CA LYS A 79 31.79 -12.74 -0.42
C LYS A 79 32.59 -13.61 0.54
N VAL A 80 32.86 -13.11 1.75
CA VAL A 80 33.52 -13.95 2.75
C VAL A 80 32.57 -15.04 3.25
N CYS A 81 31.31 -14.68 3.52
CA CYS A 81 30.32 -15.64 4.02
C CYS A 81 29.91 -16.67 2.99
N HIS A 82 30.09 -16.39 1.69
CA HIS A 82 29.83 -17.40 0.68
C HIS A 82 30.95 -18.43 0.59
N GLU A 83 32.15 -18.10 1.08
CA GLU A 83 33.26 -19.04 1.10
C GLU A 83 33.22 -19.91 2.35
N PHE A 84 33.30 -19.28 3.52
CA PHE A 84 33.05 -19.95 4.80
C PHE A 84 31.55 -19.87 5.02
N ARG A 85 30.85 -20.96 4.73
CA ARG A 85 29.41 -20.95 4.49
C ARG A 85 28.66 -20.69 5.80
N VAL A 86 28.36 -19.42 6.03
CA VAL A 86 27.85 -18.91 7.30
C VAL A 86 26.54 -18.18 7.04
N VAL A 87 25.51 -18.52 7.81
CA VAL A 87 24.22 -17.84 7.74
C VAL A 87 24.42 -16.41 8.22
N PHE A 88 24.19 -15.44 7.34
CA PHE A 88 24.34 -14.03 7.69
C PHE A 88 23.09 -13.27 7.29
N LYS A 89 22.86 -12.15 7.97
CA LYS A 89 21.74 -11.27 7.68
C LYS A 89 22.23 -9.84 7.63
N TYR A 90 21.48 -8.99 6.93
CA TYR A 90 21.87 -7.60 6.76
C TYR A 90 20.63 -6.73 6.67
N LEU A 91 20.85 -5.42 6.72
CA LEU A 91 19.75 -4.45 6.72
C LEU A 91 19.08 -4.38 5.36
N LYS A 92 17.78 -4.05 5.38
CA LYS A 92 16.99 -4.03 4.16
C LYS A 92 17.39 -2.89 3.25
N THR A 93 17.21 -1.66 3.71
CA THR A 93 17.29 -0.47 2.88
C THR A 93 18.32 0.50 3.44
N GLU A 94 18.60 1.53 2.66
CA GLU A 94 19.48 2.61 3.10
C GLU A 94 18.81 3.46 4.18
N LYS A 95 17.48 3.59 4.11
CA LYS A 95 16.73 4.35 5.11
C LYS A 95 16.81 3.70 6.48
N VAL A 96 16.65 2.38 6.55
CA VAL A 96 16.75 1.72 7.84
C VAL A 96 18.19 1.69 8.35
N PHE A 97 19.17 1.79 7.45
CA PHE A 97 20.56 2.01 7.89
C PHE A 97 20.70 3.38 8.55
N VAL A 98 20.04 4.40 7.98
CA VAL A 98 20.09 5.74 8.55
C VAL A 98 19.44 5.76 9.93
N LEU A 99 18.27 5.11 10.07
CA LEU A 99 17.64 5.05 11.39
C LEU A 99 18.38 4.14 12.38
N ARG A 100 19.06 3.10 11.92
CA ARG A 100 19.83 2.27 12.86
C ARG A 100 21.13 2.92 13.29
N ASN A 101 21.72 3.79 12.47
CA ASN A 101 22.89 4.57 12.84
C ASN A 101 22.52 6.01 13.16
N GLY A 102 21.29 6.24 13.60
CA GLY A 102 20.80 7.59 13.81
C GLY A 102 21.22 8.22 15.12
N LYS A 103 20.32 8.97 15.74
CA LYS A 103 20.58 9.66 17.00
C LYS A 103 19.66 9.23 18.13
N ASN A 104 18.36 9.08 17.86
CA ASN A 104 17.37 8.81 18.89
C ASN A 104 17.03 7.32 18.99
N ILE A 105 18.03 6.46 18.78
CA ILE A 105 17.84 5.02 18.87
C ILE A 105 18.63 4.51 20.07
N ASP A 106 18.15 3.41 20.66
CA ASP A 106 18.84 2.75 21.75
C ASP A 106 20.21 2.26 21.32
N ARG A 107 21.18 2.30 22.25
CA ARG A 107 22.54 1.89 21.97
C ARG A 107 22.74 0.38 22.04
N GLY A 108 21.68 -0.37 22.33
CA GLY A 108 21.72 -1.81 22.16
C GLY A 108 21.49 -2.19 20.71
N TYR A 109 20.72 -1.36 20.01
CA TYR A 109 20.49 -1.50 18.57
C TYR A 109 21.15 -0.31 17.89
N SER A 110 22.46 -0.40 17.65
CA SER A 110 23.19 0.76 17.16
C SER A 110 24.43 0.26 16.41
N GLY A 111 24.49 0.51 15.12
CA GLY A 111 25.65 0.22 14.31
C GLY A 111 25.64 -1.16 13.67
N LYS A 112 24.70 -2.02 14.06
CA LYS A 112 24.65 -3.39 13.55
C LYS A 112 24.16 -3.38 12.11
N PHE A 113 25.06 -3.67 11.17
CA PHE A 113 24.73 -3.73 9.76
C PHE A 113 24.64 -5.17 9.25
N ILE A 114 25.67 -5.98 9.44
CA ILE A 114 25.61 -7.40 9.13
C ILE A 114 25.76 -8.18 10.43
N THR A 115 24.84 -9.10 10.69
CA THR A 115 24.90 -10.00 11.83
C THR A 115 25.15 -11.41 11.33
N CYS A 116 26.42 -11.81 11.28
CA CYS A 116 26.77 -13.16 10.89
C CYS A 116 26.49 -14.14 12.04
N TYR A 117 26.27 -15.40 11.68
CA TYR A 117 26.04 -16.47 12.65
C TYR A 117 26.95 -17.65 12.35
N PRO A 118 28.23 -17.56 12.68
CA PRO A 118 29.18 -18.60 12.29
C PRO A 118 29.11 -19.80 13.23
N ASN A 119 29.86 -20.83 12.89
CA ASN A 119 30.07 -21.99 13.74
C ASN A 119 31.36 -21.81 14.54
N ILE A 120 31.47 -22.60 15.60
CA ILE A 120 32.64 -22.50 16.49
C ILE A 120 33.89 -23.00 15.79
N GLU A 121 33.76 -24.04 14.97
CA GLU A 121 34.93 -24.66 14.34
C GLU A 121 35.54 -23.75 13.27
N SER A 122 34.71 -23.03 12.53
CA SER A 122 35.19 -22.17 11.45
C SER A 122 35.31 -20.71 11.87
N LEU A 123 35.15 -20.40 13.16
CA LEU A 123 35.11 -19.02 13.62
C LEU A 123 36.47 -18.34 13.49
N GLU A 124 37.56 -19.07 13.76
CA GLU A 124 38.90 -18.49 13.65
C GLU A 124 39.24 -18.14 12.21
N GLY A 125 38.95 -19.04 11.27
CA GLY A 125 39.18 -18.75 9.86
C GLY A 125 38.27 -17.66 9.33
N PHE A 126 37.02 -17.63 9.79
CA PHE A 126 36.07 -16.59 9.39
C PHE A 126 36.54 -15.22 9.87
N LEU A 127 36.99 -15.13 11.12
CA LEU A 127 37.47 -13.86 11.65
C LEU A 127 38.79 -13.45 11.02
N LYS A 128 39.65 -14.41 10.67
CA LYS A 128 40.89 -14.08 9.97
C LYS A 128 40.62 -13.51 8.58
N GLU A 129 39.68 -14.13 7.84
CA GLU A 129 39.35 -13.63 6.51
C GLU A 129 38.63 -12.29 6.58
N LEU A 130 37.79 -12.10 7.60
CA LEU A 130 37.11 -10.83 7.80
C LEU A 130 38.09 -9.72 8.16
N GLU A 131 39.05 -10.00 9.02
CA GLU A 131 40.07 -9.01 9.36
C GLU A 131 40.97 -8.71 8.16
N ARG A 132 41.24 -9.73 7.34
CA ARG A 132 42.09 -9.52 6.17
C ARG A 132 41.41 -8.68 5.10
N LYS A 133 40.10 -8.88 4.88
CA LYS A 133 39.44 -8.17 3.79
C LYS A 133 38.68 -6.93 4.21
N LEU A 134 38.37 -6.74 5.49
CA LEU A 134 37.83 -5.49 5.99
C LEU A 134 38.91 -4.62 6.64
N LYS A 135 40.14 -4.72 6.16
CA LYS A 135 41.24 -3.92 6.68
C LYS A 135 41.29 -2.60 5.92
N GLY A 136 41.14 -1.49 6.66
CA GLY A 136 41.09 -0.16 6.09
C GLY A 136 39.72 0.48 6.18
N TYR A 137 38.66 -0.34 6.20
CA TYR A 137 37.32 0.19 6.35
C TYR A 137 37.08 0.64 7.78
N THR A 138 36.25 1.67 7.94
CA THR A 138 35.95 2.25 9.24
C THR A 138 34.46 2.09 9.52
N GLY A 139 34.11 2.12 10.80
CA GLY A 139 32.74 1.97 11.21
C GLY A 139 32.50 2.43 12.63
N PRO A 140 31.23 2.52 13.02
CA PRO A 140 30.89 2.86 14.41
C PRO A 140 31.25 1.74 15.36
N TYR A 141 31.47 2.11 16.62
CA TYR A 141 31.63 1.15 17.68
C TYR A 141 30.26 0.73 18.20
N ILE A 142 30.08 -0.57 18.38
CA ILE A 142 28.86 -1.13 18.96
C ILE A 142 29.13 -1.35 20.43
N LEU A 143 28.33 -0.69 21.29
CA LEU A 143 28.62 -0.70 22.72
C LEU A 143 28.28 -2.03 23.38
N SER A 144 27.41 -2.84 22.78
CA SER A 144 27.09 -4.14 23.35
C SER A 144 28.10 -5.21 22.99
N ASP A 145 29.01 -4.93 22.07
CA ASP A 145 29.99 -5.89 21.56
C ASP A 145 31.40 -5.38 21.88
N ARG A 146 32.41 -6.07 21.33
CA ARG A 146 33.79 -5.63 21.46
C ARG A 146 34.50 -5.84 20.13
N ARG A 147 35.33 -4.86 19.76
CA ARG A 147 36.07 -4.90 18.51
C ARG A 147 37.09 -6.02 18.51
N TRP A 148 37.16 -6.76 17.38
CA TRP A 148 38.02 -7.92 17.27
C TRP A 148 39.51 -7.57 17.36
N ARG A 149 40.07 -6.90 16.35
CA ARG A 149 41.39 -6.30 16.50
C ARG A 149 41.39 -4.80 16.25
N GLU A 150 41.11 -4.37 15.01
CA GLU A 150 40.91 -2.96 14.68
C GLU A 150 39.80 -2.73 13.67
N ALA A 151 39.43 -3.74 12.88
CA ALA A 151 38.46 -3.64 11.82
C ALA A 151 37.06 -3.60 12.42
N PRO A 152 36.01 -3.23 11.62
CA PRO A 152 34.65 -3.15 12.19
C PRO A 152 33.96 -4.48 12.49
N ILE A 153 34.70 -5.58 12.60
CA ILE A 153 34.15 -6.83 13.12
C ILE A 153 34.01 -6.71 14.64
N TYR A 154 32.79 -6.97 15.13
CA TYR A 154 32.48 -6.94 16.55
C TYR A 154 31.84 -8.25 16.93
N LEU A 155 32.09 -8.71 18.15
CA LEU A 155 31.70 -10.05 18.58
C LEU A 155 30.77 -9.99 19.78
N ARG A 156 29.73 -10.83 19.76
CA ARG A 156 28.79 -10.97 20.86
C ARG A 156 28.42 -12.45 21.01
N TYR A 157 28.24 -12.89 22.25
CA TYR A 157 27.68 -14.20 22.54
C TYR A 157 26.20 -14.00 22.85
N GLY A 158 25.34 -14.46 21.95
CA GLY A 158 23.91 -14.32 22.14
C GLY A 158 23.08 -15.44 21.56
N VAL A 159 21.80 -15.18 21.36
CA VAL A 159 20.87 -16.16 20.84
C VAL A 159 20.80 -16.01 19.31
N PHE A 160 21.12 -17.08 18.60
CA PHE A 160 21.19 -17.02 17.14
C PHE A 160 19.80 -16.97 16.52
N ARG A 161 18.89 -17.80 17.02
CA ARG A 161 17.59 -18.00 16.40
C ARG A 161 16.63 -18.55 17.45
N GLU A 162 15.45 -18.98 17.00
CA GLU A 162 14.49 -19.61 17.88
C GLU A 162 14.96 -21.00 18.28
N SER A 173 13.09 -17.74 23.48
CA SER A 173 13.28 -16.55 22.64
C SER A 173 14.62 -15.90 22.93
N ASP A 174 14.71 -15.17 24.04
CA ASP A 174 15.93 -14.49 24.45
C ASP A 174 16.74 -15.26 25.48
N GLU A 175 16.38 -16.52 25.77
CA GLU A 175 17.07 -17.29 26.79
C GLU A 175 18.46 -17.71 26.32
N LEU A 176 19.43 -17.60 27.21
CA LEU A 176 20.84 -17.86 26.90
C LEU A 176 21.34 -19.00 27.76
N LEU A 177 20.60 -20.11 27.76
CA LEU A 177 20.88 -21.29 28.57
C LEU A 177 22.28 -21.84 28.34
N VAL A 178 23.12 -21.76 29.36
CA VAL A 178 24.49 -22.30 29.34
C VAL A 178 24.73 -23.01 30.66
N SER A 179 25.23 -24.25 30.58
CA SER A 179 25.46 -25.14 31.72
C SER A 179 24.19 -25.36 32.54
N GLY A 180 23.06 -25.48 31.84
CA GLY A 180 21.78 -25.76 32.49
C GLY A 180 21.23 -24.66 33.36
N LYS A 181 21.37 -23.40 32.94
CA LYS A 181 20.85 -22.28 33.70
C LYS A 181 20.47 -21.15 32.76
N ILE A 182 19.30 -20.57 32.99
CA ILE A 182 18.82 -19.47 32.15
C ILE A 182 19.55 -18.20 32.55
N ILE A 183 20.15 -17.53 31.56
CA ILE A 183 20.93 -16.32 31.77
C ILE A 183 20.26 -15.10 31.13
N LYS A 184 19.80 -15.26 29.89
CA LYS A 184 19.08 -14.29 29.05
C LYS A 184 19.95 -13.10 28.65
N ASP A 185 20.14 -12.91 27.35
CA ASP A 185 20.97 -11.82 26.85
C ASP A 185 20.21 -10.50 26.90
N ILE A 186 20.94 -9.42 27.15
CA ILE A 186 20.39 -8.08 27.27
C ILE A 186 20.99 -7.21 26.19
N ARG A 187 20.15 -6.45 25.49
CA ARG A 187 20.59 -5.48 24.49
C ARG A 187 20.89 -4.14 25.16
N SER A 188 21.89 -4.18 26.05
CA SER A 188 22.33 -3.03 26.82
C SER A 188 23.68 -2.54 26.30
N PRO A 189 23.98 -1.24 26.43
CA PRO A 189 25.27 -0.72 25.92
C PRO A 189 26.45 -1.06 26.82
N LYS A 190 26.73 -2.35 26.94
CA LYS A 190 27.88 -2.84 27.71
C LYS A 190 28.23 -4.23 27.17
N PHE A 191 29.48 -4.64 27.40
CA PHE A 191 29.93 -5.95 26.98
C PHE A 191 29.76 -6.92 28.13
N ILE A 192 28.79 -7.82 28.01
CA ILE A 192 28.49 -8.81 29.06
C ILE A 192 28.88 -10.18 28.53
N ILE A 193 29.83 -10.82 29.20
CA ILE A 193 30.12 -12.23 29.01
C ILE A 193 29.33 -13.01 30.07
N PRO A 194 28.39 -13.87 29.67
CA PRO A 194 27.64 -14.64 30.66
C PRO A 194 28.50 -15.70 31.32
N GLU A 195 28.09 -16.11 32.52
CA GLU A 195 28.88 -17.05 33.29
C GLU A 195 28.76 -18.46 32.73
N GLY A 196 29.88 -19.19 32.76
CA GLY A 196 29.89 -20.58 32.34
C GLY A 196 29.85 -20.81 30.84
N LEU A 197 30.90 -20.37 30.15
CA LEU A 197 31.03 -20.61 28.72
C LEU A 197 32.31 -21.37 28.43
N GLU A 198 32.23 -22.31 27.49
CA GLU A 198 33.42 -23.00 26.98
C GLU A 198 34.10 -22.09 25.97
N ILE A 199 34.89 -21.16 26.49
CA ILE A 199 35.55 -20.15 25.65
C ILE A 199 36.71 -20.80 24.90
N PRO A 200 36.83 -20.61 23.59
CA PRO A 200 37.99 -21.14 22.86
C PRO A 200 39.27 -20.43 23.24
N GLU A 201 40.38 -20.97 22.73
CA GLU A 201 41.70 -20.47 23.09
C GLU A 201 41.95 -19.07 22.52
N PHE A 202 41.60 -18.86 21.26
CA PHE A 202 41.79 -17.54 20.66
C PHE A 202 40.79 -16.53 21.22
N LEU A 203 39.59 -16.96 21.57
CA LEU A 203 38.63 -16.07 22.22
C LEU A 203 38.95 -15.84 23.70
N GLU A 204 39.84 -16.64 24.29
CA GLU A 204 40.38 -16.34 25.61
C GLU A 204 41.60 -15.45 25.56
N LYS A 205 42.41 -15.56 24.51
CA LYS A 205 43.50 -14.61 24.32
C LYS A 205 42.98 -13.23 23.91
N TRP A 206 41.90 -13.19 23.14
CA TRP A 206 41.28 -11.92 22.75
C TRP A 206 40.62 -11.23 23.93
N LEU A 207 40.02 -11.99 24.85
CA LEU A 207 39.39 -11.41 26.02
C LEU A 207 40.37 -10.97 27.09
N LYS A 208 41.65 -11.34 26.96
CA LYS A 208 42.69 -10.93 27.90
C LYS A 208 43.68 -9.94 27.27
N ASP A 209 43.32 -9.34 26.14
CA ASP A 209 44.19 -8.40 25.46
C ASP A 209 43.39 -7.28 24.81
N PHE A 218 41.69 11.51 32.53
CA PHE A 218 40.65 12.51 32.34
C PHE A 218 41.08 13.89 32.85
N PRO A 219 41.21 14.86 31.95
CA PRO A 219 41.41 16.25 32.39
C PRO A 219 40.19 16.85 33.08
N PHE A 220 39.01 16.28 32.86
CA PHE A 220 37.75 16.73 33.42
C PHE A 220 37.14 15.64 34.30
N THR A 221 36.43 16.06 35.35
CA THR A 221 35.78 15.16 36.29
C THR A 221 34.29 15.10 36.00
N ILE A 222 33.78 13.89 35.80
CA ILE A 222 32.36 13.66 35.51
C ILE A 222 31.62 13.53 36.83
N GLU A 223 30.61 14.38 37.03
CA GLU A 223 29.75 14.29 38.20
C GLU A 223 28.48 13.51 37.91
N SER A 224 27.85 13.76 36.76
CA SER A 224 26.62 13.08 36.38
C SER A 224 26.54 13.05 34.86
N ALA A 225 25.38 12.63 34.35
CA ALA A 225 25.13 12.58 32.91
C ALA A 225 23.65 12.87 32.70
N ILE A 226 23.36 13.93 31.93
CA ILE A 226 21.97 14.36 31.76
C ILE A 226 21.26 13.49 30.74
N ARG A 227 21.85 13.38 29.55
CA ARG A 227 21.23 12.62 28.49
C ARG A 227 22.13 11.70 27.79
N PHE A 228 21.61 10.56 27.40
CA PHE A 228 22.35 9.59 26.61
C PHE A 228 21.63 9.37 25.29
N SER A 229 22.41 9.21 24.22
CA SER A 229 21.85 9.01 22.89
C SER A 229 22.86 8.22 22.06
N ASN A 230 22.51 8.01 20.79
CA ASN A 230 23.39 7.29 19.88
C ASN A 230 24.60 8.12 19.49
N CYS A 231 24.54 9.45 19.61
CA CYS A 231 25.71 10.28 19.37
C CYS A 231 26.74 10.20 20.48
N GLY A 232 26.37 9.68 21.64
CA GLY A 232 27.23 9.75 22.80
C GLY A 232 26.43 10.13 24.03
N GLY A 233 26.74 11.28 24.63
CA GLY A 233 26.01 11.71 25.80
C GLY A 233 26.27 13.16 26.11
N ILE A 234 25.33 13.75 26.84
CA ILE A 234 25.46 15.11 27.35
C ILE A 234 25.74 15.02 28.84
N TYR A 235 26.94 15.43 29.24
CA TYR A 235 27.42 15.24 30.60
C TYR A 235 27.53 16.58 31.32
N ASN A 236 27.38 16.53 32.64
CA ASN A 236 27.64 17.67 33.51
C ASN A 236 28.97 17.40 34.22
N ALA A 237 29.98 18.21 33.91
CA ALA A 237 31.34 17.93 34.33
C ALA A 237 31.94 19.15 35.01
N THR A 238 33.24 19.07 35.30
CA THR A 238 33.97 20.15 35.94
C THR A 238 35.44 20.03 35.53
N LEU A 239 36.03 21.12 35.04
CA LEU A 239 37.45 21.13 34.72
C LEU A 239 38.29 21.00 35.98
N SER A 240 39.41 20.28 35.86
CA SER A 240 40.36 20.20 36.96
C SER A 240 41.21 21.45 37.06
N SER A 241 41.55 22.07 35.93
CA SER A 241 42.46 23.21 35.94
C SER A 241 41.76 24.48 36.40
N SER A 242 40.49 24.67 36.03
CA SER A 242 39.79 25.91 36.30
C SER A 242 38.71 25.81 37.36
N ASN A 243 38.26 24.58 37.70
CA ASN A 243 37.19 24.30 38.66
C ASN A 243 35.90 25.04 38.30
N LYS A 244 35.53 24.95 37.02
CA LYS A 244 34.35 25.61 36.48
C LYS A 244 33.32 24.57 36.10
N LYS A 245 32.07 24.77 36.54
CA LYS A 245 31.00 23.86 36.18
C LYS A 245 30.60 24.06 34.73
N ILE A 246 30.78 23.02 33.92
CA ILE A 246 30.52 23.12 32.48
C ILE A 246 29.38 22.18 32.12
N ILE A 247 29.00 22.21 30.84
CA ILE A 247 28.21 21.14 30.25
C ILE A 247 29.11 20.49 29.19
N LEU A 248 28.88 19.21 28.95
CA LEU A 248 29.79 18.43 28.13
C LEU A 248 29.00 17.73 27.02
N ARG A 249 29.62 17.60 25.85
CA ARG A 249 29.00 16.92 24.72
C ARG A 249 29.96 15.83 24.23
N GLU A 250 29.39 14.73 23.75
CA GLU A 250 30.16 13.62 23.22
C GLU A 250 29.73 13.33 21.79
N ALA A 251 30.71 12.96 20.96
CA ALA A 251 30.45 12.56 19.58
C ALA A 251 31.27 11.30 19.33
N ARG A 252 30.63 10.13 19.46
CA ARG A 252 31.27 8.90 19.03
C ARG A 252 31.42 8.92 17.51
N PRO A 253 32.54 8.44 16.98
CA PRO A 253 32.78 8.55 15.54
C PRO A 253 31.84 7.68 14.74
N TYR A 254 31.41 8.22 13.58
CA TYR A 254 30.47 7.60 12.64
C TYR A 254 29.13 7.24 13.29
N THR A 255 28.74 7.98 14.33
CA THR A 255 27.46 7.78 14.98
C THR A 255 26.73 9.11 15.03
N GLY A 256 25.43 9.08 14.78
CA GLY A 256 24.64 10.29 14.72
C GLY A 256 24.31 10.69 13.30
N LEU A 257 24.05 9.70 12.46
CA LEU A 257 23.76 9.94 11.05
C LEU A 257 22.36 10.50 10.87
N ASP A 258 22.23 11.47 9.98
CA ASP A 258 20.94 11.93 9.50
C ASP A 258 20.84 11.69 7.99
N PHE A 259 19.78 12.20 7.38
CA PHE A 259 19.53 11.93 5.97
C PHE A 259 20.37 12.77 5.03
N SER A 260 21.10 13.76 5.54
CA SER A 260 22.04 14.54 4.73
C SER A 260 23.44 13.95 4.73
N GLY A 261 23.67 12.88 5.48
CA GLY A 261 24.96 12.21 5.46
C GLY A 261 26.02 12.81 6.35
N GLU A 262 25.64 13.55 7.39
CA GLU A 262 26.60 14.11 8.33
C GLU A 262 26.49 13.35 9.65
N TYR A 263 27.56 13.38 10.42
CA TYR A 263 27.64 12.71 11.70
C TYR A 263 27.74 13.74 12.84
N SER A 264 27.67 13.24 14.07
CA SER A 264 27.77 14.09 15.24
C SER A 264 29.15 14.70 15.42
N THR A 265 30.20 14.06 14.90
CA THR A 265 31.54 14.61 14.93
C THR A 265 31.69 15.88 14.09
N GLU A 266 30.85 16.06 13.07
CA GLU A 266 30.83 17.29 12.30
C GLU A 266 29.90 18.35 12.90
N ARG A 267 28.81 17.91 13.51
CA ARG A 267 27.93 18.84 14.21
C ARG A 267 28.61 19.46 15.42
N MET A 268 29.45 18.70 16.11
CA MET A 268 30.23 19.25 17.21
C MET A 268 31.26 20.25 16.73
N LYS A 269 31.87 20.01 15.58
CA LYS A 269 32.81 20.97 15.00
C LYS A 269 32.09 22.25 14.58
N SER A 270 30.90 22.12 14.01
CA SER A 270 30.12 23.31 13.65
C SER A 270 29.66 24.08 14.88
N GLU A 271 29.30 23.36 15.95
CA GLU A 271 28.95 24.01 17.21
C GLU A 271 30.13 24.76 17.82
N ARG A 272 31.33 24.15 17.75
CA ARG A 272 32.54 24.82 18.22
C ARG A 272 32.84 26.07 17.41
N ARG A 273 32.70 25.98 16.07
CA ARG A 273 32.93 27.13 15.20
C ARG A 273 31.94 28.25 15.50
N ALA A 274 30.67 27.90 15.69
CA ALA A 274 29.66 28.90 16.00
C ALA A 274 29.89 29.55 17.35
N LEU A 275 30.25 28.77 18.37
CA LEU A 275 30.38 29.32 19.71
C LEU A 275 31.72 30.00 19.95
N THR A 276 32.70 29.82 19.07
CA THR A 276 33.85 30.74 19.09
C THR A 276 33.67 31.94 18.17
N ILE A 277 32.77 31.89 17.19
CA ILE A 277 32.40 33.11 16.47
C ILE A 277 31.62 34.04 17.40
N LEU A 278 30.62 33.51 18.10
CA LEU A 278 29.80 34.30 19.02
C LEU A 278 30.35 34.22 20.44
N LYS A 279 31.52 34.80 20.63
CA LYS A 279 32.19 34.74 21.93
C LYS A 279 31.76 35.88 22.86
N ASP A 280 31.46 37.05 22.32
CA ASP A 280 31.15 38.21 23.16
C ASP A 280 29.67 38.34 23.48
N ILE A 281 28.81 37.52 22.87
CA ILE A 281 27.37 37.67 23.07
C ILE A 281 26.96 37.00 24.37
N ASP A 282 26.23 37.73 25.21
CA ASP A 282 25.68 37.17 26.44
C ASP A 282 24.46 36.32 26.11
N GLY A 283 24.24 35.27 26.90
CA GLY A 283 23.19 34.32 26.64
C GLY A 283 23.55 33.21 25.69
N ILE A 284 24.75 33.26 25.11
CA ILE A 284 25.24 32.24 24.19
C ILE A 284 26.51 31.65 24.79
N PRO A 285 26.59 30.33 24.95
CA PRO A 285 27.70 29.73 25.71
C PRO A 285 29.04 29.86 25.00
N ASN A 286 30.10 29.80 25.81
CA ASN A 286 31.47 29.92 25.33
C ASN A 286 32.17 28.58 25.40
N VAL A 287 33.08 28.33 24.46
CA VAL A 287 33.83 27.09 24.42
C VAL A 287 34.92 27.14 25.49
N PHE A 288 34.90 26.17 26.40
CA PHE A 288 35.90 26.07 27.45
C PHE A 288 36.95 25.00 27.18
N TRP A 289 36.56 23.87 26.60
CA TRP A 289 37.48 22.76 26.40
C TRP A 289 36.99 21.93 25.22
N TYR A 290 37.84 21.78 24.20
CA TYR A 290 37.54 20.94 23.04
C TYR A 290 38.70 19.99 22.84
N GLY A 291 38.54 18.74 23.25
CA GLY A 291 39.59 17.75 23.09
C GLY A 291 39.03 16.39 22.71
N LYS A 292 39.84 15.61 22.04
CA LYS A 292 39.50 14.24 21.66
C LYS A 292 40.19 13.29 22.61
N LEU A 293 39.39 12.54 23.37
CA LEU A 293 39.89 11.46 24.21
C LEU A 293 39.53 10.13 23.59
N TRP A 294 40.48 9.20 23.60
CA TRP A 294 40.42 7.90 22.94
C TRP A 294 40.10 8.08 21.45
N GLU A 295 38.83 7.92 21.08
CA GLU A 295 38.34 8.27 19.75
C GLU A 295 37.08 9.13 19.82
N HIS A 296 36.72 9.58 21.01
CA HIS A 296 35.48 10.32 21.24
C HIS A 296 35.79 11.80 21.35
N ASN A 297 35.16 12.59 20.48
CA ASN A 297 35.29 14.04 20.56
C ASN A 297 34.50 14.56 21.76
N PHE A 298 35.08 15.55 22.45
CA PHE A 298 34.45 16.13 23.63
C PHE A 298 34.47 17.64 23.54
N LEU A 299 33.32 18.25 23.79
CA LEU A 299 33.15 19.70 23.78
C LEU A 299 32.57 20.13 25.12
N GLY A 300 33.19 21.14 25.74
CA GLY A 300 32.95 21.45 27.13
C GLY A 300 32.39 22.83 27.45
N VAL A 301 31.36 23.27 26.71
CA VAL A 301 30.86 24.64 26.81
C VAL A 301 30.16 24.92 28.15
N GLU A 302 29.91 26.19 28.41
CA GLU A 302 29.47 26.64 29.73
C GLU A 302 28.02 26.25 30.01
N LYS A 303 27.78 25.73 31.20
CA LYS A 303 26.43 25.46 31.70
C LYS A 303 25.97 26.67 32.51
N MET A 304 24.89 27.29 32.07
CA MET A 304 24.30 28.38 32.85
C MET A 304 23.05 27.92 33.57
N ASP A 305 22.71 28.65 34.63
CA ASP A 305 21.57 28.30 35.44
C ASP A 305 20.27 28.67 34.74
N GLY A 306 19.17 28.08 35.21
CA GLY A 306 17.87 28.38 34.65
C GLY A 306 17.07 27.15 34.27
N ILE A 307 15.76 27.33 34.16
CA ILE A 307 14.85 26.27 33.75
C ILE A 307 14.42 26.57 32.31
N PRO A 308 13.98 25.57 31.53
CA PRO A 308 13.56 25.84 30.15
C PRO A 308 12.31 26.70 30.02
N LEU A 309 11.93 27.00 28.77
CA LEU A 309 10.82 27.92 28.53
C LEU A 309 9.47 27.31 28.91
N ASN A 310 9.34 25.98 28.78
CA ASN A 310 8.09 25.32 29.15
C ASN A 310 7.83 25.41 30.64
N HIS A 311 8.85 25.16 31.46
CA HIS A 311 8.70 25.21 32.90
C HIS A 311 8.56 26.65 33.41
N TRP A 312 9.29 27.59 32.79
CA TRP A 312 9.13 29.00 33.14
C TRP A 312 7.73 29.51 32.80
N LEU A 313 7.19 29.08 31.66
CA LEU A 313 5.84 29.47 31.29
C LEU A 313 4.80 28.79 32.17
N THR A 314 5.00 27.52 32.54
CA THR A 314 4.09 26.86 33.46
C THR A 314 4.10 27.50 34.83
N LYS A 315 5.24 28.04 35.24
CA LYS A 315 5.32 28.77 36.50
C LYS A 315 4.73 30.19 36.40
N ASN A 316 4.83 30.85 35.24
CA ASN A 316 4.57 32.28 35.15
C ASN A 316 3.37 32.67 34.30
N TYR A 317 2.83 31.78 33.44
CA TYR A 317 1.66 32.18 32.66
C TYR A 317 0.42 32.22 33.55
N PRO A 318 -0.49 33.17 33.32
CA PRO A 318 -1.75 33.18 34.07
C PRO A 318 -2.71 32.11 33.59
N LEU A 319 -2.55 30.88 34.12
CA LEU A 319 -3.40 29.77 33.71
C LEU A 319 -4.84 29.96 34.16
N TYR A 320 -5.05 30.46 35.38
CA TYR A 320 -6.39 30.62 35.92
C TYR A 320 -6.79 32.08 36.06
N ASP A 321 -6.05 32.86 36.83
CA ASP A 321 -6.34 34.27 37.07
C ASP A 321 -5.04 35.06 36.92
N SER A 322 -5.14 36.37 37.15
CA SER A 322 -3.99 37.25 37.05
C SER A 322 -3.38 37.57 38.42
N LYS A 323 -3.91 36.98 39.49
CA LYS A 323 -3.43 37.30 40.84
C LYS A 323 -2.06 36.68 41.07
N GLY A 324 -1.08 37.52 41.35
CA GLY A 324 0.29 37.10 41.50
C GLY A 324 1.10 37.08 40.23
N LYS A 325 0.45 37.26 39.07
CA LYS A 325 1.11 37.28 37.78
C LYS A 325 0.69 38.52 36.99
N GLU A 326 0.59 39.65 37.68
CA GLU A 326 0.20 40.90 37.03
C GLU A 326 1.27 41.43 36.08
N LYS A 327 2.54 41.09 36.32
CA LYS A 327 3.64 41.57 35.49
C LYS A 327 4.14 40.50 34.52
N TYR A 328 3.25 39.62 34.06
CA TYR A 328 3.66 38.60 33.11
C TYR A 328 3.95 39.18 31.74
N LEU A 329 3.11 40.11 31.27
CA LEU A 329 3.28 40.68 29.94
C LEU A 329 4.41 41.68 29.86
N TYR A 330 4.99 42.08 30.99
CA TYR A 330 6.20 42.89 31.02
C TYR A 330 7.45 42.03 30.95
N ARG A 331 7.49 40.98 31.76
CA ARG A 331 8.64 40.07 31.77
C ARG A 331 8.71 39.25 30.47
N ALA A 332 7.55 38.87 29.93
CA ALA A 332 7.51 38.18 28.64
C ALA A 332 7.98 39.10 27.52
N LYS A 333 7.63 40.38 27.58
CA LYS A 333 8.11 41.36 26.61
C LYS A 333 9.63 41.52 26.68
N ASN A 334 10.17 41.61 27.90
CA ASN A 334 11.62 41.74 28.07
C ASN A 334 12.35 40.49 27.61
N ILE A 335 11.81 39.31 27.90
CA ILE A 335 12.43 38.05 27.48
C ILE A 335 12.37 37.89 25.97
N LEU A 336 11.26 38.30 25.36
CA LEU A 336 11.14 38.25 23.90
C LEU A 336 12.10 39.24 23.24
N LYS A 337 12.32 40.40 23.86
CA LYS A 337 13.30 41.36 23.35
C LYS A 337 14.72 40.80 23.49
N GLN A 338 15.00 40.08 24.58
CA GLN A 338 16.30 39.42 24.73
C GLN A 338 16.53 38.37 23.67
N LEU A 339 15.49 37.58 23.35
CA LEU A 339 15.62 36.58 22.29
C LEU A 339 15.82 37.23 20.93
N ILE A 340 15.12 38.32 20.66
CA ILE A 340 15.29 39.04 19.39
C ILE A 340 16.69 39.63 19.28
N SER A 341 17.21 40.18 20.39
CA SER A 341 18.57 40.72 20.39
C SER A 341 19.62 39.63 20.18
N ILE A 342 19.42 38.47 20.81
CA ILE A 342 20.36 37.36 20.67
C ILE A 342 20.35 36.83 19.24
N VAL A 343 19.17 36.66 18.65
CA VAL A 343 19.06 36.15 17.29
C VAL A 343 19.61 37.17 16.30
N GLU A 344 19.39 38.47 16.54
CA GLU A 344 19.92 39.50 15.65
C GLU A 344 21.44 39.57 15.71
N ARG A 345 22.02 39.47 16.90
CA ARG A 345 23.47 39.51 17.03
C ARG A 345 24.12 38.23 16.52
N ALA A 346 23.39 37.10 16.56
CA ALA A 346 23.89 35.88 15.95
C ALA A 346 23.81 35.94 14.43
N HIS A 347 22.76 36.55 13.90
CA HIS A 347 22.58 36.68 12.45
C HIS A 347 23.49 37.74 11.85
N LYS A 348 23.99 38.67 12.66
CA LYS A 348 24.95 39.66 12.17
C LYS A 348 26.26 38.99 11.75
N HIS A 349 26.69 37.96 12.48
CA HIS A 349 27.90 37.23 12.17
C HIS A 349 27.66 36.04 11.26
N SER A 350 26.49 35.97 10.61
CA SER A 350 26.08 34.87 9.73
C SER A 350 26.10 33.52 10.44
N VAL A 351 25.46 33.47 11.61
CA VAL A 351 25.32 32.25 12.40
C VAL A 351 23.84 32.03 12.65
N TYR A 352 23.33 30.86 12.25
CA TYR A 352 21.89 30.59 12.23
C TYR A 352 21.59 29.33 13.04
N HIS A 353 20.67 29.47 13.99
CA HIS A 353 20.49 28.43 15.01
C HIS A 353 19.76 27.21 14.48
N GLN A 354 18.72 27.42 13.66
CA GLN A 354 17.92 26.42 12.95
C GLN A 354 17.09 25.48 13.82
N ASP A 355 17.15 25.62 15.14
CA ASP A 355 16.21 24.89 16.00
C ASP A 355 15.99 25.74 17.26
N ILE A 356 15.00 26.63 17.19
CA ILE A 356 14.70 27.54 18.28
C ILE A 356 13.28 27.21 18.74
N HIS A 357 13.17 26.37 19.76
CA HIS A 357 11.88 26.10 20.38
C HIS A 357 11.99 26.26 21.89
N PHE A 358 10.96 25.85 22.61
CA PHE A 358 10.89 26.07 24.06
C PHE A 358 11.88 25.22 24.85
N GLY A 359 12.45 24.18 24.27
CA GLY A 359 13.46 23.37 24.92
C GLY A 359 14.89 23.83 24.74
N ASN A 360 15.12 24.81 23.88
CA ASN A 360 16.46 25.32 23.62
C ASN A 360 16.71 26.67 24.28
N ILE A 361 15.83 27.11 25.17
CA ILE A 361 15.91 28.43 25.78
C ILE A 361 15.82 28.27 27.29
N LEU A 362 16.82 28.76 28.00
CA LEU A 362 16.84 28.73 29.46
C LEU A 362 16.72 30.15 30.01
N ILE A 363 15.92 30.30 31.06
CA ILE A 363 15.67 31.58 31.71
C ILE A 363 15.85 31.39 33.21
N ASP A 364 16.74 32.18 33.80
CA ASP A 364 17.09 32.02 35.21
C ASP A 364 16.09 32.77 36.10
N ARG A 365 16.42 32.89 37.39
CA ARG A 365 15.52 33.55 38.33
C ARG A 365 15.52 35.06 38.18
N SER A 366 16.54 35.63 37.55
CA SER A 366 16.60 37.07 37.28
C SER A 366 16.02 37.42 35.92
N ASP A 367 15.43 36.44 35.23
CA ASP A 367 14.84 36.57 33.90
C ASP A 367 15.85 37.06 32.86
N ARG A 368 16.93 36.29 32.73
CA ARG A 368 17.92 36.49 31.68
C ARG A 368 17.89 35.29 30.75
N LEU A 369 17.72 35.55 29.47
CA LEU A 369 17.52 34.46 28.50
C LEU A 369 18.86 33.89 28.06
N SER A 370 18.90 32.57 27.87
CA SER A 370 20.07 31.88 27.36
C SER A 370 19.63 30.92 26.27
N LEU A 371 20.37 30.89 25.16
CA LEU A 371 20.03 30.07 24.01
C LEU A 371 21.09 28.99 23.83
N ILE A 372 20.66 27.73 23.81
CA ILE A 372 21.56 26.58 23.83
C ILE A 372 21.34 25.71 22.61
N ASP A 373 22.07 24.59 22.55
CA ASP A 373 21.92 23.51 21.56
C ASP A 373 22.13 24.01 20.12
N TRP A 374 23.38 24.38 19.86
CA TRP A 374 23.79 24.88 18.56
C TRP A 374 24.29 23.76 17.64
N GLU A 375 23.76 22.54 17.77
CA GLU A 375 24.21 21.43 16.94
C GLU A 375 23.73 21.53 15.50
N GLN A 376 22.53 22.07 15.25
CA GLN A 376 22.03 22.23 13.90
C GLN A 376 22.42 23.59 13.30
N VAL A 377 23.55 24.16 13.71
CA VAL A 377 23.89 25.51 13.31
C VAL A 377 24.30 25.55 11.84
N ARG A 378 24.00 26.65 11.17
CA ARG A 378 24.40 26.89 9.80
C ARG A 378 25.18 28.19 9.72
N PHE A 379 25.82 28.40 8.57
CA PHE A 379 26.66 29.58 8.38
C PHE A 379 26.42 30.25 7.03
N ASP A 380 25.45 29.79 6.25
CA ASP A 380 25.20 30.33 4.92
C ASP A 380 23.71 30.67 4.82
N ASN A 381 23.42 31.91 4.44
CA ASN A 381 22.06 32.38 4.27
C ASN A 381 21.67 32.53 2.81
N SER A 382 22.54 32.10 1.88
CA SER A 382 22.32 32.33 0.46
C SER A 382 21.47 31.27 -0.21
N LYS A 383 21.11 30.20 0.49
CA LYS A 383 20.38 29.10 -0.11
C LYS A 383 19.25 28.67 0.82
N MET A 384 18.10 28.34 0.22
CA MET A 384 16.99 27.82 1.00
C MET A 384 17.28 26.38 1.42
N VAL A 385 17.13 26.11 2.71
CA VAL A 385 17.43 24.79 3.27
C VAL A 385 16.17 24.22 3.90
N GLU A 386 16.24 22.98 4.35
CA GLU A 386 15.14 22.31 5.04
C GLU A 386 15.54 22.08 6.49
N GLN A 387 14.62 22.38 7.41
CA GLN A 387 14.87 22.15 8.82
C GLN A 387 14.86 20.65 9.10
N LYS A 388 15.92 20.16 9.74
CA LYS A 388 16.16 18.72 9.83
C LYS A 388 15.43 18.09 11.03
N MET A 389 15.83 18.48 12.24
CA MET A 389 15.19 18.00 13.46
C MET A 389 14.26 19.11 13.95
N ALA A 390 13.12 19.21 13.29
CA ALA A 390 12.15 20.24 13.63
C ALA A 390 11.30 19.80 14.81
N ALA A 391 11.14 20.69 15.77
CA ALA A 391 10.19 20.46 16.86
C ALA A 391 8.78 20.49 16.30
N PRO A 392 7.86 19.66 16.82
CA PRO A 392 6.50 19.63 16.25
C PRO A 392 5.70 20.87 16.64
N GLY A 393 5.47 21.73 15.66
CA GLY A 393 4.84 23.02 15.88
C GLY A 393 5.75 24.20 15.69
N TYR A 394 7.07 23.98 15.63
CA TYR A 394 8.03 25.06 15.45
C TYR A 394 8.77 25.00 14.12
N GLY A 395 8.70 23.88 13.41
CA GLY A 395 9.38 23.76 12.14
C GLY A 395 8.66 24.55 11.05
N SER A 396 9.45 25.05 10.10
CA SER A 396 8.90 25.77 8.97
C SER A 396 8.17 24.82 8.03
N TRP A 397 7.11 25.31 7.39
CA TRP A 397 6.34 24.47 6.49
C TRP A 397 7.05 24.24 5.17
N ILE A 398 7.91 25.17 4.75
CA ILE A 398 8.50 25.17 3.43
C ILE A 398 10.02 25.20 3.56
N ASP A 399 10.69 25.03 2.42
CA ASP A 399 12.15 25.14 2.34
C ASP A 399 12.49 26.62 2.29
N ASP A 400 12.88 27.17 3.44
CA ASP A 400 13.08 28.60 3.59
C ASP A 400 14.55 28.92 3.80
N TYR A 401 14.87 30.21 3.78
CA TYR A 401 16.20 30.67 4.13
C TYR A 401 16.43 30.45 5.63
N PRO A 402 17.68 30.18 6.04
CA PRO A 402 17.95 29.91 7.47
C PRO A 402 17.61 31.05 8.42
N SER A 403 17.79 32.31 7.99
CA SER A 403 17.39 33.45 8.81
C SER A 403 15.87 33.48 8.98
N LYS A 404 15.13 33.19 7.92
CA LYS A 404 13.69 33.09 8.00
C LYS A 404 13.24 31.91 8.85
N ILE A 405 14.01 30.82 8.86
CA ILE A 405 13.69 29.68 9.73
C ILE A 405 13.85 30.07 11.21
N ASP A 406 14.94 30.79 11.53
CA ASP A 406 15.13 31.26 12.90
C ASP A 406 14.06 32.27 13.30
N TRP A 407 13.67 33.16 12.39
CA TRP A 407 12.65 34.14 12.74
C TRP A 407 11.27 33.51 12.84
N TYR A 408 11.03 32.42 12.09
CA TYR A 408 9.82 31.64 12.30
C TYR A 408 9.82 30.98 13.67
N GLY A 409 10.97 30.45 14.10
CA GLY A 409 11.06 29.88 15.44
C GLY A 409 10.85 30.91 16.54
N VAL A 410 11.39 32.11 16.36
CA VAL A 410 11.21 33.18 17.33
C VAL A 410 9.76 33.67 17.35
N LYS A 411 9.11 33.72 16.17
CA LYS A 411 7.70 34.10 16.10
C LYS A 411 6.81 33.07 16.78
N GLN A 412 7.10 31.77 16.58
CA GLN A 412 6.31 30.75 17.26
C GLN A 412 6.58 30.75 18.76
N ILE A 413 7.78 31.12 19.18
CA ILE A 413 8.05 31.27 20.62
C ILE A 413 7.29 32.47 21.19
N ALA A 414 7.18 33.55 20.39
CA ALA A 414 6.38 34.71 20.79
C ALA A 414 4.91 34.35 20.95
N HIS A 415 4.38 33.56 20.01
CA HIS A 415 3.00 33.09 20.10
C HIS A 415 2.82 32.14 21.28
N TYR A 416 3.85 31.32 21.57
CA TYR A 416 3.81 30.41 22.70
C TYR A 416 3.79 31.17 24.02
N LEU A 417 4.55 32.25 24.12
CA LEU A 417 4.51 33.10 25.31
C LEU A 417 3.19 33.85 25.41
N TYR A 418 2.59 34.19 24.26
CA TYR A 418 1.31 34.89 24.28
C TYR A 418 0.13 33.95 24.49
N PHE A 419 0.10 32.82 23.78
CA PHE A 419 -0.94 31.81 23.97
C PHE A 419 -0.33 30.45 23.66
N PRO A 420 -0.01 29.65 24.69
CA PRO A 420 0.75 28.41 24.50
C PRO A 420 -0.01 27.25 23.84
N LEU A 421 -0.58 27.51 22.67
CA LEU A 421 -1.11 26.48 21.77
C LEU A 421 -0.34 26.62 20.47
N ILE A 422 0.65 25.77 20.28
CA ILE A 422 1.62 26.00 19.21
C ILE A 422 1.78 24.74 18.37
N GLU A 423 1.25 23.62 18.86
CA GLU A 423 1.38 22.35 18.14
C GLU A 423 0.44 22.26 16.95
N GLN A 424 -0.71 22.92 17.00
CA GLN A 424 -1.68 22.88 15.93
C GLN A 424 -1.34 23.84 14.79
N THR A 425 -0.34 24.69 14.96
CA THR A 425 0.11 25.56 13.88
C THR A 425 0.91 24.81 12.83
N SER A 426 1.31 23.57 13.10
CA SER A 426 1.93 22.69 12.12
C SER A 426 0.90 21.88 11.33
N LEU A 427 -0.36 21.95 11.71
CA LEU A 427 -1.44 21.24 11.03
C LEU A 427 -2.40 22.18 10.31
N VAL A 428 -2.77 23.30 10.93
CA VAL A 428 -3.66 24.28 10.35
C VAL A 428 -2.88 25.57 10.12
N LEU A 429 -2.82 26.00 8.87
CA LEU A 429 -2.13 27.24 8.53
C LEU A 429 -3.02 28.42 8.88
N GLY A 430 -2.56 29.26 9.80
CA GLY A 430 -3.36 30.34 10.32
C GLY A 430 -3.96 30.09 11.68
N TYR A 431 -3.47 29.09 12.41
CA TYR A 431 -3.97 28.83 13.76
C TYR A 431 -3.43 29.81 14.77
N ASP A 432 -2.24 30.36 14.52
CA ASP A 432 -1.64 31.32 15.45
C ASP A 432 -2.41 32.64 15.47
N GLN A 433 -2.85 33.12 14.31
CA GLN A 433 -3.72 34.28 14.29
C GLN A 433 -5.14 33.96 14.73
N GLN A 434 -5.53 32.69 14.73
CA GLN A 434 -6.81 32.29 15.31
C GLN A 434 -6.77 32.41 16.83
N THR A 435 -5.67 31.96 17.44
CA THR A 435 -5.52 32.02 18.89
C THR A 435 -4.96 33.36 19.37
N PHE A 436 -4.54 34.23 18.45
CA PHE A 436 -4.15 35.59 18.78
C PHE A 436 -5.32 36.43 19.27
N LYS A 437 -6.51 36.25 18.71
CA LYS A 437 -7.70 36.94 19.20
C LYS A 437 -8.17 36.37 20.52
N VAL A 438 -8.04 35.04 20.69
CA VAL A 438 -8.42 34.38 21.94
C VAL A 438 -7.54 34.85 23.09
N ALA A 439 -6.23 35.00 22.82
CA ALA A 439 -5.30 35.48 23.85
C ALA A 439 -5.57 36.93 24.20
N HIS A 440 -5.91 37.76 23.21
CA HIS A 440 -6.24 39.15 23.47
C HIS A 440 -7.51 39.26 24.31
N ARG A 441 -8.52 38.45 24.01
CA ARG A 441 -9.76 38.44 24.80
C ARG A 441 -9.51 37.96 26.22
N ASN A 442 -8.66 36.93 26.37
CA ASN A 442 -8.33 36.42 27.69
C ASN A 442 -7.54 37.43 28.51
N PHE A 443 -6.64 38.18 27.87
CA PHE A 443 -5.83 39.14 28.59
C PHE A 443 -6.61 40.41 28.94
N VAL A 444 -7.56 40.83 28.09
CA VAL A 444 -8.40 41.95 28.50
C VAL A 444 -9.49 41.52 29.47
N GLU A 445 -9.79 40.22 29.55
CA GLU A 445 -10.78 39.74 30.51
C GLU A 445 -10.18 39.52 31.88
N MET A 446 -8.91 39.12 31.96
CA MET A 446 -8.27 38.88 33.24
C MET A 446 -7.99 40.16 34.01
N GLY A 447 -7.89 41.29 33.32
CA GLY A 447 -7.67 42.55 33.98
C GLY A 447 -6.26 43.07 33.84
N TYR A 448 -5.60 42.74 32.73
CA TYR A 448 -4.28 43.27 32.46
C TYR A 448 -4.38 44.69 31.94
N SER A 449 -3.24 45.39 31.91
CA SER A 449 -3.17 46.74 31.39
C SER A 449 -3.21 46.71 29.87
N ASP A 450 -3.75 47.79 29.29
CA ASP A 450 -3.77 47.89 27.83
C ASP A 450 -2.38 48.12 27.27
N THR A 451 -1.53 48.86 27.99
CA THR A 451 -0.19 49.19 27.50
C THR A 451 0.69 47.96 27.37
N ASP A 452 0.60 47.04 28.34
CA ASP A 452 1.37 45.80 28.27
C ASP A 452 0.92 44.93 27.09
N ILE A 453 -0.39 44.87 26.85
CA ILE A 453 -0.94 44.09 25.75
C ILE A 453 -0.49 44.67 24.42
N LYS A 454 -0.56 45.99 24.26
CA LYS A 454 -0.11 46.62 23.02
C LYS A 454 1.40 46.48 22.82
N ASN A 455 2.19 46.59 23.90
CA ASN A 455 3.63 46.46 23.77
C ASN A 455 4.06 45.03 23.43
N MET A 456 3.31 44.03 23.90
CA MET A 456 3.61 42.66 23.49
C MET A 456 3.14 42.40 22.07
N GLU A 457 1.97 42.94 21.70
CA GLU A 457 1.37 42.65 20.40
C GLU A 457 2.12 43.35 19.27
N VAL A 458 2.72 44.52 19.52
CA VAL A 458 3.50 45.16 18.48
C VAL A 458 4.78 44.36 18.20
N ILE A 459 5.35 43.71 19.21
CA ILE A 459 6.53 42.87 19.01
C ILE A 459 6.15 41.60 18.26
N ILE A 460 5.01 41.00 18.60
CA ILE A 460 4.56 39.79 17.89
C ILE A 460 4.21 40.11 16.44
N ASN A 461 3.56 41.26 16.20
CA ASN A 461 3.24 41.66 14.83
C ASN A 461 4.48 42.06 14.05
N ALA A 462 5.52 42.55 14.74
CA ALA A 462 6.79 42.82 14.06
C ALA A 462 7.50 41.53 13.68
N LEU A 463 7.46 40.51 14.55
CA LEU A 463 8.04 39.22 14.22
C LEU A 463 7.24 38.47 13.16
N ASP A 464 5.94 38.75 13.05
CA ASP A 464 5.13 38.10 12.03
C ASP A 464 5.50 38.57 10.62
N ASN A 465 5.92 39.83 10.47
CA ASN A 465 6.28 40.35 9.17
C ASN A 465 7.69 39.97 8.73
N LYS A 466 8.52 39.45 9.63
CA LYS A 466 9.86 39.02 9.28
C LYS A 466 9.92 37.58 8.79
N CYS A 467 8.78 36.90 8.71
CA CYS A 467 8.71 35.54 8.21
C CYS A 467 8.35 35.56 6.72
N SER A 468 8.09 34.40 6.16
CA SER A 468 7.81 34.26 4.74
C SER A 468 6.38 33.78 4.53
N THR A 469 5.71 34.36 3.53
CA THR A 469 4.38 33.94 3.12
C THR A 469 4.48 32.97 1.95
N PHE A 470 3.51 32.08 1.87
CA PHE A 470 3.55 30.98 0.91
C PHE A 470 2.13 30.48 0.67
N ASP A 471 1.98 29.69 -0.38
CA ASP A 471 0.72 29.03 -0.69
C ASP A 471 0.73 27.62 -0.12
N ASN A 472 -0.33 27.25 0.58
CA ASN A 472 -0.43 25.93 1.20
C ASN A 472 -0.78 24.91 0.14
N LEU A 473 0.22 24.16 -0.32
CA LEU A 473 0.05 23.13 -1.34
C LEU A 473 0.14 21.73 -0.77
N SER A 474 0.17 21.58 0.55
CA SER A 474 0.25 20.27 1.17
C SER A 474 -1.13 19.62 1.20
N GLU A 475 -1.19 18.38 1.69
CA GLU A 475 -2.45 17.67 1.78
C GLU A 475 -3.34 18.23 2.87
N LYS A 476 -2.76 18.91 3.87
CA LYS A 476 -3.52 19.58 4.91
C LYS A 476 -4.00 20.97 4.52
N LYS A 477 -4.12 21.24 3.20
CA LYS A 477 -4.73 22.48 2.71
C LYS A 477 -6.23 22.51 2.94
N ILE A 478 -6.85 21.34 3.21
CA ILE A 478 -8.30 21.28 3.42
C ILE A 478 -8.72 21.70 4.82
N LEU A 479 -7.76 21.92 5.72
CA LEU A 479 -8.05 22.39 7.07
C LEU A 479 -7.83 23.89 7.13
N LYS A 480 -8.88 24.63 7.49
CA LYS A 480 -8.83 26.07 7.59
C LYS A 480 -9.11 26.50 9.02
N PRO A 481 -8.51 27.59 9.50
CA PRO A 481 -8.77 28.04 10.86
C PRO A 481 -10.16 28.64 10.99
N CYS A 482 -10.73 28.53 12.20
CA CYS A 482 -12.04 29.10 12.50
C CYS A 482 -11.84 30.59 12.75
N LEU A 483 -11.88 31.36 11.66
CA LEU A 483 -11.55 32.79 11.74
C LEU A 483 -12.64 33.58 12.44
N ASN A 484 -13.90 33.34 12.08
CA ASN A 484 -15.01 34.12 12.60
C ASN A 484 -15.76 33.35 13.68
N ASN A 485 -16.07 34.03 14.77
CA ASN A 485 -16.83 33.44 15.86
C ASN A 485 -18.29 33.32 15.47
N LEU A 486 -18.88 32.16 15.72
CA LEU A 486 -20.29 31.95 15.40
C LEU A 486 -21.16 32.71 16.36
N VAL A 487 -22.13 33.45 15.82
CA VAL A 487 -23.08 34.19 16.64
C VAL A 487 -24.20 33.23 17.03
N ILE A 488 -24.29 32.92 18.32
CA ILE A 488 -25.25 31.95 18.83
C ILE A 488 -26.30 32.71 19.63
N ASN A 489 -27.54 32.71 19.13
CA ASN A 489 -28.63 33.43 19.80
C ASN A 489 -29.83 32.51 20.05
N SER A 490 -30.05 31.55 19.17
CA SER A 490 -31.20 30.67 19.24
C SER A 490 -30.77 29.24 18.95
N LYS A 491 -31.69 28.30 19.18
CA LYS A 491 -31.41 26.87 19.06
C LYS A 491 -31.10 26.43 17.63
N ALA A 492 -31.54 27.20 16.63
CA ALA A 492 -31.17 26.90 15.26
C ALA A 492 -29.68 27.09 15.01
N ASP A 493 -29.05 28.02 15.73
CA ASP A 493 -27.60 28.19 15.64
C ASP A 493 -26.86 27.00 16.21
N ILE A 494 -27.33 26.44 17.33
CA ILE A 494 -26.73 25.24 17.89
C ILE A 494 -26.96 24.05 16.97
N ASN A 495 -28.13 23.98 16.34
CA ASN A 495 -28.41 22.90 15.39
C ASN A 495 -27.52 23.01 14.16
N ASP A 496 -27.24 24.24 13.69
CA ASP A 496 -26.33 24.43 12.57
C ASP A 496 -24.90 24.06 12.94
N PHE A 497 -24.48 24.42 14.16
CA PHE A 497 -23.15 24.05 14.65
C PHE A 497 -22.99 22.54 14.75
N ALA A 498 -24.02 21.85 15.27
CA ALA A 498 -23.98 20.41 15.40
C ALA A 498 -24.02 19.72 14.03
N SER A 499 -24.79 20.28 13.09
CA SER A 499 -24.82 19.75 11.73
C SER A 499 -23.47 19.90 11.05
N ARG A 500 -22.78 21.02 11.31
CA ARG A 500 -21.42 21.18 10.80
C ARG A 500 -20.46 20.18 11.43
N LEU A 501 -20.61 19.90 12.74
CA LEU A 501 -19.78 18.89 13.40
C LEU A 501 -19.96 17.52 12.78
N GLY A 502 -21.21 17.07 12.66
CA GLY A 502 -21.49 15.78 12.04
C GLY A 502 -21.22 15.70 10.55
N LYS A 503 -21.20 16.84 9.87
CA LYS A 503 -20.89 16.89 8.45
C LYS A 503 -19.40 16.87 8.19
N GLY A 504 -18.60 17.44 9.09
CA GLY A 504 -17.16 17.36 8.96
C GLY A 504 -16.62 16.03 9.44
N LEU A 505 -17.33 15.39 10.38
CA LEU A 505 -16.93 14.06 10.84
C LEU A 505 -16.98 13.03 9.73
N LEU A 506 -18.04 13.06 8.91
CA LEU A 506 -18.15 12.12 7.80
C LEU A 506 -17.13 12.41 6.71
N THR A 507 -16.80 13.68 6.48
CA THR A 507 -15.78 14.05 5.50
C THR A 507 -14.41 13.54 5.91
N ILE A 508 -14.07 13.73 7.21
CA ILE A 508 -12.80 13.24 7.75
C ILE A 508 -12.75 11.71 7.70
N SER A 509 -13.88 11.06 7.99
CA SER A 509 -13.97 9.61 7.96
C SER A 509 -13.77 9.05 6.55
N ASP A 510 -14.43 9.66 5.56
CA ASP A 510 -14.32 9.19 4.18
C ASP A 510 -12.92 9.43 3.62
N GLU A 511 -12.31 10.57 3.97
CA GLU A 511 -10.97 10.84 3.46
C GLU A 511 -9.92 9.99 4.17
N TRP A 512 -10.22 9.51 5.39
CA TRP A 512 -9.41 8.46 5.99
C TRP A 512 -9.61 7.12 5.28
N LYS A 513 -10.86 6.81 4.91
CA LYS A 513 -11.17 5.55 4.23
C LYS A 513 -10.50 5.46 2.87
N ARG A 514 -10.31 6.60 2.20
CA ARG A 514 -9.72 6.59 0.86
C ARG A 514 -8.27 6.10 0.87
N LYS A 515 -7.48 6.51 1.86
CA LYS A 515 -6.05 6.24 1.83
C LYS A 515 -5.63 5.00 2.60
N TYR A 516 -6.50 4.44 3.45
CA TYR A 516 -6.25 3.16 4.11
C TYR A 516 -7.50 2.29 4.02
N LYS A 517 -7.58 1.49 2.96
CA LYS A 517 -8.65 0.51 2.80
C LYS A 517 -8.29 -0.76 3.57
N ASN A 518 -9.33 -1.49 3.98
CA ASN A 518 -9.26 -2.70 4.80
C ASN A 518 -8.48 -2.44 6.09
N LYS A 519 -8.97 -1.43 6.81
CA LYS A 519 -8.40 -1.01 8.08
C LYS A 519 -9.54 -0.46 8.92
N ARG A 520 -9.19 0.32 9.94
CA ARG A 520 -10.20 0.93 10.79
C ARG A 520 -10.98 2.01 10.04
N ILE A 521 -12.26 2.13 10.40
CA ILE A 521 -13.17 3.02 9.68
C ILE A 521 -12.90 4.48 10.03
N PHE A 522 -12.56 4.77 11.28
CA PHE A 522 -12.37 6.14 11.72
C PHE A 522 -10.92 6.37 12.15
N PRO A 523 -10.40 7.59 11.97
CA PRO A 523 -9.07 7.92 12.49
C PRO A 523 -9.11 8.47 13.91
N VAL A 524 -8.18 7.98 14.74
CA VAL A 524 -8.19 8.27 16.17
C VAL A 524 -6.82 8.72 16.66
N HIS A 525 -6.69 8.89 17.97
CA HIS A 525 -5.44 9.23 18.64
C HIS A 525 -4.44 8.08 18.54
N TYR A 526 -3.18 8.38 18.85
CA TYR A 526 -2.16 7.34 18.87
C TYR A 526 -2.23 6.47 20.11
N TYR A 527 -2.98 6.88 21.14
CA TYR A 527 -3.20 6.04 22.30
C TYR A 527 -4.13 4.87 22.03
N GLY A 528 -4.88 4.91 20.93
CA GLY A 528 -5.81 3.85 20.62
C GLY A 528 -5.79 3.43 19.17
N LEU A 529 -4.61 3.44 18.55
CA LEU A 529 -4.48 2.93 17.19
C LEU A 529 -4.72 1.42 17.15
N LYS A 530 -4.22 0.69 18.15
CA LYS A 530 -4.46 -0.74 18.24
C LYS A 530 -5.81 -1.07 18.86
N ILE A 531 -6.37 -0.17 19.66
CA ILE A 531 -7.67 -0.40 20.29
C ILE A 531 -8.78 -0.12 19.29
N ASN A 532 -9.65 -1.09 19.08
CA ASN A 532 -10.83 -0.92 18.24
C ASN A 532 -12.10 -1.33 18.98
N GLN A 533 -12.08 -1.25 20.31
CA GLN A 533 -13.21 -1.67 21.13
C GLN A 533 -13.50 -0.60 22.17
N GLY A 534 -14.78 -0.49 22.55
CA GLY A 534 -15.18 0.36 23.64
C GLY A 534 -15.61 1.75 23.22
N ILE A 535 -15.83 2.61 24.22
CA ILE A 535 -16.18 4.00 23.96
C ILE A 535 -14.96 4.81 23.52
N ALA A 536 -13.81 4.59 24.16
CA ALA A 536 -12.73 5.56 24.12
C ALA A 536 -12.04 5.63 22.76
N PHE A 537 -11.79 4.49 22.11
CA PHE A 537 -10.94 4.53 20.92
C PHE A 537 -11.46 3.66 19.77
N SER A 538 -12.75 3.36 19.71
CA SER A 538 -13.26 2.46 18.68
C SER A 538 -13.93 3.24 17.56
N ASP A 539 -14.54 2.51 16.63
CA ASP A 539 -15.34 3.05 15.55
C ASP A 539 -16.83 3.01 15.84
N LEU A 540 -17.28 2.01 16.60
CA LEU A 540 -18.69 1.89 16.95
C LEU A 540 -19.15 3.02 17.84
N GLY A 541 -18.26 3.51 18.70
CA GLY A 541 -18.59 4.66 19.54
C GLY A 541 -18.80 5.93 18.74
N ILE A 542 -17.97 6.14 17.71
CA ILE A 542 -18.13 7.32 16.87
C ILE A 542 -19.39 7.19 16.01
N LEU A 543 -19.74 5.96 15.60
CA LEU A 543 -21.03 5.74 14.96
C LEU A 543 -22.19 6.02 15.92
N LEU A 544 -22.02 5.69 17.19
CA LEU A 544 -23.03 6.01 18.20
C LEU A 544 -23.16 7.52 18.40
N SER A 545 -22.04 8.24 18.37
CA SER A 545 -22.07 9.69 18.46
C SER A 545 -22.78 10.31 17.27
N TYR A 546 -22.54 9.77 16.07
CA TYR A 546 -23.23 10.25 14.88
C TYR A 546 -24.73 9.96 14.94
N LYS A 547 -25.10 8.78 15.47
CA LYS A 547 -26.52 8.44 15.62
C LYS A 547 -27.21 9.36 16.61
N LYS A 548 -26.57 9.63 17.74
CA LYS A 548 -27.15 10.55 18.73
C LYS A 548 -27.19 11.98 18.23
N LEU A 549 -26.26 12.37 17.35
CA LEU A 549 -26.32 13.68 16.74
C LEU A 549 -27.48 13.78 15.73
N ILE A 550 -27.69 12.72 14.95
CA ILE A 550 -28.80 12.69 14.01
C ILE A 550 -30.14 12.73 14.74
N ASP A 551 -30.22 12.00 15.87
CA ASP A 551 -31.40 12.09 16.73
C ASP A 551 -31.54 13.46 17.39
N LEU A 552 -30.43 14.16 17.63
CA LEU A 552 -30.50 15.52 18.18
C LEU A 552 -31.07 16.51 17.16
N LEU A 553 -30.64 16.42 15.91
CA LEU A 553 -31.08 17.33 14.86
C LEU A 553 -32.43 16.93 14.27
N SER A 554 -32.95 15.76 14.64
CA SER A 554 -34.19 15.17 14.09
C SER A 554 -34.12 14.99 12.57
N ASP A 555 -32.92 14.74 12.04
CA ASP A 555 -32.72 14.50 10.63
C ASP A 555 -32.67 12.99 10.38
N LYS A 556 -32.28 12.62 9.16
CA LYS A 556 -32.08 11.22 8.81
C LYS A 556 -30.60 10.98 8.48
N VAL A 557 -30.17 9.74 8.63
CA VAL A 557 -28.79 9.38 8.30
C VAL A 557 -28.63 9.35 6.79
N ASP A 558 -27.44 9.75 6.32
CA ASP A 558 -27.26 10.24 4.96
C ASP A 558 -27.47 9.20 3.85
N ASN A 559 -26.54 8.26 3.68
CA ASN A 559 -26.70 7.30 2.60
C ASN A 559 -26.42 5.86 3.01
N SER A 560 -25.38 5.66 3.83
CA SER A 560 -24.84 4.32 4.06
C SER A 560 -24.45 4.10 5.52
N TYR A 561 -25.09 4.82 6.44
CA TYR A 561 -24.81 4.65 7.86
C TYR A 561 -25.19 3.26 8.34
N GLU A 562 -26.29 2.71 7.80
CA GLU A 562 -26.73 1.37 8.18
C GLU A 562 -25.72 0.32 7.75
N GLU A 563 -25.20 0.43 6.52
CA GLU A 563 -24.22 -0.53 6.03
C GLU A 563 -22.89 -0.40 6.77
N ILE A 564 -22.45 0.83 7.02
CA ILE A 564 -21.20 1.06 7.76
C ILE A 564 -21.32 0.53 9.19
N LYS A 565 -22.46 0.79 9.83
CA LYS A 565 -22.72 0.31 11.19
C LYS A 565 -22.78 -1.21 11.25
N ASN A 566 -23.43 -1.84 10.27
CA ASN A 566 -23.54 -3.30 10.26
C ASN A 566 -22.19 -3.96 10.01
N LEU A 567 -21.40 -3.41 9.08
CA LEU A 567 -20.07 -3.96 8.81
C LEU A 567 -19.14 -3.77 10.01
N ALA A 568 -19.23 -2.62 10.68
CA ALA A 568 -18.42 -2.38 11.87
C ALA A 568 -18.83 -3.28 13.01
N ILE A 569 -20.13 -3.56 13.14
CA ILE A 569 -20.63 -4.44 14.19
C ILE A 569 -20.15 -5.87 13.96
N GLN A 570 -20.23 -6.35 12.71
CA GLN A 570 -19.74 -7.69 12.41
C GLN A 570 -18.23 -7.82 12.55
N THR A 571 -17.48 -6.77 12.19
CA THR A 571 -16.04 -6.76 12.41
C THR A 571 -15.70 -6.77 13.89
N ALA A 572 -16.45 -6.01 14.71
CA ALA A 572 -16.24 -6.03 16.15
C ALA A 572 -16.57 -7.38 16.74
N ILE A 573 -17.61 -8.06 16.22
CA ILE A 573 -17.92 -9.42 16.63
C ILE A 573 -16.76 -10.36 16.31
N ALA A 574 -16.21 -10.23 15.11
CA ALA A 574 -15.10 -11.07 14.69
C ALA A 574 -13.78 -10.73 15.39
N LYS A 575 -13.67 -9.58 16.07
CA LYS A 575 -12.41 -9.21 16.71
C LYS A 575 -12.52 -9.14 18.23
N PHE A 576 -13.35 -9.99 18.86
CA PHE A 576 -13.28 -10.15 20.30
C PHE A 576 -12.01 -10.87 20.75
N ARG A 577 -11.54 -10.46 21.93
CA ARG A 577 -10.49 -11.12 22.68
C ARG A 577 -10.83 -10.94 24.15
N ASP A 578 -10.64 -12.00 24.94
CA ASP A 578 -11.09 -12.00 26.33
C ASP A 578 -10.14 -11.30 27.29
N ASP A 579 -9.00 -10.78 26.78
CA ASP A 579 -8.02 -10.13 27.64
C ASP A 579 -8.34 -8.67 27.91
N SER A 580 -9.45 -8.13 27.38
CA SER A 580 -9.82 -6.73 27.54
C SER A 580 -11.21 -6.66 28.16
N PRO A 581 -11.32 -6.80 29.48
CA PRO A 581 -12.63 -6.73 30.16
C PRO A 581 -12.96 -5.34 30.70
N GLY A 582 -12.93 -4.33 29.83
CA GLY A 582 -13.24 -2.97 30.23
C GLY A 582 -14.06 -2.29 29.16
N LEU A 583 -14.88 -1.31 29.59
CA LEU A 583 -15.80 -0.73 28.64
C LEU A 583 -15.17 0.37 27.80
N LEU A 584 -13.99 0.87 28.15
CA LEU A 584 -13.31 1.82 27.30
C LEU A 584 -12.23 1.19 26.44
N ASP A 585 -12.02 -0.13 26.53
CA ASP A 585 -11.03 -0.77 25.66
C ASP A 585 -11.38 -2.18 25.21
N GLY A 586 -12.56 -2.71 25.53
CA GLY A 586 -12.85 -4.12 25.31
C GLY A 586 -14.30 -4.44 25.01
N MET A 587 -14.71 -5.64 25.43
CA MET A 587 -16.03 -6.16 25.08
C MET A 587 -17.15 -5.39 25.75
N SER A 588 -16.92 -4.93 26.98
CA SER A 588 -17.98 -4.36 27.81
C SER A 588 -18.53 -3.05 27.26
N GLY A 589 -17.75 -2.35 26.44
CA GLY A 589 -18.23 -1.12 25.84
C GLY A 589 -18.80 -1.37 24.47
N THR A 590 -18.28 -2.39 23.78
CA THR A 590 -18.84 -2.78 22.49
C THR A 590 -20.25 -3.30 22.64
N ILE A 591 -20.52 -4.06 23.70
CA ILE A 591 -21.88 -4.53 23.99
C ILE A 591 -22.80 -3.36 24.31
N TRP A 592 -22.32 -2.38 25.09
CA TRP A 592 -23.14 -1.23 25.46
C TRP A 592 -23.45 -0.35 24.25
N ILE A 593 -22.46 -0.16 23.37
CA ILE A 593 -22.69 0.63 22.16
C ILE A 593 -23.64 -0.09 21.21
N ILE A 594 -23.48 -1.41 21.07
CA ILE A 594 -24.35 -2.21 20.22
C ILE A 594 -25.80 -2.19 20.73
N HIS A 595 -25.97 -2.17 22.06
CA HIS A 595 -27.29 -1.92 22.62
C HIS A 595 -27.77 -0.51 22.30
N GLU A 596 -26.87 0.47 22.37
CA GLU A 596 -27.27 1.85 22.12
C GLU A 596 -27.38 2.17 20.63
N LEU A 597 -26.83 1.32 19.75
CA LEU A 597 -26.93 1.57 18.32
C LEU A 597 -28.27 1.18 17.73
N GLY A 598 -29.09 0.41 18.45
CA GLY A 598 -30.41 0.09 17.97
C GLY A 598 -30.90 -1.32 18.20
N GLU A 599 -30.02 -2.31 18.25
CA GLU A 599 -30.46 -3.69 18.53
C GLU A 599 -30.12 -4.01 19.97
N LYS A 600 -31.13 -4.50 20.69
CA LYS A 600 -30.96 -4.78 22.11
C LYS A 600 -30.69 -6.25 22.37
N GLN A 601 -31.55 -7.14 21.85
CA GLN A 601 -31.53 -8.56 22.17
C GLN A 601 -30.21 -9.22 21.75
N LEU A 602 -29.56 -8.69 20.71
CA LEU A 602 -28.20 -9.09 20.40
C LEU A 602 -27.25 -8.76 21.54
N ALA A 603 -27.40 -7.57 22.16
CA ALA A 603 -26.50 -7.20 23.24
C ALA A 603 -26.75 -8.00 24.51
N ILE A 604 -28.01 -8.35 24.82
CA ILE A 604 -28.26 -9.28 25.91
C ILE A 604 -27.67 -10.67 25.60
N ASP A 605 -27.71 -11.09 24.33
CA ASP A 605 -27.14 -12.38 23.95
C ASP A 605 -25.62 -12.43 24.14
N LEU A 606 -24.91 -11.40 23.65
CA LEU A 606 -23.47 -11.29 23.91
C LEU A 606 -23.15 -11.15 25.39
N PHE A 607 -23.98 -10.42 26.15
CA PHE A 607 -23.68 -10.23 27.56
C PHE A 607 -23.84 -11.52 28.35
N ARG A 608 -24.92 -12.26 28.11
CA ARG A 608 -25.11 -13.55 28.77
C ARG A 608 -24.13 -14.60 28.24
N LYS A 609 -23.55 -14.40 27.06
CA LYS A 609 -22.53 -15.34 26.59
C LYS A 609 -21.17 -15.06 27.22
N TYR A 610 -20.81 -13.78 27.42
CA TYR A 610 -19.43 -13.44 27.76
C TYR A 610 -19.21 -12.91 29.17
N TYR A 611 -20.28 -12.64 29.93
CA TYR A 611 -20.16 -11.99 31.24
C TYR A 611 -19.39 -12.84 32.25
N SER A 612 -19.74 -14.12 32.36
CA SER A 612 -19.18 -14.99 33.39
C SER A 612 -17.71 -15.27 33.15
N GLU A 613 -17.25 -15.18 31.90
CA GLU A 613 -15.84 -15.37 31.63
C GLU A 613 -15.05 -14.07 31.64
N MET A 614 -15.66 -12.94 31.27
CA MET A 614 -14.88 -11.70 31.25
C MET A 614 -14.83 -11.02 32.60
N LEU A 615 -15.76 -11.29 33.51
CA LEU A 615 -15.60 -10.76 34.86
C LEU A 615 -14.55 -11.55 35.63
N ARG A 616 -14.41 -12.84 35.34
CA ARG A 616 -13.41 -13.65 36.04
C ARG A 616 -12.03 -13.45 35.45
N LYS A 617 -11.91 -13.43 34.12
CA LYS A 617 -10.61 -13.22 33.48
C LYS A 617 -10.34 -11.72 33.37
N SER A 618 -9.97 -11.14 34.51
CA SER A 618 -9.78 -9.69 34.60
C SER A 618 -8.66 -9.39 35.58
N SER A 619 -7.59 -8.80 35.09
CA SER A 619 -6.48 -8.37 35.95
C SER A 619 -6.65 -6.94 36.45
N GLU A 620 -7.06 -6.02 35.58
CA GLU A 620 -7.36 -4.67 35.98
C GLU A 620 -8.72 -4.62 36.68
N LYS A 621 -8.89 -3.60 37.50
CA LYS A 621 -10.12 -3.43 38.28
C LYS A 621 -10.52 -1.95 38.40
N ASN A 622 -10.17 -1.18 37.37
CA ASN A 622 -10.53 0.23 37.26
C ASN A 622 -11.86 0.35 36.51
N ILE A 623 -12.17 1.56 36.06
CA ILE A 623 -13.27 1.78 35.11
C ILE A 623 -12.79 1.57 33.69
N TYR A 624 -11.59 2.06 33.37
CA TYR A 624 -11.08 2.08 32.00
C TYR A 624 -10.87 0.67 31.45
N SER A 625 -10.42 -0.26 32.30
CA SER A 625 -10.12 -1.62 31.86
C SER A 625 -10.69 -2.72 32.74
N GLY A 626 -11.28 -2.38 33.89
CA GLY A 626 -11.55 -3.38 34.91
C GLY A 626 -13.00 -3.77 35.03
N THR A 627 -13.29 -4.46 36.14
CA THR A 627 -14.60 -5.08 36.38
C THR A 627 -15.67 -4.07 36.74
N ALA A 628 -15.30 -2.87 37.17
CA ALA A 628 -16.30 -1.85 37.50
C ALA A 628 -17.07 -1.40 36.27
N GLY A 629 -16.41 -1.37 35.11
CA GLY A 629 -17.12 -1.10 33.87
C GLY A 629 -18.06 -2.21 33.47
N ILE A 630 -17.66 -3.46 33.72
CA ILE A 630 -18.53 -4.60 33.46
C ILE A 630 -19.76 -4.53 34.36
N LEU A 631 -19.58 -4.12 35.61
CA LEU A 631 -20.72 -3.98 36.51
C LEU A 631 -21.61 -2.80 36.12
N LEU A 632 -21.03 -1.71 35.59
CA LEU A 632 -21.84 -0.61 35.06
C LEU A 632 -22.67 -1.05 33.87
N VAL A 633 -22.06 -1.75 32.91
CA VAL A 633 -22.82 -2.16 31.73
C VAL A 633 -23.71 -3.36 32.00
N GLY A 634 -23.58 -4.00 33.16
CA GLY A 634 -24.56 -4.97 33.58
C GLY A 634 -25.73 -4.31 34.28
N LEU A 635 -25.43 -3.29 35.09
CA LEU A 635 -26.45 -2.53 35.79
C LEU A 635 -27.35 -1.78 34.82
N TYR A 636 -26.75 -1.23 33.76
CA TYR A 636 -27.54 -0.55 32.73
C TYR A 636 -28.45 -1.53 32.00
N LEU A 637 -27.94 -2.72 31.70
CA LEU A 637 -28.73 -3.72 30.98
C LEU A 637 -29.85 -4.29 31.83
N ILE A 638 -29.64 -4.43 33.15
CA ILE A 638 -30.73 -4.90 34.01
C ILE A 638 -31.66 -3.77 34.44
N SER A 639 -31.26 -2.52 34.28
CA SER A 639 -32.18 -1.42 34.54
C SER A 639 -33.09 -1.14 33.34
N GLN A 640 -32.54 -1.17 32.13
CA GLN A 640 -33.37 -0.98 30.94
C GLN A 640 -34.19 -2.20 30.59
N HIS A 641 -33.77 -3.38 31.03
CA HIS A 641 -34.51 -4.64 30.80
C HIS A 641 -34.59 -5.36 32.14
N ASN A 642 -35.78 -5.39 32.73
CA ASN A 642 -35.92 -5.96 34.07
C ASN A 642 -36.07 -7.48 34.06
N ASP A 643 -36.29 -8.09 32.91
CA ASP A 643 -36.57 -9.53 32.82
C ASP A 643 -35.48 -10.19 31.99
N LEU A 644 -34.44 -10.70 32.66
CA LEU A 644 -33.42 -11.52 32.03
C LEU A 644 -32.80 -12.41 33.10
N SER A 645 -32.17 -13.50 32.65
CA SER A 645 -31.74 -14.55 33.56
C SER A 645 -30.50 -14.18 34.36
N ILE A 646 -29.64 -13.30 33.82
CA ILE A 646 -28.37 -12.97 34.46
C ILE A 646 -28.51 -11.75 35.39
N LYS A 647 -29.74 -11.37 35.73
CA LYS A 647 -29.99 -10.20 36.57
C LYS A 647 -29.46 -10.39 38.00
N GLU A 648 -29.64 -11.59 38.56
CA GLU A 648 -29.18 -11.83 39.92
C GLU A 648 -27.66 -11.95 40.00
N LEU A 649 -27.03 -12.45 38.94
CA LEU A 649 -25.58 -12.62 38.89
C LEU A 649 -24.84 -11.30 38.85
N ILE A 650 -25.49 -10.22 38.43
CA ILE A 650 -24.88 -8.89 38.42
C ILE A 650 -25.03 -8.21 39.77
N ILE A 651 -26.22 -8.37 40.39
CA ILE A 651 -26.47 -7.84 41.73
C ILE A 651 -25.55 -8.50 42.76
N SER A 652 -25.38 -9.83 42.67
CA SER A 652 -24.51 -10.52 43.61
C SER A 652 -23.04 -10.16 43.40
N ASP A 653 -22.63 -9.97 42.14
CA ASP A 653 -21.27 -9.55 41.84
C ASP A 653 -20.99 -8.15 42.36
N MET A 654 -21.93 -7.21 42.22
CA MET A 654 -21.74 -5.88 42.79
C MET A 654 -21.77 -5.90 44.31
N ASN A 655 -22.57 -6.80 44.91
CA ASN A 655 -22.60 -6.92 46.36
C ASN A 655 -21.26 -7.41 46.90
N LEU A 656 -20.66 -8.42 46.26
CA LEU A 656 -19.35 -8.87 46.70
C LEU A 656 -18.25 -7.85 46.37
N PHE A 657 -18.41 -7.11 45.28
CA PHE A 657 -17.48 -6.05 44.90
C PHE A 657 -17.53 -4.86 45.87
N ALA A 658 -18.69 -4.59 46.46
CA ALA A 658 -18.82 -3.53 47.46
C ALA A 658 -18.37 -4.02 48.82
N ASP A 659 -18.56 -5.31 49.10
CA ASP A 659 -18.04 -5.90 50.33
C ASP A 659 -16.52 -5.89 50.34
N ASN A 660 -15.90 -6.16 49.18
CA ASN A 660 -14.45 -6.08 49.08
C ASN A 660 -13.96 -4.63 49.17
N TYR A 661 -14.77 -3.67 48.73
CA TYR A 661 -14.42 -2.26 48.88
C TYR A 661 -14.49 -1.83 50.34
N LEU A 662 -15.50 -2.31 51.07
CA LEU A 662 -15.57 -2.05 52.50
C LEU A 662 -14.46 -2.75 53.26
N PHE A 663 -13.98 -3.90 52.76
CA PHE A 663 -12.89 -4.61 53.41
C PHE A 663 -11.58 -3.85 53.30
N ASN A 664 -11.25 -3.35 52.10
CA ASN A 664 -10.02 -2.61 51.89
C ASN A 664 -10.16 -1.65 50.72
N PRO A 665 -10.12 -0.33 50.95
CA PRO A 665 -10.23 0.61 49.83
C PRO A 665 -8.95 0.76 49.04
N SER A 666 -7.80 0.59 49.70
CA SER A 666 -6.51 0.74 49.05
C SER A 666 -6.11 -0.48 48.24
N ASP A 667 -6.85 -1.56 48.31
CA ASP A 667 -6.51 -2.78 47.57
C ASP A 667 -6.91 -2.72 46.10
N PHE A 668 -7.69 -1.72 45.69
CA PHE A 668 -8.13 -1.63 44.31
C PHE A 668 -7.32 -0.63 43.51
N CYS A 669 -7.12 0.57 44.04
CA CYS A 669 -6.34 1.61 43.36
C CYS A 669 -5.38 2.22 44.39
N LYS A 670 -4.62 3.22 43.94
CA LYS A 670 -3.62 3.86 44.78
C LYS A 670 -4.24 5.03 45.53
N VAL A 671 -4.23 4.96 46.86
CA VAL A 671 -4.78 6.02 47.70
C VAL A 671 -3.59 6.89 48.12
N GLY A 672 -3.41 8.01 47.43
CA GLY A 672 -2.32 8.91 47.73
C GLY A 672 -1.85 9.58 46.44
N VAL A 673 -0.74 10.32 46.59
CA VAL A 673 -0.18 11.06 45.47
C VAL A 673 0.45 10.07 44.48
N GLY A 674 0.32 10.37 43.18
CA GLY A 674 0.85 9.53 42.14
C GLY A 674 2.34 9.72 41.95
N ASP A 675 2.90 8.90 41.07
CA ASP A 675 4.32 8.93 40.76
C ASP A 675 4.62 9.25 39.31
N THR A 676 3.83 8.73 38.37
CA THR A 676 4.07 8.96 36.95
C THR A 676 3.68 10.38 36.56
N ASN A 677 4.28 10.85 35.47
CA ASN A 677 4.03 12.18 34.91
C ASN A 677 3.81 12.07 33.41
N SER A 678 2.98 11.11 33.00
CA SER A 678 2.70 10.88 31.59
C SER A 678 1.19 10.87 31.36
N ASN A 679 0.80 11.11 30.12
CA ASN A 679 -0.59 11.17 29.72
C ASN A 679 -1.13 9.81 29.30
N ASP A 680 -0.33 8.76 29.41
CA ASP A 680 -0.71 7.39 29.06
C ASP A 680 -1.86 6.92 29.94
N PRO A 681 -2.95 6.39 29.37
CA PRO A 681 -4.04 5.84 30.20
C PRO A 681 -3.62 4.67 31.08
N TYR A 682 -2.69 3.83 30.63
CA TYR A 682 -2.20 2.75 31.46
C TYR A 682 -1.24 3.21 32.55
N GLU A 683 -0.65 4.40 32.40
CA GLU A 683 0.22 4.95 33.42
C GLU A 683 -0.53 5.86 34.39
N ALA A 684 -1.83 6.05 34.20
CA ALA A 684 -2.66 6.87 35.08
C ALA A 684 -3.36 5.99 36.11
N ASP A 685 -3.43 6.48 37.35
CA ASP A 685 -3.93 5.65 38.44
C ASP A 685 -4.91 6.37 39.36
N SER A 686 -5.50 7.48 38.92
CA SER A 686 -6.49 8.18 39.73
C SER A 686 -7.42 8.95 38.81
N GLY A 687 -8.56 9.34 39.37
CA GLY A 687 -9.56 10.09 38.63
C GLY A 687 -10.82 9.29 38.37
N LEU A 688 -11.58 9.75 37.39
CA LEU A 688 -12.86 9.11 37.06
C LEU A 688 -12.64 7.77 36.40
N LEU A 689 -11.98 7.75 35.25
CA LEU A 689 -11.82 6.49 34.52
C LEU A 689 -10.70 5.61 35.07
N PHE A 690 -9.89 6.10 36.01
CA PHE A 690 -8.71 5.37 36.43
C PHE A 690 -8.56 5.20 37.94
N GLY A 691 -9.47 5.74 38.74
CA GLY A 691 -9.33 5.74 40.18
C GLY A 691 -10.62 5.46 40.90
N HIS A 692 -10.71 5.95 42.14
CA HIS A 692 -11.86 5.69 43.00
C HIS A 692 -13.09 6.52 42.64
N THR A 693 -12.95 7.53 41.79
CA THR A 693 -14.09 8.35 41.41
C THR A 693 -15.09 7.57 40.56
N GLY A 694 -14.60 6.77 39.61
CA GLY A 694 -15.50 5.91 38.87
C GLY A 694 -16.02 4.73 39.65
N ILE A 695 -15.28 4.29 40.67
CA ILE A 695 -15.79 3.30 41.61
C ILE A 695 -16.97 3.88 42.38
N GLY A 696 -16.84 5.13 42.82
CA GLY A 696 -17.96 5.83 43.42
C GLY A 696 -19.09 6.09 42.45
N TRP A 697 -18.78 6.27 41.16
CA TRP A 697 -19.81 6.43 40.14
C TRP A 697 -20.63 5.16 39.98
N LEU A 698 -19.96 4.01 39.90
CA LEU A 698 -20.65 2.72 39.83
C LEU A 698 -21.47 2.47 41.09
N PHE A 699 -20.92 2.83 42.25
CA PHE A 699 -21.65 2.62 43.50
C PHE A 699 -22.82 3.59 43.65
N GLY A 700 -22.70 4.80 43.10
CA GLY A 700 -23.83 5.72 43.09
C GLY A 700 -24.95 5.25 42.19
N GLU A 701 -24.61 4.69 41.03
CA GLU A 701 -25.65 4.09 40.18
C GLU A 701 -26.24 2.85 40.82
N ALA A 702 -25.44 2.09 41.58
CA ALA A 702 -25.94 0.94 42.31
C ALA A 702 -26.87 1.37 43.44
N TYR A 703 -26.63 2.54 44.03
CA TYR A 703 -27.57 3.06 45.01
C TYR A 703 -28.82 3.62 44.34
N ARG A 704 -28.69 4.13 43.12
CA ARG A 704 -29.87 4.58 42.38
C ARG A 704 -30.76 3.43 41.93
N TYR A 705 -30.18 2.25 41.71
CA TYR A 705 -30.97 1.09 41.32
C TYR A 705 -31.40 0.24 42.52
N THR A 706 -30.44 -0.28 43.28
CA THR A 706 -30.73 -1.23 44.35
C THR A 706 -31.31 -0.54 45.59
N LYS A 707 -30.85 0.69 45.86
CA LYS A 707 -31.17 1.47 47.07
C LYS A 707 -30.80 0.73 48.36
N ASN A 708 -29.60 0.16 48.39
CA ASN A 708 -29.03 -0.42 49.61
C ASN A 708 -28.03 0.54 50.21
N SER A 709 -28.01 0.62 51.55
CA SER A 709 -27.16 1.59 52.23
C SER A 709 -25.67 1.24 52.16
N LYS A 710 -25.35 -0.02 51.85
CA LYS A 710 -23.95 -0.42 51.68
C LYS A 710 -23.30 0.27 50.49
N PHE A 711 -24.03 0.44 49.38
CA PHE A 711 -23.54 1.19 48.24
C PHE A 711 -23.30 2.66 48.56
N LEU A 712 -24.17 3.29 49.36
CA LEU A 712 -23.97 4.65 49.82
C LEU A 712 -22.75 4.78 50.73
N LYS A 713 -22.55 3.80 51.63
CA LYS A 713 -21.36 3.80 52.48
C LYS A 713 -20.09 3.63 51.66
N CYS A 714 -20.13 2.79 50.62
CA CYS A 714 -18.98 2.61 49.75
C CYS A 714 -18.71 3.86 48.91
N LEU A 715 -19.77 4.57 48.48
CA LEU A 715 -19.60 5.84 47.78
C LEU A 715 -18.99 6.90 48.68
N ASN A 716 -19.42 6.95 49.94
CA ASN A 716 -18.83 7.88 50.89
C ASN A 716 -17.38 7.54 51.20
N LEU A 717 -17.04 6.24 51.19
CA LEU A 717 -15.65 5.84 51.34
C LEU A 717 -14.82 6.23 50.11
N ALA A 718 -15.39 6.07 48.92
CA ALA A 718 -14.70 6.43 47.68
C ALA A 718 -14.46 7.93 47.55
N ILE A 719 -15.38 8.75 48.08
CA ILE A 719 -15.19 10.21 48.07
C ILE A 719 -13.94 10.59 48.88
N GLU A 720 -13.81 10.05 50.08
CA GLU A 720 -12.64 10.36 50.91
C GLU A 720 -11.37 9.71 50.37
N SER A 721 -11.47 8.51 49.81
CA SER A 721 -10.32 7.85 49.21
C SER A 721 -9.80 8.59 47.99
N GLU A 722 -10.67 9.26 47.23
CA GLU A 722 -10.21 10.16 46.20
C GLU A 722 -9.66 11.46 46.78
N LEU A 723 -10.34 12.03 47.77
CA LEU A 723 -9.99 13.35 48.29
C LEU A 723 -8.75 13.34 49.18
N VAL A 724 -8.19 12.17 49.48
CA VAL A 724 -6.89 12.10 50.14
C VAL A 724 -5.82 12.78 49.29
N ALA A 725 -5.83 12.51 47.98
CA ALA A 725 -4.79 12.99 47.08
C ALA A 725 -5.12 14.34 46.44
N TYR A 726 -5.90 15.18 47.12
CA TYR A 726 -6.28 16.50 46.62
C TYR A 726 -5.75 17.55 47.59
N GLU A 727 -4.89 18.43 47.10
CA GLU A 727 -4.35 19.51 47.91
C GLU A 727 -4.95 20.84 47.46
N LYS A 728 -4.94 21.80 48.39
CA LYS A 728 -5.38 23.16 48.10
C LYS A 728 -4.21 23.94 47.51
N ASP A 729 -4.40 25.24 47.34
CA ASP A 729 -3.32 26.13 46.92
C ASP A 729 -3.57 27.50 47.54
N ASP A 730 -2.90 28.53 47.03
CA ASP A 730 -3.10 29.89 47.52
C ASP A 730 -4.38 30.51 47.03
N PHE A 731 -5.09 29.88 46.08
CA PHE A 731 -6.27 30.46 45.47
C PHE A 731 -7.48 29.55 45.60
N ASP A 732 -7.43 28.60 46.54
CA ASP A 732 -8.53 27.68 46.89
C ASP A 732 -8.99 26.84 45.71
N ARG A 733 -8.06 26.31 44.93
CA ARG A 733 -8.39 25.46 43.80
C ARG A 733 -8.03 24.02 44.14
N LEU A 734 -9.02 23.14 44.13
CA LEU A 734 -8.85 21.74 44.53
C LEU A 734 -8.49 20.91 43.31
N GLN A 735 -7.21 20.57 43.18
CA GLN A 735 -6.71 19.81 42.04
C GLN A 735 -6.00 18.56 42.53
N TYR A 736 -6.11 17.49 41.76
CA TYR A 736 -5.44 16.24 42.10
C TYR A 736 -3.94 16.37 41.87
N ASN A 737 -3.15 15.93 42.84
CA ASN A 737 -1.71 16.02 42.77
C ASN A 737 -1.15 14.74 42.14
N GLN A 738 -0.57 14.86 40.95
CA GLN A 738 0.08 13.74 40.31
C GLN A 738 1.52 13.55 40.76
N GLY A 739 2.07 14.51 41.51
CA GLY A 739 3.45 14.41 41.96
C GLY A 739 4.28 15.57 41.47
N LYS A 740 4.06 15.99 40.23
CA LYS A 740 4.73 17.13 39.64
C LYS A 740 3.76 18.16 39.07
N ARG A 741 2.60 17.73 38.59
CA ARG A 741 1.61 18.61 38.00
C ARG A 741 0.26 18.39 38.67
N LEU A 742 -0.59 19.41 38.61
CA LEU A 742 -1.94 19.36 39.17
C LEU A 742 -2.94 19.16 38.04
N LEU A 743 -3.84 18.19 38.21
CA LEU A 743 -4.75 17.79 37.14
C LEU A 743 -6.19 18.16 37.50
N PRO A 744 -6.83 19.06 36.75
CA PRO A 744 -8.27 19.31 36.93
C PRO A 744 -9.19 18.59 35.96
N TYR A 745 -8.67 17.70 35.11
CA TYR A 745 -9.41 17.21 33.95
C TYR A 745 -10.49 16.20 34.36
N LEU A 746 -11.16 15.64 33.35
CA LEU A 746 -12.27 14.72 33.64
C LEU A 746 -11.76 13.32 33.98
N SER A 747 -10.85 12.79 33.16
CA SER A 747 -10.41 11.41 33.34
C SER A 747 -9.49 11.27 34.54
N THR A 748 -8.53 12.19 34.71
CA THR A 748 -7.45 12.04 35.68
C THR A 748 -7.43 13.17 36.70
N GLY A 749 -8.55 13.83 36.93
CA GLY A 749 -8.54 15.01 37.78
C GLY A 749 -9.84 15.31 38.49
N SER A 750 -10.07 16.60 38.75
CA SER A 750 -11.13 17.04 39.63
C SER A 750 -12.49 17.20 38.94
N ALA A 751 -12.52 17.21 37.61
CA ALA A 751 -13.79 17.33 36.91
C ALA A 751 -14.64 16.07 37.04
N GLY A 752 -13.99 14.90 37.05
CA GLY A 752 -14.70 13.66 37.31
C GLY A 752 -15.28 13.62 38.72
N LEU A 753 -14.53 14.14 39.69
CA LEU A 753 -15.05 14.28 41.05
C LEU A 753 -16.21 15.25 41.09
N LEU A 754 -16.13 16.34 40.31
CA LEU A 754 -17.21 17.32 40.28
C LEU A 754 -18.49 16.72 39.72
N LEU A 755 -18.39 15.90 38.67
CA LEU A 755 -19.56 15.14 38.23
C LEU A 755 -19.98 14.05 39.21
N LEU A 756 -19.06 13.56 40.03
CA LEU A 756 -19.46 12.53 41.00
C LEU A 756 -20.32 13.12 42.11
N ILE A 757 -19.92 14.26 42.69
CA ILE A 757 -20.80 14.93 43.65
C ILE A 757 -22.03 15.52 42.96
N SER A 758 -21.89 16.05 41.73
CA SER A 758 -23.02 16.71 41.07
C SER A 758 -24.10 15.72 40.66
N ARG A 759 -23.72 14.52 40.22
CA ARG A 759 -24.71 13.51 39.87
C ARG A 759 -25.39 12.94 41.11
N ASN A 760 -24.61 12.63 42.14
CA ASN A 760 -25.14 12.14 43.41
C ASN A 760 -25.36 13.29 44.39
N LYS A 761 -26.09 14.31 43.95
CA LYS A 761 -26.23 15.53 44.73
C LYS A 761 -27.19 15.35 45.91
N GLU A 762 -28.29 14.62 45.70
CA GLU A 762 -29.29 14.47 46.74
C GLU A 762 -28.97 13.36 47.74
N PHE A 763 -27.89 12.61 47.53
CA PHE A 763 -27.53 11.50 48.39
C PHE A 763 -26.40 11.84 49.36
N LEU A 764 -25.49 12.72 48.98
CA LEU A 764 -24.31 13.00 49.78
C LEU A 764 -24.62 14.03 50.86
N GLN A 765 -23.84 13.97 51.94
CA GLN A 765 -24.00 14.90 53.05
C GLN A 765 -23.39 16.26 52.70
N ASN A 766 -23.72 17.26 53.51
CA ASN A 766 -23.34 18.64 53.22
C ASN A 766 -21.84 18.87 53.41
N SER A 767 -21.17 18.04 54.20
CA SER A 767 -19.72 18.13 54.32
C SER A 767 -19.03 17.77 53.01
N VAL A 768 -19.60 16.83 52.26
CA VAL A 768 -19.10 16.52 50.92
C VAL A 768 -19.43 17.67 49.96
N LEU A 769 -20.63 18.25 50.10
CA LEU A 769 -21.04 19.36 49.24
C LEU A 769 -20.29 20.65 49.54
N ASN A 770 -19.58 20.75 50.67
CA ASN A 770 -18.74 21.91 50.91
C ASN A 770 -17.50 21.93 50.00
N ASN A 771 -17.10 20.79 49.47
CA ASN A 771 -15.90 20.73 48.64
C ASN A 771 -16.17 21.14 47.19
N CYS A 772 -17.42 21.16 46.76
CA CYS A 772 -17.73 21.44 45.36
C CYS A 772 -17.49 22.90 45.00
N HIS A 773 -17.62 23.81 45.96
CA HIS A 773 -17.33 25.22 45.72
C HIS A 773 -15.85 25.43 45.39
N TYR A 774 -14.96 24.72 46.09
CA TYR A 774 -13.55 24.78 45.79
C TYR A 774 -13.17 23.92 44.59
N LEU A 775 -13.96 22.90 44.27
CA LEU A 775 -13.73 22.13 43.05
C LEU A 775 -14.10 22.91 41.80
N GLU A 776 -15.13 23.75 41.86
CA GLU A 776 -15.59 24.50 40.70
C GLU A 776 -14.64 25.60 40.26
N LYS A 777 -13.78 26.09 41.15
CA LYS A 777 -12.75 27.04 40.75
C LYS A 777 -11.60 26.36 40.03
N ALA A 778 -11.35 25.09 40.29
CA ALA A 778 -10.30 24.35 39.62
C ALA A 778 -10.68 23.92 38.21
N VAL A 779 -11.98 23.75 37.93
CA VAL A 779 -12.43 23.31 36.62
C VAL A 779 -12.68 24.46 35.67
N SER A 780 -12.46 25.70 36.10
CA SER A 780 -12.73 26.89 35.28
C SER A 780 -11.48 27.76 35.19
N PRO A 781 -10.51 27.39 34.34
CA PRO A 781 -9.38 28.28 34.10
C PRO A 781 -9.66 29.22 32.94
N ASN A 782 -8.69 30.08 32.61
CA ASN A 782 -8.80 30.90 31.42
C ASN A 782 -8.28 30.18 30.18
N PHE A 783 -7.28 29.34 30.34
CA PHE A 783 -6.63 28.65 29.24
C PHE A 783 -6.61 27.16 29.52
N CYS A 784 -7.07 26.36 28.54
CA CYS A 784 -7.00 24.91 28.62
C CYS A 784 -6.19 24.39 27.44
N VAL A 785 -5.31 23.42 27.71
CA VAL A 785 -4.35 22.97 26.71
C VAL A 785 -5.04 22.12 25.64
N PHE A 786 -5.93 21.21 26.05
CA PHE A 786 -6.50 20.24 25.13
C PHE A 786 -8.01 20.42 25.02
N PRO A 787 -8.60 20.09 23.87
CA PRO A 787 -10.05 20.22 23.70
C PRO A 787 -10.87 18.97 23.95
N GLY A 788 -10.25 17.86 24.33
CA GLY A 788 -10.95 16.59 24.41
C GLY A 788 -11.93 16.53 25.57
N ILE A 789 -12.74 15.48 25.56
CA ILE A 789 -13.74 15.31 26.61
C ILE A 789 -13.17 14.68 27.87
N ALA A 790 -12.04 13.98 27.77
CA ALA A 790 -11.47 13.31 28.94
C ALA A 790 -10.34 14.11 29.57
N ASN A 791 -9.26 14.32 28.83
CA ASN A 791 -8.17 15.17 29.29
C ASN A 791 -8.23 16.54 28.63
N GLY A 792 -9.30 17.29 28.88
CA GLY A 792 -9.45 18.54 28.17
C GLY A 792 -10.60 19.39 28.64
N MET A 793 -10.94 20.37 27.79
CA MET A 793 -11.85 21.46 28.14
C MET A 793 -13.30 21.02 28.17
N CYS A 794 -13.68 20.05 27.31
CA CYS A 794 -15.07 19.62 27.24
C CYS A 794 -15.50 18.92 28.53
N GLY A 795 -14.62 18.14 29.15
CA GLY A 795 -14.89 17.59 30.47
C GLY A 795 -15.01 18.63 31.55
N LEU A 796 -14.20 19.69 31.49
CA LEU A 796 -14.34 20.80 32.44
C LEU A 796 -15.69 21.49 32.29
N PHE A 797 -16.13 21.71 31.04
CA PHE A 797 -17.42 22.33 30.79
C PHE A 797 -18.57 21.44 31.24
N LEU A 798 -18.45 20.12 31.03
CA LEU A 798 -19.48 19.20 31.50
C LEU A 798 -19.55 19.17 33.02
N SER A 799 -18.40 19.19 33.70
CA SER A 799 -18.41 19.18 35.16
C SER A 799 -18.98 20.48 35.73
N LYS A 800 -18.72 21.62 35.08
CA LYS A 800 -19.25 22.87 35.59
C LYS A 800 -20.68 23.15 35.11
N ASN A 801 -21.21 22.41 34.15
CA ASN A 801 -22.54 22.70 33.64
C ASN A 801 -23.44 21.47 33.49
N LEU A 802 -23.21 20.40 34.25
CA LEU A 802 -24.18 19.32 34.35
C LEU A 802 -24.64 19.17 35.79
N TYR A 803 -25.96 19.00 35.95
CA TYR A 803 -26.65 18.74 37.23
C TYR A 803 -26.42 19.84 38.27
N LYS A 804 -26.34 21.11 37.85
CA LYS A 804 -26.05 22.16 38.85
C LYS A 804 -27.30 22.59 39.61
N SER A 805 -28.19 23.33 38.96
CA SER A 805 -29.48 23.62 39.60
C SER A 805 -30.65 23.51 38.63
N ASN A 806 -30.46 24.06 37.43
CA ASN A 806 -31.53 24.13 36.43
C ASN A 806 -31.09 23.66 35.05
N ILE A 807 -29.83 23.92 34.67
CA ILE A 807 -29.21 23.63 33.38
C ILE A 807 -29.96 24.33 32.26
N ASN A 808 -29.47 25.50 31.86
CA ASN A 808 -29.95 26.19 30.67
C ASN A 808 -29.32 25.56 29.43
N TYR A 809 -29.77 25.97 28.26
CA TYR A 809 -29.22 25.34 27.07
C TYR A 809 -28.59 26.33 26.10
N VAL A 810 -29.25 27.46 25.86
CA VAL A 810 -28.76 28.42 24.86
C VAL A 810 -27.49 29.11 25.35
N GLN A 811 -27.50 29.56 26.62
CA GLN A 811 -26.34 30.24 27.18
C GLN A 811 -25.16 29.29 27.36
N GLN A 812 -25.42 28.08 27.86
CA GLN A 812 -24.37 27.09 28.04
C GLN A 812 -23.76 26.67 26.71
N CYS A 813 -24.60 26.47 25.70
CA CYS A 813 -24.07 26.14 24.38
C CYS A 813 -23.35 27.31 23.74
N LYS A 814 -23.75 28.54 24.05
CA LYS A 814 -23.04 29.72 23.56
C LYS A 814 -21.62 29.78 24.13
N GLU A 815 -21.49 29.58 25.45
CA GLU A 815 -20.15 29.53 26.06
C GLU A 815 -19.34 28.33 25.58
N LEU A 816 -19.99 27.18 25.34
CA LEU A 816 -19.29 26.01 24.84
C LEU A 816 -18.75 26.23 23.44
N ILE A 817 -19.54 26.85 22.56
CA ILE A 817 -19.09 27.11 21.20
C ILE A 817 -18.01 28.18 21.17
N ARG A 818 -18.15 29.22 22.01
CA ARG A 818 -17.15 30.27 22.11
C ARG A 818 -15.82 29.73 22.64
N CYS A 819 -15.85 28.81 23.60
CA CYS A 819 -14.62 28.18 24.07
C CYS A 819 -14.06 27.16 23.08
N LEU A 820 -14.93 26.49 22.31
CA LEU A 820 -14.47 25.50 21.34
C LEU A 820 -13.90 26.13 20.09
N GLU A 821 -14.21 27.40 19.81
CA GLU A 821 -13.65 28.08 18.66
C GLU A 821 -12.15 28.36 18.78
N THR A 822 -11.56 28.18 19.97
CA THR A 822 -10.11 28.18 20.11
C THR A 822 -9.46 27.04 19.36
N TYR A 823 -10.08 25.85 19.37
CA TYR A 823 -9.44 24.63 18.89
C TYR A 823 -9.98 24.11 17.57
N LEU A 824 -11.09 24.65 17.07
CA LEU A 824 -11.81 24.02 15.97
C LEU A 824 -11.13 24.26 14.63
N CYS A 825 -11.13 23.22 13.80
CA CYS A 825 -10.73 23.29 12.41
C CYS A 825 -11.96 23.52 11.55
N VAL A 826 -11.73 23.80 10.27
CA VAL A 826 -12.81 23.87 9.28
C VAL A 826 -12.40 22.98 8.12
N VAL A 827 -13.18 21.93 7.85
CA VAL A 827 -13.00 21.08 6.68
C VAL A 827 -14.34 20.97 5.95
N GLU A 828 -14.29 21.21 4.63
CA GLU A 828 -15.44 21.30 3.74
C GLU A 828 -16.50 22.29 4.25
N ASP A 829 -17.66 21.77 4.64
CA ASP A 829 -18.74 22.56 5.18
C ASP A 829 -18.98 22.22 6.64
N GLY A 830 -17.90 22.03 7.39
CA GLY A 830 -18.06 21.62 8.76
C GLY A 830 -16.77 21.75 9.56
N PHE A 831 -16.82 21.26 10.79
CA PHE A 831 -15.74 21.42 11.74
C PHE A 831 -15.04 20.10 12.03
N ALA A 832 -13.73 20.17 12.20
CA ALA A 832 -12.90 19.04 12.62
C ALA A 832 -12.14 19.44 13.87
N LEU A 833 -11.41 18.48 14.44
CA LEU A 833 -10.72 18.73 15.69
C LEU A 833 -9.36 18.03 15.68
N ALA A 834 -8.31 18.77 16.07
CA ALA A 834 -7.03 18.16 16.40
C ALA A 834 -7.03 17.76 17.87
N GLY A 835 -6.41 16.63 18.16
CA GLY A 835 -6.66 15.95 19.42
C GLY A 835 -5.98 16.45 20.68
N ASP A 836 -5.57 15.51 21.54
CA ASP A 836 -4.90 15.82 22.80
C ASP A 836 -3.39 15.81 22.64
N SER A 837 -2.90 16.15 21.45
CA SER A 837 -1.53 16.59 21.26
C SER A 837 -1.58 17.85 20.42
N GLY A 838 -2.67 18.00 19.66
CA GLY A 838 -2.84 19.09 18.73
C GLY A 838 -2.21 18.87 17.38
N LEU A 839 -1.49 17.77 17.19
CA LEU A 839 -0.67 17.59 16.00
C LEU A 839 -1.49 17.14 14.80
N LYS A 840 -2.38 16.17 15.00
CA LYS A 840 -3.11 15.56 13.90
C LYS A 840 -4.56 15.32 14.31
N LEU A 841 -5.39 15.03 13.32
CA LEU A 841 -6.83 14.97 13.53
C LEU A 841 -7.24 13.67 14.21
N THR A 842 -8.19 13.79 15.14
CA THR A 842 -8.76 12.66 15.86
C THR A 842 -10.28 12.77 15.83
N THR A 843 -10.95 11.62 15.94
CA THR A 843 -12.41 11.56 15.90
C THR A 843 -13.03 10.82 17.07
N ASP A 844 -12.24 10.39 18.05
CA ASP A 844 -12.67 9.48 19.10
C ASP A 844 -13.43 10.19 20.24
N ILE A 845 -13.82 9.41 21.25
CA ILE A 845 -14.66 9.92 22.35
C ILE A 845 -13.73 10.15 23.54
N SER A 846 -12.47 10.39 23.25
CA SER A 846 -11.58 10.83 24.32
C SER A 846 -10.80 12.07 23.93
N THR A 847 -10.40 12.17 22.66
CA THR A 847 -9.53 13.23 22.18
C THR A 847 -10.07 13.83 20.90
N GLY A 848 -11.37 13.77 20.67
CA GLY A 848 -11.78 13.99 19.29
C GLY A 848 -13.15 14.61 19.13
N THR A 849 -13.62 14.56 17.88
CA THR A 849 -14.84 15.27 17.47
C THR A 849 -16.08 14.65 18.11
N ALA A 850 -16.09 13.32 18.25
CA ALA A 850 -17.20 12.64 18.89
C ALA A 850 -17.33 12.98 20.37
N GLY A 851 -16.22 13.33 21.04
CA GLY A 851 -16.29 13.93 22.35
C GLY A 851 -17.04 15.24 22.41
N ILE A 852 -16.82 16.13 21.44
CA ILE A 852 -17.59 17.35 21.30
C ILE A 852 -19.07 17.05 21.02
N ILE A 853 -19.29 16.03 20.18
CA ILE A 853 -20.64 15.65 19.79
C ILE A 853 -21.45 15.19 21.00
N LEU A 854 -20.86 14.30 21.80
CA LEU A 854 -21.56 13.85 22.99
C LEU A 854 -21.51 14.87 24.12
N THR A 855 -20.59 15.84 24.08
CA THR A 855 -20.69 16.98 24.99
C THR A 855 -21.94 17.79 24.71
N LEU A 856 -22.22 18.03 23.42
CA LEU A 856 -23.43 18.74 23.02
C LEU A 856 -24.69 17.95 23.37
N VAL A 857 -24.68 16.64 23.08
CA VAL A 857 -25.85 15.81 23.34
C VAL A 857 -26.07 15.65 24.85
N SER A 858 -24.99 15.55 25.63
CA SER A 858 -25.13 15.46 27.08
C SER A 858 -25.54 16.78 27.71
N LEU A 859 -25.20 17.91 27.07
CA LEU A 859 -25.74 19.17 27.54
C LEU A 859 -27.23 19.30 27.22
N ARG A 860 -27.65 18.74 26.08
CA ARG A 860 -29.06 18.79 25.71
C ARG A 860 -29.91 17.88 26.59
N ASN A 861 -29.47 16.65 26.81
CA ASN A 861 -30.31 15.59 27.36
C ASN A 861 -30.11 15.41 28.86
N GLY A 862 -29.39 16.32 29.52
CA GLY A 862 -29.22 16.15 30.94
C GLY A 862 -28.01 15.30 31.28
N LYS A 863 -28.24 13.99 31.45
CA LYS A 863 -27.28 13.00 31.88
C LYS A 863 -25.98 12.96 31.06
N LEU A 864 -24.88 12.57 31.72
CA LEU A 864 -23.61 12.36 31.03
C LEU A 864 -23.70 11.11 30.18
N GLU A 865 -23.17 11.18 28.95
CA GLU A 865 -23.26 10.09 28.00
C GLU A 865 -21.91 9.45 27.70
N LEU A 866 -20.92 9.67 28.55
CA LEU A 866 -19.67 8.94 28.48
C LEU A 866 -19.72 7.62 29.24
N LEU A 867 -20.57 7.53 30.25
CA LEU A 867 -20.76 6.34 31.06
C LEU A 867 -22.23 5.98 31.10
N PRO A 868 -22.57 4.69 31.22
CA PRO A 868 -23.98 4.31 31.31
C PRO A 868 -24.62 4.81 32.60
N SER A 869 -25.91 5.11 32.53
CA SER A 869 -26.65 5.67 33.65
C SER A 869 -28.09 5.17 33.66
N VAL A 870 -28.78 5.44 34.76
CA VAL A 870 -30.18 5.04 34.92
C VAL A 870 -31.05 6.26 35.12
N GLN A 871 -32.35 6.06 35.22
CA GLN A 871 -33.30 7.14 35.42
C GLN A 871 -34.02 7.01 36.75
N MET B 1 -13.46 -10.70 -20.79
CA MET B 1 -13.55 -9.54 -19.90
C MET B 1 -12.41 -8.56 -20.16
N GLN B 2 -12.14 -7.71 -19.18
CA GLN B 2 -11.07 -6.71 -19.26
C GLN B 2 -10.13 -6.90 -18.09
N TYR B 3 -8.83 -6.94 -18.39
CA TYR B 3 -7.80 -7.14 -17.38
C TYR B 3 -6.85 -5.95 -17.37
N ASP B 4 -6.45 -5.53 -16.17
CA ASP B 4 -5.56 -4.39 -15.98
C ASP B 4 -4.36 -4.79 -15.13
N PHE B 5 -3.73 -5.90 -15.49
CA PHE B 5 -2.54 -6.37 -14.81
C PHE B 5 -1.34 -5.48 -15.12
N SER B 6 -0.38 -5.47 -14.20
CA SER B 6 0.83 -4.67 -14.33
C SER B 6 2.06 -5.53 -14.14
N LEU B 7 3.09 -5.27 -14.93
CA LEU B 7 4.39 -5.91 -14.75
C LEU B 7 5.31 -5.07 -13.87
N LYS B 8 4.80 -4.67 -12.70
CA LYS B 8 5.53 -3.85 -11.76
C LYS B 8 6.24 -4.68 -10.69
N ASP B 9 5.58 -5.73 -10.20
CA ASP B 9 6.22 -6.66 -9.30
C ASP B 9 7.30 -7.44 -10.03
N PRO B 10 8.46 -7.66 -9.41
CA PRO B 10 9.52 -8.42 -10.09
C PRO B 10 9.22 -9.90 -10.28
N LEU B 11 8.31 -10.47 -9.48
CA LEU B 11 8.06 -11.90 -9.52
C LEU B 11 6.64 -12.29 -9.95
N PHE B 12 5.66 -11.43 -9.74
CA PHE B 12 4.26 -11.83 -9.82
C PHE B 12 3.46 -10.88 -10.70
N PHE B 13 2.27 -11.34 -11.10
CA PHE B 13 1.30 -10.48 -11.75
C PHE B 13 0.45 -9.77 -10.70
N THR B 14 0.25 -8.47 -10.89
CA THR B 14 -0.57 -7.67 -9.98
C THR B 14 -1.35 -6.66 -10.81
N LEU B 15 -2.59 -6.41 -10.40
CA LEU B 15 -3.43 -5.43 -11.06
C LEU B 15 -2.92 -4.01 -10.80
N THR B 16 -3.25 -3.09 -11.72
CA THR B 16 -2.89 -1.68 -11.52
C THR B 16 -3.71 -1.03 -10.42
N ASP B 17 -4.85 -1.60 -10.04
CA ASP B 17 -5.62 -1.07 -8.91
C ASP B 17 -4.91 -1.32 -7.58
N ASP B 18 -4.02 -2.29 -7.51
CA ASP B 18 -3.22 -2.56 -6.32
C ASP B 18 -1.88 -1.85 -6.35
N ASP B 19 -1.60 -1.07 -7.38
CA ASP B 19 -0.37 -0.32 -7.50
C ASP B 19 -0.55 1.04 -6.83
N LEU B 20 0.26 1.32 -5.81
CA LEU B 20 0.15 2.56 -5.06
C LEU B 20 1.47 3.27 -4.81
N THR B 21 2.60 2.69 -5.22
CA THR B 21 3.90 3.32 -5.00
C THR B 21 4.11 4.48 -5.96
N ASP B 22 3.77 5.69 -5.51
CA ASP B 22 3.91 6.89 -6.34
C ASP B 22 4.91 7.82 -5.66
N PHE B 23 6.14 7.82 -6.16
CA PHE B 23 7.19 8.71 -5.67
C PHE B 23 7.33 9.96 -6.52
N SER B 24 6.46 10.14 -7.52
CA SER B 24 6.53 11.30 -8.39
C SER B 24 6.01 12.54 -7.67
N SER B 25 6.30 13.69 -8.27
CA SER B 25 5.96 14.96 -7.64
C SER B 25 4.45 15.21 -7.72
N LYS B 26 3.86 15.57 -6.59
CA LYS B 26 2.43 15.81 -6.50
C LYS B 26 2.06 17.15 -7.12
N TYR B 27 0.99 17.16 -7.90
CA TYR B 27 0.38 18.40 -8.37
C TYR B 27 -0.52 18.95 -7.28
N SER B 28 -0.47 20.26 -7.08
CA SER B 28 -1.34 20.90 -6.09
C SER B 28 -1.66 22.32 -6.54
N ALA B 29 -2.81 22.80 -6.08
CA ALA B 29 -3.28 24.15 -6.29
C ALA B 29 -3.68 24.73 -4.94
N PRO B 30 -3.58 26.05 -4.77
CA PRO B 30 -4.05 26.66 -3.52
C PRO B 30 -5.56 26.56 -3.38
N LEU B 31 -6.00 26.45 -2.13
CA LEU B 31 -7.40 26.25 -1.82
C LEU B 31 -7.92 27.42 -1.00
N PRO B 32 -8.90 28.18 -1.49
CA PRO B 32 -9.45 29.29 -0.69
C PRO B 32 -10.26 28.79 0.49
N TYR B 33 -10.73 29.75 1.29
CA TYR B 33 -11.43 29.43 2.52
C TYR B 33 -12.79 28.79 2.26
N ASP B 34 -13.49 29.25 1.22
CA ASP B 34 -14.81 28.74 0.88
C ASP B 34 -14.75 27.70 -0.24
N TRP B 35 -13.66 26.94 -0.33
CA TRP B 35 -13.49 25.89 -1.31
C TRP B 35 -13.06 24.61 -0.63
N HIS B 36 -13.32 23.49 -1.28
CA HIS B 36 -12.88 22.18 -0.79
C HIS B 36 -12.20 21.42 -1.91
N GLU B 37 -11.24 20.58 -1.52
CA GLU B 37 -10.49 19.74 -2.44
C GLU B 37 -10.68 18.29 -2.02
N LEU B 38 -11.24 17.49 -2.91
CA LEU B 38 -11.57 16.11 -2.59
C LEU B 38 -11.08 15.20 -3.71
N SER B 39 -10.52 14.05 -3.33
CA SER B 39 -10.14 13.02 -4.29
C SER B 39 -10.94 11.77 -4.00
N ASN B 40 -11.48 11.16 -5.05
CA ASN B 40 -12.18 9.88 -4.96
C ASN B 40 -11.79 8.99 -6.12
N ASN B 41 -10.52 9.02 -6.49
CA ASN B 41 -10.01 8.31 -7.64
C ASN B 41 -8.55 7.97 -7.39
N SER B 42 -7.89 7.43 -8.41
CA SER B 42 -6.44 7.26 -8.40
C SER B 42 -5.74 8.21 -9.36
N GLU B 43 -6.49 9.01 -10.11
CA GLU B 43 -5.95 9.88 -11.14
C GLU B 43 -6.29 11.35 -10.95
N TRP B 44 -7.49 11.66 -10.47
CA TRP B 44 -8.01 13.02 -10.49
C TRP B 44 -8.16 13.57 -9.08
N VAL B 45 -8.06 14.89 -8.97
CA VAL B 45 -8.27 15.62 -7.72
C VAL B 45 -9.30 16.70 -7.99
N ASN B 46 -10.44 16.62 -7.31
CA ASN B 46 -11.59 17.48 -7.59
C ASN B 46 -11.59 18.68 -6.65
N GLN B 47 -11.77 19.87 -7.21
CA GLN B 47 -11.97 21.09 -6.44
C GLN B 47 -13.36 21.63 -6.71
N TYR B 48 -14.10 21.95 -5.66
CA TYR B 48 -15.44 22.48 -5.77
C TYR B 48 -15.68 23.52 -4.68
N PRO B 49 -16.54 24.50 -4.94
CA PRO B 49 -16.96 25.41 -3.87
C PRO B 49 -17.86 24.71 -2.87
N ILE B 50 -18.05 25.36 -1.72
CA ILE B 50 -18.80 24.76 -0.62
C ILE B 50 -20.29 24.85 -0.92
N GLY B 51 -20.93 23.69 -1.03
CA GLY B 51 -22.36 23.64 -1.24
C GLY B 51 -22.84 24.02 -2.61
N PHE B 52 -21.96 23.92 -3.62
CA PHE B 52 -22.32 24.19 -5.01
C PHE B 52 -21.99 22.99 -5.86
N THR B 53 -22.99 22.50 -6.60
CA THR B 53 -22.82 21.44 -7.57
C THR B 53 -23.12 21.97 -8.97
N THR B 54 -22.66 21.24 -9.97
CA THR B 54 -22.84 21.65 -11.36
C THR B 54 -24.07 20.95 -11.94
N GLU B 55 -24.27 21.11 -13.24
CA GLU B 55 -25.33 20.41 -13.95
C GLU B 55 -24.92 18.95 -14.19
N ARG B 56 -25.81 18.19 -14.84
CA ARG B 56 -25.47 16.82 -15.17
C ARG B 56 -24.81 16.68 -16.54
N GLN B 57 -24.89 17.73 -17.36
CA GLN B 57 -24.36 17.70 -18.72
C GLN B 57 -24.13 19.14 -19.16
N GLY B 58 -23.32 19.29 -20.19
CA GLY B 58 -23.04 20.60 -20.72
C GLY B 58 -21.63 20.65 -21.29
N TRP B 59 -21.23 21.87 -21.65
CA TRP B 59 -19.94 22.12 -22.27
C TRP B 59 -18.87 22.16 -21.20
N LYS B 60 -17.98 21.16 -21.20
CA LYS B 60 -16.88 21.12 -20.26
C LYS B 60 -15.61 21.62 -20.94
N VAL B 61 -14.75 22.23 -20.13
CA VAL B 61 -13.53 22.87 -20.62
C VAL B 61 -12.35 21.99 -20.28
N HIS B 62 -11.55 21.64 -21.28
CA HIS B 62 -10.35 20.85 -21.10
C HIS B 62 -9.12 21.70 -21.37
N ILE B 63 -8.12 21.56 -20.53
CA ILE B 63 -6.89 22.36 -20.61
C ILE B 63 -5.70 21.41 -20.60
N SER B 64 -4.86 21.50 -21.61
CA SER B 64 -3.67 20.68 -21.75
C SER B 64 -2.43 21.55 -21.60
N SER B 65 -1.29 20.90 -21.39
CA SER B 65 -0.07 21.62 -21.07
C SER B 65 1.15 20.77 -21.40
N ASP B 66 2.33 21.38 -21.22
CA ASP B 66 3.62 20.72 -21.33
C ASP B 66 3.90 19.92 -20.07
N TYR B 67 5.09 19.31 -20.02
CA TYR B 67 5.55 18.72 -18.77
C TYR B 67 6.32 19.72 -17.92
N LYS B 68 7.10 20.61 -18.54
CA LYS B 68 7.85 21.60 -17.78
C LYS B 68 6.93 22.66 -17.20
N HIS B 69 6.04 23.22 -18.02
CA HIS B 69 5.09 24.23 -17.57
C HIS B 69 3.74 23.61 -17.19
N SER B 70 3.77 22.59 -16.35
CA SER B 70 2.55 21.96 -15.86
C SER B 70 2.22 22.33 -14.43
N HIS B 71 3.24 22.56 -13.60
CA HIS B 71 3.01 23.01 -12.24
C HIS B 71 2.62 24.48 -12.19
N GLU B 72 3.13 25.29 -13.12
CA GLU B 72 2.82 26.71 -13.16
C GLU B 72 1.65 27.04 -14.07
N VAL B 73 1.04 26.04 -14.71
CA VAL B 73 -0.19 26.29 -15.46
C VAL B 73 -1.36 25.96 -14.55
N LEU B 74 -1.12 25.09 -13.56
CA LEU B 74 -2.13 24.78 -12.56
C LEU B 74 -2.43 25.97 -11.67
N GLU B 75 -1.39 26.75 -11.33
CA GLU B 75 -1.57 27.98 -10.58
C GLU B 75 -2.44 28.97 -11.35
N VAL B 76 -2.18 29.12 -12.65
CA VAL B 76 -2.92 30.07 -13.48
C VAL B 76 -4.38 29.64 -13.63
N VAL B 77 -4.60 28.34 -13.91
CA VAL B 77 -5.96 27.85 -14.14
C VAL B 77 -6.77 27.88 -12.85
N SER B 78 -6.17 27.48 -11.72
CA SER B 78 -6.83 27.60 -10.43
C SER B 78 -7.11 29.04 -10.03
N LYS B 79 -6.18 29.96 -10.30
CA LYS B 79 -6.44 31.38 -10.06
C LYS B 79 -7.58 31.91 -10.92
N VAL B 80 -7.73 31.44 -12.16
CA VAL B 80 -8.89 31.80 -12.96
C VAL B 80 -10.17 31.22 -12.36
N CYS B 81 -10.12 29.95 -11.95
CA CYS B 81 -11.31 29.28 -11.42
C CYS B 81 -11.75 29.80 -10.06
N HIS B 82 -10.90 30.55 -9.36
CA HIS B 82 -11.31 31.02 -8.03
C HIS B 82 -12.08 32.35 -8.03
N GLU B 83 -12.22 33.04 -9.16
CA GLU B 83 -13.27 34.06 -9.27
C GLU B 83 -14.49 33.53 -9.99
N PHE B 84 -14.31 33.00 -11.20
CA PHE B 84 -15.40 32.32 -11.91
C PHE B 84 -15.56 30.98 -11.23
N ARG B 85 -16.45 30.92 -10.23
CA ARG B 85 -16.48 29.81 -9.28
C ARG B 85 -17.05 28.58 -9.97
N VAL B 86 -16.14 27.80 -10.58
CA VAL B 86 -16.50 26.63 -11.35
C VAL B 86 -15.79 25.43 -10.76
N VAL B 87 -16.40 24.26 -10.91
CA VAL B 87 -15.82 23.02 -10.42
C VAL B 87 -14.77 22.57 -11.43
N PHE B 88 -13.52 22.47 -10.99
CA PHE B 88 -12.45 22.02 -11.86
C PHE B 88 -11.68 20.90 -11.17
N LYS B 89 -11.03 20.07 -11.99
CA LYS B 89 -10.25 18.95 -11.50
C LYS B 89 -8.96 18.84 -12.29
N TYR B 90 -7.97 18.17 -11.70
CA TYR B 90 -6.64 18.07 -12.28
C TYR B 90 -6.04 16.72 -11.92
N LEU B 91 -4.97 16.36 -12.62
CA LEU B 91 -4.31 15.08 -12.39
C LEU B 91 -3.53 15.10 -11.07
N LYS B 92 -3.45 13.93 -10.44
CA LYS B 92 -2.84 13.78 -9.12
C LYS B 92 -1.36 14.11 -9.10
N THR B 93 -0.54 13.29 -9.76
CA THR B 93 0.91 13.37 -9.66
C THR B 93 1.51 13.50 -11.05
N GLU B 94 2.84 13.55 -11.10
CA GLU B 94 3.55 13.63 -12.37
C GLU B 94 3.56 12.31 -13.12
N LYS B 95 3.50 11.18 -12.40
CA LYS B 95 3.45 9.88 -13.05
C LYS B 95 2.11 9.68 -13.77
N VAL B 96 1.02 10.13 -13.15
CA VAL B 96 -0.29 10.09 -13.82
C VAL B 96 -0.30 11.02 -15.03
N PHE B 97 0.43 12.15 -14.94
CA PHE B 97 0.56 13.05 -16.07
C PHE B 97 1.32 12.41 -17.22
N VAL B 98 2.39 11.67 -16.91
CA VAL B 98 3.17 11.01 -17.97
C VAL B 98 2.37 9.87 -18.60
N LEU B 99 1.72 9.05 -17.77
CA LEU B 99 0.88 7.97 -18.30
C LEU B 99 -0.39 8.46 -18.99
N ARG B 100 -0.85 9.68 -18.72
CA ARG B 100 -1.95 10.26 -19.47
C ARG B 100 -1.50 10.91 -20.78
N ASN B 101 -0.32 11.52 -20.79
CA ASN B 101 0.24 12.11 -22.00
C ASN B 101 1.28 11.19 -22.65
N GLY B 102 1.13 9.87 -22.47
CA GLY B 102 2.11 8.93 -22.95
C GLY B 102 1.90 8.45 -24.37
N LYS B 103 2.09 7.16 -24.60
CA LYS B 103 2.01 6.57 -25.92
C LYS B 103 0.92 5.52 -26.04
N ASN B 104 0.81 4.60 -25.09
CA ASN B 104 -0.10 3.46 -25.18
C ASN B 104 -1.40 3.68 -24.42
N ILE B 105 -1.87 4.92 -24.35
CA ILE B 105 -3.17 5.24 -23.77
C ILE B 105 -4.13 5.55 -24.93
N ASP B 106 -5.43 5.44 -24.64
CA ASP B 106 -6.45 5.70 -25.65
C ASP B 106 -6.46 7.16 -26.06
N ARG B 107 -6.73 7.40 -27.35
CA ARG B 107 -6.65 8.75 -27.91
C ARG B 107 -7.83 9.63 -27.50
N GLY B 108 -8.89 9.07 -26.92
CA GLY B 108 -10.00 9.87 -26.47
C GLY B 108 -9.92 10.24 -25.01
N TYR B 109 -9.05 9.56 -24.27
CA TYR B 109 -8.86 9.82 -22.85
C TYR B 109 -7.55 10.54 -22.56
N SER B 110 -6.83 10.97 -23.59
CA SER B 110 -5.46 11.45 -23.46
C SER B 110 -5.40 12.97 -23.54
N GLY B 111 -4.37 13.52 -22.91
CA GLY B 111 -4.06 14.93 -23.00
C GLY B 111 -4.81 15.82 -22.03
N LYS B 112 -5.74 15.28 -21.26
CA LYS B 112 -6.58 16.08 -20.37
C LYS B 112 -5.84 16.26 -19.05
N PHE B 113 -5.22 17.43 -18.87
CA PHE B 113 -4.62 17.78 -17.59
C PHE B 113 -5.67 18.33 -16.64
N ILE B 114 -6.37 19.39 -17.06
CA ILE B 114 -7.35 20.07 -16.23
C ILE B 114 -8.70 20.00 -16.94
N THR B 115 -9.73 19.55 -16.22
CA THR B 115 -11.10 19.54 -16.70
C THR B 115 -11.92 20.49 -15.86
N CYS B 116 -12.60 21.44 -16.50
CA CYS B 116 -13.40 22.45 -15.82
C CYS B 116 -14.87 22.25 -16.14
N TYR B 117 -15.74 22.69 -15.23
CA TYR B 117 -17.20 22.57 -15.38
C TYR B 117 -17.90 23.90 -15.11
N PRO B 118 -17.93 24.81 -16.08
CA PRO B 118 -18.84 25.96 -15.97
C PRO B 118 -20.23 25.60 -16.46
N ASN B 119 -21.25 26.07 -15.73
CA ASN B 119 -22.61 25.56 -15.92
C ASN B 119 -23.23 25.90 -17.28
N ILE B 120 -23.72 27.13 -17.46
CA ILE B 120 -24.07 27.61 -18.79
C ILE B 120 -23.77 29.10 -18.92
N GLU B 121 -23.60 29.78 -17.79
CA GLU B 121 -23.60 31.24 -17.76
C GLU B 121 -22.23 31.84 -17.52
N SER B 122 -21.41 31.22 -16.67
CA SER B 122 -20.05 31.67 -16.44
C SER B 122 -19.10 31.25 -17.54
N LEU B 123 -19.56 30.42 -18.49
CA LEU B 123 -18.71 29.84 -19.53
C LEU B 123 -18.14 30.90 -20.47
N GLU B 124 -18.95 31.90 -20.84
CA GLU B 124 -18.51 32.92 -21.78
C GLU B 124 -17.39 33.79 -21.22
N GLY B 125 -17.49 34.19 -19.95
CA GLY B 125 -16.42 34.95 -19.33
C GLY B 125 -15.25 34.09 -18.93
N PHE B 126 -15.54 32.83 -18.62
CA PHE B 126 -14.51 31.87 -18.20
C PHE B 126 -13.55 31.58 -19.34
N LEU B 127 -14.09 31.31 -20.54
CA LEU B 127 -13.27 31.07 -21.72
C LEU B 127 -12.45 32.29 -22.12
N LYS B 128 -13.03 33.50 -22.03
CA LYS B 128 -12.29 34.72 -22.32
C LYS B 128 -11.17 35.00 -21.33
N GLU B 129 -11.40 34.79 -20.02
CA GLU B 129 -10.32 35.03 -19.06
C GLU B 129 -9.23 33.97 -19.16
N LEU B 130 -9.60 32.71 -19.44
CA LEU B 130 -8.59 31.68 -19.66
C LEU B 130 -7.81 31.93 -20.94
N GLU B 131 -8.47 32.47 -21.97
CA GLU B 131 -7.77 32.83 -23.19
C GLU B 131 -6.83 34.00 -22.96
N ARG B 132 -7.23 34.96 -22.11
CA ARG B 132 -6.40 36.12 -21.85
C ARG B 132 -5.18 35.75 -21.00
N LYS B 133 -5.35 34.82 -20.05
CA LYS B 133 -4.26 34.55 -19.12
C LYS B 133 -3.35 33.40 -19.55
N LEU B 134 -3.75 32.57 -20.51
CA LEU B 134 -2.89 31.49 -20.99
C LEU B 134 -2.20 31.91 -22.29
N LYS B 135 -1.27 32.85 -22.16
CA LYS B 135 -0.38 33.26 -23.23
C LYS B 135 1.03 32.73 -22.97
N GLY B 136 1.61 32.10 -23.99
CA GLY B 136 2.90 31.47 -23.87
C GLY B 136 2.86 30.02 -23.43
N TYR B 137 1.68 29.53 -23.04
CA TYR B 137 1.52 28.15 -22.62
C TYR B 137 1.02 27.32 -23.79
N THR B 138 1.66 26.17 -24.00
CA THR B 138 1.33 25.27 -25.09
C THR B 138 1.01 23.89 -24.53
N GLY B 139 0.29 23.10 -25.33
CA GLY B 139 -0.09 21.76 -24.93
C GLY B 139 -0.58 20.93 -26.10
N PRO B 140 -0.80 19.63 -25.85
CA PRO B 140 -1.32 18.76 -26.91
C PRO B 140 -2.76 19.08 -27.26
N TYR B 141 -3.09 18.87 -28.54
CA TYR B 141 -4.48 18.91 -28.97
C TYR B 141 -5.18 17.68 -28.43
N ILE B 142 -6.34 17.85 -27.82
CA ILE B 142 -7.10 16.71 -27.37
C ILE B 142 -8.05 16.31 -28.50
N LEU B 143 -7.96 15.04 -28.93
CA LEU B 143 -8.61 14.61 -30.16
C LEU B 143 -10.12 14.55 -30.04
N SER B 144 -10.63 14.23 -28.86
CA SER B 144 -12.08 14.22 -28.64
C SER B 144 -12.68 15.61 -28.56
N ASP B 145 -11.86 16.65 -28.49
CA ASP B 145 -12.29 18.01 -28.21
C ASP B 145 -12.06 18.91 -29.43
N ARG B 146 -12.29 20.21 -29.24
CA ARG B 146 -12.01 21.22 -30.24
C ARG B 146 -11.37 22.43 -29.56
N ARG B 147 -10.28 22.94 -30.15
CA ARG B 147 -9.55 24.06 -29.56
C ARG B 147 -10.36 25.35 -29.69
N TRP B 148 -10.42 26.10 -28.58
CA TRP B 148 -11.27 27.29 -28.51
C TRP B 148 -10.84 28.41 -29.45
N ARG B 149 -9.74 29.12 -29.17
CA ARG B 149 -9.20 30.06 -30.14
C ARG B 149 -7.73 29.82 -30.48
N GLU B 150 -6.79 30.07 -29.54
CA GLU B 150 -5.40 29.68 -29.73
C GLU B 150 -4.75 29.08 -28.48
N ALA B 151 -5.23 29.39 -27.29
CA ALA B 151 -4.69 28.82 -26.06
C ALA B 151 -5.10 27.36 -25.97
N PRO B 152 -4.39 26.54 -25.15
CA PRO B 152 -4.83 25.15 -25.00
C PRO B 152 -6.12 24.98 -24.22
N ILE B 153 -7.22 25.45 -24.81
CA ILE B 153 -8.55 25.41 -24.21
C ILE B 153 -9.43 24.58 -25.14
N TYR B 154 -10.01 23.52 -24.61
CA TYR B 154 -10.67 22.50 -25.41
C TYR B 154 -12.05 22.20 -24.85
N LEU B 155 -13.02 22.01 -25.74
CA LEU B 155 -14.43 21.91 -25.36
C LEU B 155 -15.07 20.66 -25.94
N ARG B 156 -15.97 20.05 -25.17
CA ARG B 156 -16.85 19.01 -25.68
C ARG B 156 -18.16 19.05 -24.91
N TYR B 157 -19.21 18.48 -25.48
CA TYR B 157 -20.45 18.27 -24.75
C TYR B 157 -20.42 16.89 -24.12
N GLY B 158 -20.39 16.84 -22.79
CA GLY B 158 -20.26 15.58 -22.10
C GLY B 158 -21.01 15.51 -20.79
N VAL B 159 -20.75 14.47 -20.00
CA VAL B 159 -21.46 14.24 -18.75
C VAL B 159 -20.60 14.77 -17.61
N PHE B 160 -21.20 15.58 -16.74
CA PHE B 160 -20.44 16.25 -15.69
C PHE B 160 -20.29 15.37 -14.45
N ARG B 161 -21.41 14.89 -13.91
CA ARG B 161 -21.44 14.17 -12.65
C ARG B 161 -22.17 12.84 -12.86
N GLU B 162 -22.49 12.14 -11.77
CA GLU B 162 -23.03 10.80 -11.94
C GLU B 162 -24.55 10.77 -11.99
N SER B 163 -25.22 11.09 -10.88
CA SER B 163 -26.67 11.23 -10.98
C SER B 163 -27.17 12.61 -10.55
N ILE B 164 -27.01 12.91 -9.25
CA ILE B 164 -27.60 14.03 -8.49
C ILE B 164 -29.01 14.33 -8.99
N PRO B 165 -29.30 15.62 -9.25
CA PRO B 165 -30.42 16.08 -10.06
C PRO B 165 -31.79 15.64 -9.55
N GLU B 166 -32.19 16.18 -8.40
CA GLU B 166 -33.41 15.83 -7.64
C GLU B 166 -33.28 14.37 -7.21
N LEU B 167 -34.29 13.52 -7.46
CA LEU B 167 -34.26 12.15 -6.97
C LEU B 167 -33.17 11.30 -7.62
N GLU B 168 -33.33 10.96 -8.91
CA GLU B 168 -32.24 10.33 -9.64
C GLU B 168 -32.21 10.73 -11.11
N GLY B 169 -33.15 11.57 -11.55
CA GLY B 169 -33.31 12.10 -12.91
C GLY B 169 -33.53 11.05 -14.01
N ASN B 170 -33.61 9.77 -13.65
CA ASN B 170 -33.81 8.61 -14.52
C ASN B 170 -32.79 8.49 -15.65
N LEU B 171 -31.57 9.01 -15.46
CA LEU B 171 -30.53 8.95 -16.47
C LEU B 171 -29.26 8.33 -15.90
N LYS B 172 -28.38 7.94 -16.81
CA LYS B 172 -27.10 7.32 -16.47
C LYS B 172 -25.95 8.27 -16.79
N SER B 173 -24.74 7.84 -16.46
CA SER B 173 -23.54 8.63 -16.65
C SER B 173 -22.91 8.44 -18.03
N ASP B 174 -23.53 7.63 -18.89
CA ASP B 174 -23.01 7.38 -20.23
C ASP B 174 -23.89 7.93 -21.34
N GLU B 175 -25.11 8.37 -21.03
CA GLU B 175 -26.05 8.84 -22.05
C GLU B 175 -26.43 10.28 -21.77
N LEU B 176 -26.41 11.11 -22.81
CA LEU B 176 -26.82 12.50 -22.71
C LEU B 176 -28.32 12.63 -22.93
N LEU B 177 -28.84 13.81 -22.63
CA LEU B 177 -30.27 14.12 -22.76
C LEU B 177 -30.42 15.32 -23.69
N VAL B 178 -30.79 15.04 -24.94
CA VAL B 178 -30.99 16.08 -25.95
C VAL B 178 -32.45 16.03 -26.38
N SER B 179 -33.19 17.09 -26.04
CA SER B 179 -34.61 17.26 -26.40
C SER B 179 -35.47 16.11 -25.87
N GLY B 180 -35.18 15.67 -24.66
CA GLY B 180 -35.91 14.58 -24.04
C GLY B 180 -35.69 13.23 -24.70
N LYS B 181 -34.46 12.93 -25.11
CA LYS B 181 -34.13 11.66 -25.75
C LYS B 181 -32.87 11.09 -25.10
N ILE B 182 -32.51 9.89 -25.52
CA ILE B 182 -31.34 9.19 -24.99
C ILE B 182 -30.32 9.09 -26.10
N ILE B 183 -29.24 9.85 -25.99
CA ILE B 183 -28.11 9.81 -26.91
C ILE B 183 -26.88 9.47 -26.10
N LYS B 184 -26.20 8.39 -26.48
CA LYS B 184 -25.01 7.96 -25.76
C LYS B 184 -23.86 8.92 -25.99
N ASP B 185 -23.00 9.05 -24.98
CA ASP B 185 -21.80 9.87 -25.08
C ASP B 185 -20.65 8.99 -25.57
N ILE B 186 -20.14 9.29 -26.76
CA ILE B 186 -19.09 8.51 -27.39
C ILE B 186 -17.75 9.13 -27.01
N ARG B 187 -16.89 8.35 -26.37
CA ARG B 187 -15.56 8.81 -25.95
C ARG B 187 -14.56 8.27 -26.97
N SER B 188 -14.42 8.97 -28.08
CA SER B 188 -13.60 8.56 -29.20
C SER B 188 -12.79 9.77 -29.67
N PRO B 189 -11.69 9.55 -30.40
CA PRO B 189 -10.95 10.69 -30.97
C PRO B 189 -11.68 11.41 -32.09
N LYS B 190 -12.79 12.06 -31.75
CA LYS B 190 -13.60 12.82 -32.70
C LYS B 190 -14.43 13.81 -31.91
N PHE B 191 -14.88 14.85 -32.59
CA PHE B 191 -15.74 15.87 -31.99
C PHE B 191 -17.18 15.54 -32.35
N ILE B 192 -17.91 14.98 -31.40
CA ILE B 192 -19.29 14.56 -31.61
C ILE B 192 -20.20 15.61 -30.98
N ILE B 193 -20.97 16.29 -31.82
CA ILE B 193 -22.04 17.18 -31.36
C ILE B 193 -23.36 16.42 -31.52
N PRO B 194 -24.09 16.15 -30.44
CA PRO B 194 -25.41 15.53 -30.58
C PRO B 194 -26.37 16.46 -31.31
N GLU B 195 -27.26 15.86 -32.10
CA GLU B 195 -28.13 16.63 -32.98
C GLU B 195 -29.36 17.10 -32.21
N GLY B 196 -29.62 18.41 -32.25
CA GLY B 196 -30.84 18.97 -31.69
C GLY B 196 -30.67 19.81 -30.45
N LEU B 197 -29.49 19.83 -29.83
CA LEU B 197 -29.33 20.61 -28.61
C LEU B 197 -29.06 22.07 -28.94
N GLU B 198 -29.58 22.95 -28.09
CA GLU B 198 -29.58 24.39 -28.35
C GLU B 198 -28.17 24.94 -28.12
N ILE B 199 -27.48 25.25 -29.21
CA ILE B 199 -26.16 25.89 -29.14
C ILE B 199 -26.34 27.35 -28.72
N PRO B 200 -25.55 27.86 -27.77
CA PRO B 200 -25.55 29.30 -27.52
C PRO B 200 -24.95 30.08 -28.68
N GLU B 201 -25.17 31.40 -28.66
CA GLU B 201 -24.85 32.25 -29.81
C GLU B 201 -23.36 32.36 -30.04
N PHE B 202 -22.58 32.60 -28.99
CA PHE B 202 -21.12 32.66 -29.14
C PHE B 202 -20.54 31.29 -29.46
N LEU B 203 -21.13 30.22 -28.93
CA LEU B 203 -20.72 28.89 -29.33
C LEU B 203 -21.19 28.54 -30.75
N GLU B 204 -22.30 29.13 -31.21
CA GLU B 204 -22.69 28.96 -32.61
C GLU B 204 -21.72 29.66 -33.55
N LYS B 205 -21.22 30.82 -33.14
CA LYS B 205 -20.17 31.49 -33.92
C LYS B 205 -18.87 30.71 -33.87
N TRP B 206 -18.59 30.06 -32.74
CA TRP B 206 -17.37 29.26 -32.61
C TRP B 206 -17.43 28.00 -33.48
N LEU B 207 -18.57 27.30 -33.48
CA LEU B 207 -18.73 26.12 -34.31
C LEU B 207 -18.90 26.45 -35.79
N LYS B 208 -19.48 27.61 -36.12
CA LYS B 208 -19.68 27.97 -37.51
C LYS B 208 -18.39 28.47 -38.15
N ASP B 209 -17.36 28.74 -37.35
CA ASP B 209 -16.07 29.19 -37.86
C ASP B 209 -15.15 28.04 -38.23
N ILE B 210 -15.68 26.83 -38.45
CA ILE B 210 -14.90 25.69 -38.89
C ILE B 210 -14.45 25.93 -40.32
N GLU B 217 -4.51 19.60 -49.76
CA GLU B 217 -3.71 18.60 -50.43
C GLU B 217 -2.47 18.27 -49.60
N PHE B 218 -2.26 16.99 -49.39
CA PHE B 218 -1.07 16.45 -48.75
C PHE B 218 -0.07 16.01 -49.81
N PRO B 219 1.23 16.02 -49.50
CA PRO B 219 2.20 15.49 -50.48
C PRO B 219 2.39 13.98 -50.40
N PHE B 220 1.30 13.25 -50.25
CA PHE B 220 1.24 11.80 -50.30
C PHE B 220 -0.22 11.39 -50.45
N THR B 221 -0.44 10.08 -50.61
CA THR B 221 -1.78 9.53 -50.71
C THR B 221 -1.89 8.38 -49.71
N ILE B 222 -2.56 8.61 -48.59
CA ILE B 222 -2.72 7.60 -47.56
C ILE B 222 -3.85 6.65 -47.96
N GLU B 223 -3.53 5.35 -47.99
CA GLU B 223 -4.53 4.34 -48.34
C GLU B 223 -5.22 3.76 -47.10
N SER B 224 -4.46 3.40 -46.07
CA SER B 224 -5.02 2.84 -44.86
C SER B 224 -4.11 3.19 -43.70
N ALA B 225 -4.41 2.63 -42.53
CA ALA B 225 -3.62 2.83 -41.33
C ALA B 225 -3.28 1.48 -40.73
N ILE B 226 -2.08 1.39 -40.17
CA ILE B 226 -1.58 0.15 -39.60
C ILE B 226 -1.84 0.08 -38.10
N ARG B 227 -1.44 1.13 -37.36
CA ARG B 227 -1.55 1.13 -35.92
C ARG B 227 -1.83 2.55 -35.47
N PHE B 228 -2.52 2.68 -34.34
CA PHE B 228 -2.82 3.99 -33.75
C PHE B 228 -2.36 4.01 -32.30
N SER B 229 -1.95 5.19 -31.86
CA SER B 229 -1.44 5.38 -30.50
C SER B 229 -1.61 6.84 -30.13
N ASN B 230 -1.20 7.17 -28.89
CA ASN B 230 -1.30 8.55 -28.43
C ASN B 230 -0.26 9.44 -29.10
N CYS B 231 0.81 8.87 -29.65
CA CYS B 231 1.73 9.66 -30.45
C CYS B 231 1.16 10.00 -31.82
N GLY B 232 0.20 9.22 -32.29
CA GLY B 232 -0.31 9.33 -33.64
C GLY B 232 -0.14 8.04 -34.42
N GLY B 233 -0.81 7.99 -35.55
CA GLY B 233 -0.90 6.76 -36.31
C GLY B 233 0.34 6.43 -37.11
N ILE B 234 0.39 5.17 -37.54
CA ILE B 234 1.37 4.70 -38.51
C ILE B 234 0.59 4.32 -39.75
N TYR B 235 0.76 5.10 -40.82
CA TYR B 235 -0.08 5.00 -42.00
C TYR B 235 0.69 4.41 -43.17
N ASN B 236 0.01 3.58 -43.95
CA ASN B 236 0.57 3.02 -45.19
C ASN B 236 0.21 3.97 -46.32
N ALA B 237 1.16 4.83 -46.69
CA ALA B 237 0.91 5.90 -47.64
C ALA B 237 1.71 5.66 -48.93
N THR B 238 1.48 6.52 -49.90
CA THR B 238 2.19 6.49 -51.17
C THR B 238 2.53 7.93 -51.55
N LEU B 239 3.82 8.19 -51.80
CA LEU B 239 4.26 9.54 -52.11
C LEU B 239 3.75 9.98 -53.48
N SER B 240 3.29 11.23 -53.54
CA SER B 240 2.70 11.73 -54.78
C SER B 240 3.75 12.05 -55.84
N SER B 241 4.96 12.40 -55.43
CA SER B 241 6.01 12.76 -56.38
C SER B 241 6.69 11.58 -57.03
N SER B 242 6.48 10.36 -56.52
CA SER B 242 7.14 9.19 -57.08
C SER B 242 6.25 7.98 -57.27
N ASN B 243 5.01 7.99 -56.75
CA ASN B 243 4.07 6.86 -56.77
C ASN B 243 4.69 5.60 -56.16
N LYS B 244 5.43 5.78 -55.08
CA LYS B 244 6.15 4.71 -54.40
C LYS B 244 5.64 4.59 -52.97
N LYS B 245 5.30 3.37 -52.56
CA LYS B 245 4.68 3.13 -51.27
C LYS B 245 5.70 3.27 -50.15
N ILE B 246 5.35 4.08 -49.14
CA ILE B 246 6.20 4.29 -47.98
C ILE B 246 5.41 3.97 -46.72
N ILE B 247 6.03 4.14 -45.57
CA ILE B 247 5.36 4.00 -44.27
C ILE B 247 5.40 5.36 -43.60
N LEU B 248 4.22 5.87 -43.26
CA LEU B 248 4.12 7.14 -42.56
C LEU B 248 4.13 6.93 -41.05
N ARG B 249 4.56 7.96 -40.34
CA ARG B 249 4.51 7.98 -38.88
C ARG B 249 4.42 9.43 -38.45
N GLU B 250 3.41 9.78 -37.68
CA GLU B 250 3.22 11.16 -37.26
C GLU B 250 3.50 11.30 -35.77
N ALA B 251 3.72 12.54 -35.36
CA ALA B 251 3.84 12.87 -33.94
C ALA B 251 3.13 14.20 -33.71
N ARG B 252 1.90 14.12 -33.21
CA ARG B 252 1.22 15.28 -32.66
C ARG B 252 2.03 15.84 -31.49
N PRO B 253 2.06 17.16 -31.33
CA PRO B 253 3.02 17.77 -30.38
C PRO B 253 2.71 17.46 -28.92
N TYR B 254 3.80 17.37 -28.14
CA TYR B 254 3.79 17.20 -26.68
C TYR B 254 3.10 15.91 -26.25
N THR B 255 3.18 14.87 -27.08
CA THR B 255 2.67 13.56 -26.76
C THR B 255 3.80 12.55 -26.78
N GLY B 256 3.52 11.35 -26.29
CA GLY B 256 4.55 10.36 -26.09
C GLY B 256 5.50 10.71 -24.97
N LEU B 257 5.00 11.28 -23.89
CA LEU B 257 5.83 11.63 -22.76
C LEU B 257 6.31 10.38 -22.03
N ASP B 258 7.59 10.36 -21.70
CA ASP B 258 8.19 9.33 -20.86
C ASP B 258 8.79 9.98 -19.63
N PHE B 259 9.37 9.16 -18.75
CA PHE B 259 9.93 9.68 -17.52
C PHE B 259 11.27 10.36 -17.73
N SER B 260 11.89 10.20 -18.90
CA SER B 260 13.10 10.95 -19.21
C SER B 260 12.79 12.42 -19.45
N GLY B 261 11.58 12.72 -19.88
CA GLY B 261 11.18 14.07 -20.20
C GLY B 261 11.04 14.37 -21.68
N GLU B 262 11.06 13.35 -22.54
CA GLU B 262 11.04 13.52 -23.98
C GLU B 262 9.63 13.34 -24.53
N TYR B 263 9.40 13.90 -25.70
CA TYR B 263 8.16 13.74 -26.44
C TYR B 263 8.42 12.95 -27.71
N SER B 264 7.35 12.63 -28.42
CA SER B 264 7.47 11.95 -29.71
C SER B 264 7.99 12.84 -30.81
N THR B 265 8.01 14.16 -30.61
CA THR B 265 8.59 15.09 -31.57
C THR B 265 10.09 15.22 -31.44
N GLU B 266 10.67 14.77 -30.32
CA GLU B 266 12.12 14.77 -30.13
C GLU B 266 12.77 13.46 -30.56
N ARG B 267 12.19 12.32 -30.19
CA ARG B 267 12.62 11.03 -30.72
C ARG B 267 11.95 10.70 -32.05
N MET B 268 11.89 11.71 -32.91
CA MET B 268 11.58 11.62 -34.33
C MET B 268 12.56 12.43 -35.16
N LYS B 269 13.01 13.58 -34.69
CA LYS B 269 14.26 14.17 -35.15
C LYS B 269 15.44 13.27 -34.83
N SER B 270 15.42 12.59 -33.68
CA SER B 270 16.42 11.58 -33.38
C SER B 270 16.35 10.42 -34.39
N GLU B 271 15.14 10.00 -34.74
CA GLU B 271 14.97 8.91 -35.70
C GLU B 271 15.41 9.33 -37.11
N ARG B 272 15.10 10.57 -37.50
CA ARG B 272 15.54 11.10 -38.78
C ARG B 272 17.07 11.19 -38.84
N ARG B 273 17.70 11.64 -37.76
CA ARG B 273 19.16 11.69 -37.73
C ARG B 273 19.77 10.30 -37.77
N ALA B 274 19.16 9.34 -37.08
CA ALA B 274 19.66 7.96 -37.09
C ALA B 274 19.54 7.33 -38.48
N LEU B 275 18.42 7.55 -39.16
CA LEU B 275 18.26 6.98 -40.50
C LEU B 275 18.97 7.79 -41.57
N THR B 276 19.41 9.02 -41.26
CA THR B 276 20.26 9.77 -42.17
C THR B 276 21.73 9.36 -42.04
N ILE B 277 22.18 9.07 -40.82
CA ILE B 277 23.55 8.58 -40.63
C ILE B 277 23.71 7.21 -41.26
N LEU B 278 22.76 6.31 -41.03
CA LEU B 278 22.76 4.98 -41.65
C LEU B 278 22.01 5.02 -42.99
N LYS B 279 22.53 5.83 -43.91
CA LYS B 279 21.80 6.13 -45.14
C LYS B 279 21.81 4.97 -46.13
N ASP B 280 22.91 4.23 -46.24
CA ASP B 280 23.00 3.16 -47.22
C ASP B 280 23.53 1.90 -46.53
N ILE B 281 22.61 1.13 -45.95
CA ILE B 281 22.91 -0.18 -45.38
C ILE B 281 21.79 -1.12 -45.81
N ASP B 282 22.16 -2.28 -46.36
CA ASP B 282 21.16 -3.24 -46.80
C ASP B 282 20.40 -3.80 -45.61
N GLY B 283 19.09 -3.59 -45.59
CA GLY B 283 18.26 -3.96 -44.47
C GLY B 283 17.81 -2.81 -43.61
N ILE B 284 17.94 -1.57 -44.08
CA ILE B 284 17.70 -0.40 -43.25
C ILE B 284 16.74 0.54 -43.97
N PRO B 285 15.68 1.00 -43.33
CA PRO B 285 14.78 1.96 -43.98
C PRO B 285 15.43 3.31 -44.19
N ASN B 286 15.01 3.98 -45.25
CA ASN B 286 15.51 5.30 -45.61
C ASN B 286 14.41 6.33 -45.45
N VAL B 287 14.75 7.48 -44.85
CA VAL B 287 13.79 8.56 -44.71
C VAL B 287 13.60 9.22 -46.06
N PHE B 288 12.36 9.23 -46.55
CA PHE B 288 12.05 9.79 -47.86
C PHE B 288 11.34 11.13 -47.81
N TRP B 289 10.64 11.44 -46.72
CA TRP B 289 9.98 12.74 -46.59
C TRP B 289 9.84 13.06 -45.11
N TYR B 290 10.16 14.29 -44.74
CA TYR B 290 10.00 14.74 -43.36
C TYR B 290 9.59 16.20 -43.37
N GLY B 291 8.46 16.50 -42.74
CA GLY B 291 7.98 17.86 -42.68
C GLY B 291 6.71 17.93 -41.86
N LYS B 292 6.37 19.15 -41.46
CA LYS B 292 5.21 19.42 -40.63
C LYS B 292 4.02 19.83 -41.49
N LEU B 293 2.89 19.17 -41.28
CA LEU B 293 1.63 19.53 -41.91
C LEU B 293 0.68 19.97 -40.80
N TRP B 294 0.14 21.20 -40.93
CA TRP B 294 -0.59 21.93 -39.90
C TRP B 294 0.27 22.03 -38.65
N GLU B 295 0.10 21.09 -37.71
CA GLU B 295 0.90 21.05 -36.50
C GLU B 295 1.50 19.68 -36.27
N HIS B 296 1.15 18.70 -37.08
CA HIS B 296 1.64 17.33 -36.95
C HIS B 296 2.76 17.13 -37.96
N ASN B 297 3.93 16.72 -37.47
CA ASN B 297 5.04 16.40 -38.35
C ASN B 297 5.03 14.91 -38.72
N PHE B 298 5.44 14.62 -39.95
CA PHE B 298 5.33 13.28 -40.52
C PHE B 298 6.70 12.80 -41.00
N LEU B 299 6.95 11.51 -40.83
CA LEU B 299 8.18 10.88 -41.29
C LEU B 299 7.83 9.79 -42.30
N GLY B 300 8.44 9.87 -43.49
CA GLY B 300 8.23 8.84 -44.48
C GLY B 300 9.43 7.93 -44.61
N VAL B 301 9.33 6.73 -44.05
CA VAL B 301 10.41 5.76 -44.08
C VAL B 301 10.11 4.74 -45.17
N GLU B 302 11.13 4.02 -45.60
CA GLU B 302 10.99 3.03 -46.65
C GLU B 302 10.22 1.83 -46.13
N LYS B 303 9.23 1.39 -46.91
CA LYS B 303 8.44 0.22 -46.53
C LYS B 303 9.26 -1.04 -46.78
N MET B 304 9.87 -1.57 -45.72
CA MET B 304 10.58 -2.83 -45.81
C MET B 304 9.59 -3.97 -45.82
N ASP B 305 9.72 -4.86 -46.80
CA ASP B 305 8.79 -5.97 -46.93
C ASP B 305 9.10 -7.04 -45.89
N GLY B 306 8.15 -7.96 -45.70
CA GLY B 306 8.39 -9.10 -44.87
C GLY B 306 7.46 -9.22 -43.66
N ILE B 307 7.20 -10.45 -43.26
CA ILE B 307 6.43 -10.76 -42.06
C ILE B 307 7.37 -10.63 -40.87
N PRO B 308 6.87 -10.39 -39.64
CA PRO B 308 7.76 -10.31 -38.49
C PRO B 308 8.42 -11.64 -38.14
N LEU B 309 9.31 -11.57 -37.15
CA LEU B 309 10.15 -12.73 -36.83
C LEU B 309 9.36 -13.85 -36.16
N ASN B 310 8.34 -13.51 -35.35
CA ASN B 310 7.52 -14.55 -34.74
C ASN B 310 6.66 -15.26 -35.79
N HIS B 311 6.17 -14.53 -36.78
CA HIS B 311 5.38 -15.14 -37.85
C HIS B 311 6.26 -16.02 -38.74
N TRP B 312 7.46 -15.54 -39.08
CA TRP B 312 8.40 -16.33 -39.86
C TRP B 312 8.83 -17.58 -39.10
N LEU B 313 8.99 -17.46 -37.79
CA LEU B 313 9.30 -18.61 -36.96
C LEU B 313 8.14 -19.61 -36.94
N THR B 314 6.90 -19.10 -36.83
CA THR B 314 5.74 -19.98 -36.78
C THR B 314 5.55 -20.74 -38.10
N LYS B 315 5.87 -20.11 -39.23
CA LYS B 315 5.87 -20.87 -40.48
C LYS B 315 7.09 -21.77 -40.61
N ASN B 316 8.22 -21.44 -39.96
CA ASN B 316 9.46 -22.13 -40.25
C ASN B 316 10.12 -22.89 -39.10
N TYR B 317 9.66 -22.73 -37.84
CA TYR B 317 10.30 -23.55 -36.82
C TYR B 317 9.78 -24.98 -36.89
N PRO B 318 10.62 -25.98 -36.64
CA PRO B 318 10.14 -27.37 -36.57
C PRO B 318 9.35 -27.61 -35.29
N LEU B 319 8.07 -27.23 -35.30
CA LEU B 319 7.21 -27.47 -34.14
C LEU B 319 6.97 -28.97 -33.93
N TYR B 320 6.74 -29.71 -35.01
CA TYR B 320 6.39 -31.13 -34.90
C TYR B 320 7.51 -32.04 -35.38
N ASP B 321 7.94 -31.90 -36.63
CA ASP B 321 8.91 -32.80 -37.24
C ASP B 321 9.95 -31.98 -37.99
N SER B 322 10.93 -32.67 -38.56
CA SER B 322 11.88 -32.08 -39.48
C SER B 322 11.49 -32.30 -40.93
N LYS B 323 10.30 -32.86 -41.18
CA LYS B 323 9.83 -33.13 -42.54
C LYS B 323 9.41 -31.83 -43.20
N GLY B 324 10.07 -31.48 -44.29
CA GLY B 324 9.86 -30.21 -44.97
C GLY B 324 10.73 -29.09 -44.44
N LYS B 325 10.85 -28.98 -43.12
CA LYS B 325 11.70 -27.99 -42.48
C LYS B 325 13.08 -28.58 -42.19
N GLU B 326 13.70 -29.13 -43.23
CA GLU B 326 14.96 -29.84 -43.11
C GLU B 326 16.18 -28.94 -43.30
N LYS B 327 15.97 -27.65 -43.52
CA LYS B 327 17.07 -26.69 -43.67
C LYS B 327 16.82 -25.46 -42.82
N TYR B 328 16.26 -25.64 -41.62
CA TYR B 328 15.89 -24.51 -40.79
C TYR B 328 17.10 -23.84 -40.16
N LEU B 329 18.08 -24.63 -39.70
CA LEU B 329 19.20 -24.07 -38.94
C LEU B 329 20.14 -23.26 -39.82
N TYR B 330 20.30 -23.66 -41.09
CA TYR B 330 21.12 -22.89 -42.02
C TYR B 330 20.51 -21.52 -42.30
N ARG B 331 19.19 -21.48 -42.53
CA ARG B 331 18.49 -20.22 -42.76
C ARG B 331 18.47 -19.35 -41.51
N ALA B 332 18.31 -19.96 -40.33
CA ALA B 332 18.34 -19.21 -39.08
C ALA B 332 19.74 -18.64 -38.80
N LYS B 333 20.79 -19.39 -39.15
CA LYS B 333 22.15 -18.88 -39.05
C LYS B 333 22.36 -17.69 -39.98
N ASN B 334 21.83 -17.77 -41.21
CA ASN B 334 21.93 -16.66 -42.14
C ASN B 334 21.18 -15.42 -41.65
N ILE B 335 19.99 -15.62 -41.08
CA ILE B 335 19.22 -14.50 -40.52
C ILE B 335 19.95 -13.87 -39.35
N LEU B 336 20.53 -14.70 -38.48
CA LEU B 336 21.26 -14.18 -37.33
C LEU B 336 22.53 -13.43 -37.74
N LYS B 337 23.25 -13.94 -38.74
CA LYS B 337 24.41 -13.23 -39.27
C LYS B 337 24.02 -11.93 -39.96
N GLN B 338 22.87 -11.89 -40.63
CA GLN B 338 22.35 -10.64 -41.18
C GLN B 338 22.03 -9.62 -40.10
N LEU B 339 21.48 -10.06 -38.96
CA LEU B 339 21.26 -9.13 -37.85
C LEU B 339 22.57 -8.64 -37.23
N ILE B 340 23.54 -9.54 -37.09
CA ILE B 340 24.83 -9.18 -36.50
C ILE B 340 25.57 -8.17 -37.38
N SER B 341 25.55 -8.37 -38.70
CA SER B 341 26.18 -7.42 -39.62
C SER B 341 25.50 -6.05 -39.57
N ILE B 342 24.16 -6.03 -39.52
CA ILE B 342 23.43 -4.77 -39.55
C ILE B 342 23.66 -3.98 -38.26
N VAL B 343 23.36 -4.57 -37.10
CA VAL B 343 23.80 -3.87 -35.90
C VAL B 343 25.15 -4.47 -35.45
N GLU B 344 26.14 -4.32 -36.33
CA GLU B 344 27.51 -3.97 -35.99
C GLU B 344 28.06 -2.91 -36.93
N ARG B 345 27.50 -2.76 -38.12
CA ARG B 345 27.73 -1.58 -38.95
C ARG B 345 27.00 -0.36 -38.42
N ALA B 346 25.92 -0.56 -37.66
CA ALA B 346 25.27 0.55 -36.98
C ALA B 346 26.05 1.08 -35.78
N HIS B 347 26.81 0.23 -35.10
CA HIS B 347 27.58 0.65 -33.94
C HIS B 347 28.86 1.37 -34.31
N LYS B 348 29.36 1.17 -35.54
CA LYS B 348 30.52 1.91 -36.00
C LYS B 348 30.19 3.38 -36.22
N HIS B 349 28.93 3.69 -36.55
CA HIS B 349 28.48 5.05 -36.75
C HIS B 349 27.94 5.69 -35.48
N SER B 350 28.18 5.06 -34.32
CA SER B 350 27.71 5.51 -33.00
C SER B 350 26.19 5.65 -32.96
N VAL B 351 25.51 4.66 -33.52
CA VAL B 351 24.04 4.63 -33.55
C VAL B 351 23.61 3.35 -32.85
N TYR B 352 22.80 3.48 -31.81
CA TYR B 352 22.40 2.36 -30.97
C TYR B 352 20.88 2.23 -30.99
N HIS B 353 20.38 1.03 -31.33
CA HIS B 353 18.96 0.85 -31.58
C HIS B 353 18.14 0.89 -30.30
N GLN B 354 18.62 0.25 -29.23
CA GLN B 354 18.07 0.22 -27.87
C GLN B 354 16.71 -0.47 -27.76
N ASP B 355 16.16 -1.01 -28.85
CA ASP B 355 14.93 -1.80 -28.76
C ASP B 355 14.97 -2.86 -29.86
N ILE B 356 15.52 -4.02 -29.53
CA ILE B 356 15.65 -5.12 -30.49
C ILE B 356 14.85 -6.29 -29.92
N HIS B 357 13.71 -6.56 -30.52
CA HIS B 357 12.89 -7.71 -30.18
C HIS B 357 12.28 -8.26 -31.46
N PHE B 358 11.49 -9.33 -31.32
CA PHE B 358 10.99 -10.09 -32.47
C PHE B 358 9.99 -9.31 -33.34
N GLY B 359 9.48 -8.18 -32.87
CA GLY B 359 8.61 -7.37 -33.69
C GLY B 359 9.35 -6.39 -34.59
N ASN B 360 10.62 -6.13 -34.30
CA ASN B 360 11.42 -5.16 -35.04
C ASN B 360 12.26 -5.80 -36.15
N ILE B 361 12.19 -7.12 -36.31
CA ILE B 361 12.85 -7.82 -37.41
C ILE B 361 11.80 -8.35 -38.36
N LEU B 362 11.94 -8.02 -39.65
CA LEU B 362 11.07 -8.50 -40.71
C LEU B 362 11.88 -9.37 -41.65
N ILE B 363 11.33 -10.52 -42.03
CA ILE B 363 11.99 -11.47 -42.92
C ILE B 363 11.19 -11.61 -44.21
N ASP B 364 11.86 -11.46 -45.35
CA ASP B 364 11.24 -11.64 -46.64
C ASP B 364 10.99 -13.12 -46.93
N ARG B 365 10.42 -13.40 -48.10
CA ARG B 365 10.32 -14.75 -48.60
C ARG B 365 11.66 -15.29 -49.10
N SER B 366 12.63 -14.41 -49.36
CA SER B 366 13.97 -14.80 -49.78
C SER B 366 14.97 -14.72 -48.64
N ASP B 367 14.48 -14.64 -47.40
CA ASP B 367 15.27 -14.58 -46.16
C ASP B 367 16.21 -13.38 -46.15
N ARG B 368 15.62 -12.19 -46.18
CA ARG B 368 16.34 -10.92 -46.05
C ARG B 368 15.83 -10.20 -44.81
N LEU B 369 16.74 -9.75 -43.97
CA LEU B 369 16.37 -9.15 -42.69
C LEU B 369 16.29 -7.63 -42.81
N SER B 370 15.33 -7.05 -42.09
CA SER B 370 15.20 -5.61 -41.96
C SER B 370 14.98 -5.26 -40.50
N LEU B 371 15.64 -4.19 -40.04
CA LEU B 371 15.53 -3.72 -38.67
C LEU B 371 14.80 -2.38 -38.67
N ILE B 372 13.68 -2.31 -37.95
CA ILE B 372 12.80 -1.14 -37.98
C ILE B 372 12.62 -0.58 -36.57
N ASP B 373 11.77 0.45 -36.46
CA ASP B 373 11.38 1.10 -35.20
C ASP B 373 12.59 1.69 -34.47
N TRP B 374 13.18 2.71 -35.11
CA TRP B 374 14.32 3.44 -34.54
C TRP B 374 13.91 4.62 -33.69
N GLU B 375 12.76 4.54 -33.03
CA GLU B 375 12.27 5.63 -32.19
C GLU B 375 13.17 5.86 -30.98
N GLN B 376 13.68 4.79 -30.37
CA GLN B 376 14.40 4.88 -29.10
C GLN B 376 15.92 4.90 -29.29
N VAL B 377 16.39 5.55 -30.34
CA VAL B 377 17.80 5.51 -30.70
C VAL B 377 18.62 6.41 -29.77
N ARG B 378 19.81 5.94 -29.40
CA ARG B 378 20.81 6.73 -28.71
C ARG B 378 22.03 6.91 -29.61
N PHE B 379 22.81 7.96 -29.34
CA PHE B 379 23.90 8.35 -30.21
C PHE B 379 25.25 8.45 -29.53
N ASP B 380 25.29 8.56 -28.21
CA ASP B 380 26.54 8.76 -27.48
C ASP B 380 26.66 7.68 -26.42
N ASN B 381 27.67 6.82 -26.54
CA ASN B 381 27.77 5.62 -25.71
C ASN B 381 28.02 5.93 -24.24
N SER B 382 29.29 6.12 -23.86
CA SER B 382 29.81 6.99 -22.80
C SER B 382 29.20 6.91 -21.39
N LYS B 383 28.11 6.17 -21.18
CA LYS B 383 27.30 6.25 -19.97
C LYS B 383 26.57 4.94 -19.76
N MET B 384 26.34 4.60 -18.50
CA MET B 384 25.45 3.50 -18.14
C MET B 384 24.02 4.01 -18.18
N VAL B 385 23.28 3.66 -19.23
CA VAL B 385 21.98 4.24 -19.50
C VAL B 385 20.89 3.24 -19.14
N GLU B 386 19.65 3.73 -19.14
CA GLU B 386 18.47 2.92 -18.82
C GLU B 386 17.64 2.72 -20.07
N GLN B 387 17.31 1.46 -20.35
CA GLN B 387 16.44 1.16 -21.48
C GLN B 387 15.01 1.55 -21.13
N LYS B 388 14.43 2.47 -21.91
CA LYS B 388 13.20 3.13 -21.51
C LYS B 388 12.00 2.21 -21.66
N MET B 389 11.70 1.80 -22.88
CA MET B 389 10.56 0.91 -23.16
C MET B 389 11.06 -0.24 -23.99
N ALA B 390 11.13 -1.42 -23.39
CA ALA B 390 11.62 -2.63 -24.05
C ALA B 390 10.57 -3.73 -23.94
N ALA B 391 10.56 -4.60 -24.95
CA ALA B 391 9.68 -5.76 -24.90
C ALA B 391 10.13 -6.71 -23.79
N PRO B 392 9.20 -7.33 -23.08
CA PRO B 392 9.59 -8.20 -21.95
C PRO B 392 10.26 -9.48 -22.44
N GLY B 393 11.41 -9.78 -21.86
CA GLY B 393 12.26 -10.86 -22.32
C GLY B 393 13.46 -10.40 -23.12
N TYR B 394 13.44 -9.16 -23.62
CA TYR B 394 14.51 -8.65 -24.45
C TYR B 394 15.25 -7.47 -23.85
N GLY B 395 14.67 -6.79 -22.86
CA GLY B 395 15.35 -5.67 -22.25
C GLY B 395 16.48 -6.13 -21.33
N SER B 396 17.51 -5.30 -21.26
CA SER B 396 18.67 -5.60 -20.43
C SER B 396 18.31 -5.52 -18.96
N TRP B 397 18.99 -6.33 -18.15
CA TRP B 397 18.66 -6.44 -16.73
C TRP B 397 19.13 -5.23 -15.94
N ILE B 398 20.26 -4.63 -16.32
CA ILE B 398 20.92 -3.60 -15.54
C ILE B 398 21.08 -2.34 -16.36
N ASP B 399 21.56 -1.28 -15.70
CA ASP B 399 21.88 -0.02 -16.34
C ASP B 399 23.25 -0.17 -17.00
N ASP B 400 23.27 -0.35 -18.31
CA ASP B 400 24.49 -0.64 -19.03
C ASP B 400 24.71 0.40 -20.13
N TYR B 401 25.79 0.22 -20.88
CA TYR B 401 26.10 1.11 -22.00
C TYR B 401 25.09 0.88 -23.13
N PRO B 402 24.88 1.90 -23.97
CA PRO B 402 24.09 1.68 -25.19
C PRO B 402 24.69 0.66 -26.16
N SER B 403 25.99 0.45 -26.14
CA SER B 403 26.61 -0.51 -27.04
C SER B 403 26.34 -1.95 -26.64
N LYS B 404 25.96 -2.22 -25.40
CA LYS B 404 25.71 -3.58 -24.95
C LYS B 404 24.24 -3.94 -24.89
N ILE B 405 23.34 -2.95 -24.91
CA ILE B 405 21.91 -3.22 -24.91
C ILE B 405 21.46 -3.82 -26.24
N ASP B 406 22.01 -3.31 -27.35
CA ASP B 406 21.74 -3.91 -28.65
C ASP B 406 22.30 -5.32 -28.76
N TRP B 407 23.48 -5.58 -28.19
CA TRP B 407 24.03 -6.92 -28.23
C TRP B 407 23.29 -7.89 -27.32
N TYR B 408 22.71 -7.40 -26.21
CA TYR B 408 21.80 -8.22 -25.43
C TYR B 408 20.55 -8.56 -26.22
N GLY B 409 20.01 -7.59 -26.96
CA GLY B 409 18.87 -7.87 -27.83
C GLY B 409 19.18 -8.87 -28.92
N VAL B 410 20.37 -8.78 -29.51
CA VAL B 410 20.79 -9.72 -30.54
C VAL B 410 21.00 -11.11 -29.94
N LYS B 411 21.53 -11.18 -28.71
CA LYS B 411 21.67 -12.46 -28.02
C LYS B 411 20.32 -13.11 -27.76
N GLN B 412 19.33 -12.33 -27.33
CA GLN B 412 18.00 -12.89 -27.13
C GLN B 412 17.30 -13.26 -28.43
N ILE B 413 17.55 -12.55 -29.53
CA ILE B 413 17.06 -12.98 -30.84
C ILE B 413 17.73 -14.29 -31.26
N ALA B 414 19.03 -14.43 -30.97
CA ALA B 414 19.77 -15.64 -31.27
C ALA B 414 19.22 -16.84 -30.50
N HIS B 415 18.88 -16.64 -29.23
CA HIS B 415 18.25 -17.70 -28.47
C HIS B 415 16.81 -17.95 -28.90
N TYR B 416 16.11 -16.92 -29.38
CA TYR B 416 14.75 -17.08 -29.91
C TYR B 416 14.72 -17.93 -31.17
N LEU B 417 15.67 -17.72 -32.07
CA LEU B 417 15.75 -18.50 -33.30
C LEU B 417 16.17 -19.95 -33.05
N TYR B 418 16.70 -20.27 -31.88
CA TYR B 418 17.22 -21.59 -31.58
C TYR B 418 16.33 -22.37 -30.62
N PHE B 419 15.62 -21.66 -29.73
CA PHE B 419 14.52 -22.20 -28.94
C PHE B 419 13.56 -21.08 -28.53
N PRO B 420 12.32 -21.10 -29.02
CA PRO B 420 11.45 -19.92 -28.88
C PRO B 420 10.85 -19.70 -27.50
N LEU B 421 11.67 -19.69 -26.45
CA LEU B 421 11.24 -19.35 -25.10
C LEU B 421 12.18 -18.28 -24.57
N ILE B 422 11.75 -17.02 -24.68
CA ILE B 422 12.58 -15.88 -24.30
C ILE B 422 11.99 -15.10 -23.12
N GLU B 423 10.67 -15.10 -22.95
CA GLU B 423 10.00 -14.31 -21.92
C GLU B 423 10.32 -14.76 -20.49
N GLN B 424 10.91 -15.93 -20.30
CA GLN B 424 11.36 -16.37 -18.99
C GLN B 424 12.81 -15.99 -18.71
N THR B 425 13.53 -15.44 -19.68
CA THR B 425 14.87 -14.94 -19.43
C THR B 425 14.88 -13.59 -18.75
N SER B 426 13.74 -12.89 -18.75
CA SER B 426 13.57 -11.66 -17.99
C SER B 426 13.19 -11.91 -16.54
N LEU B 427 12.86 -13.15 -16.20
CA LEU B 427 12.51 -13.56 -14.85
C LEU B 427 13.58 -14.40 -14.18
N VAL B 428 14.16 -15.35 -14.90
CA VAL B 428 15.21 -16.22 -14.38
C VAL B 428 16.49 -15.92 -15.14
N LEU B 429 17.52 -15.50 -14.40
CA LEU B 429 18.81 -15.25 -15.03
C LEU B 429 19.50 -16.58 -15.32
N GLY B 430 19.91 -16.76 -16.58
CA GLY B 430 20.50 -18.00 -17.01
C GLY B 430 19.55 -19.00 -17.64
N TYR B 431 18.33 -18.57 -17.98
CA TYR B 431 17.37 -19.45 -18.63
C TYR B 431 17.75 -19.78 -20.06
N ASP B 432 18.52 -18.88 -20.71
CA ASP B 432 18.99 -19.14 -22.07
C ASP B 432 20.00 -20.29 -22.13
N GLN B 433 20.67 -20.60 -21.02
CA GLN B 433 21.48 -21.80 -20.93
C GLN B 433 20.67 -23.02 -20.49
N GLN B 434 19.55 -22.80 -19.80
CA GLN B 434 18.65 -23.91 -19.47
C GLN B 434 18.00 -24.48 -20.73
N THR B 435 17.51 -23.62 -21.62
CA THR B 435 16.89 -24.10 -22.84
C THR B 435 17.88 -24.43 -23.94
N PHE B 436 19.15 -24.06 -23.77
CA PHE B 436 20.19 -24.37 -24.76
C PHE B 436 20.41 -25.87 -24.90
N LYS B 437 20.49 -26.59 -23.79
CA LYS B 437 20.66 -28.04 -23.82
C LYS B 437 19.41 -28.73 -24.34
N VAL B 438 18.23 -28.20 -24.00
CA VAL B 438 16.98 -28.77 -24.50
C VAL B 438 16.87 -28.62 -26.01
N ALA B 439 17.28 -27.45 -26.53
CA ALA B 439 17.26 -27.25 -27.96
C ALA B 439 18.30 -28.10 -28.67
N HIS B 440 19.46 -28.32 -28.03
CA HIS B 440 20.45 -29.23 -28.59
C HIS B 440 19.92 -30.66 -28.66
N ARG B 441 19.26 -31.12 -27.60
CA ARG B 441 18.69 -32.47 -27.60
C ARG B 441 17.57 -32.60 -28.63
N ASN B 442 16.74 -31.56 -28.77
CA ASN B 442 15.67 -31.60 -29.76
C ASN B 442 16.21 -31.57 -31.18
N PHE B 443 17.28 -30.81 -31.42
CA PHE B 443 17.81 -30.70 -32.77
C PHE B 443 18.73 -31.85 -33.15
N VAL B 444 19.20 -32.65 -32.18
CA VAL B 444 19.82 -33.92 -32.53
C VAL B 444 18.81 -35.06 -32.56
N GLU B 445 17.65 -34.91 -31.92
CA GLU B 445 16.63 -35.94 -31.98
C GLU B 445 15.88 -35.95 -33.31
N MET B 446 15.73 -34.77 -33.94
CA MET B 446 15.00 -34.70 -35.21
C MET B 446 15.80 -35.32 -36.35
N GLY B 447 17.12 -35.18 -36.33
CA GLY B 447 17.96 -35.68 -37.38
C GLY B 447 18.75 -34.62 -38.13
N TYR B 448 19.00 -33.47 -37.54
CA TYR B 448 19.74 -32.42 -38.21
C TYR B 448 21.23 -32.77 -38.27
N SER B 449 21.93 -32.15 -39.23
CA SER B 449 23.36 -32.33 -39.35
C SER B 449 24.08 -31.67 -38.18
N ASP B 450 25.18 -32.29 -37.76
CA ASP B 450 25.93 -31.79 -36.61
C ASP B 450 26.66 -30.50 -36.96
N THR B 451 27.01 -30.30 -38.22
CA THR B 451 27.68 -29.05 -38.62
C THR B 451 26.75 -27.85 -38.56
N ASP B 452 25.44 -28.05 -38.82
CA ASP B 452 24.49 -26.95 -38.73
C ASP B 452 24.27 -26.53 -37.28
N ILE B 453 24.13 -27.50 -36.38
CA ILE B 453 23.99 -27.21 -34.96
C ILE B 453 25.26 -26.58 -34.41
N LYS B 454 26.43 -27.06 -34.86
CA LYS B 454 27.70 -26.49 -34.41
C LYS B 454 27.87 -25.06 -34.90
N ASN B 455 27.51 -24.79 -36.15
CA ASN B 455 27.63 -23.44 -36.70
C ASN B 455 26.64 -22.48 -36.07
N MET B 456 25.46 -22.97 -35.66
CA MET B 456 24.53 -22.13 -34.91
C MET B 456 25.06 -21.84 -33.51
N GLU B 457 25.56 -22.88 -32.82
CA GLU B 457 25.94 -22.75 -31.43
C GLU B 457 27.23 -21.96 -31.24
N VAL B 458 28.13 -21.99 -32.23
CA VAL B 458 29.33 -21.16 -32.18
C VAL B 458 28.96 -19.68 -32.21
N ILE B 459 28.01 -19.31 -33.07
CA ILE B 459 27.57 -17.92 -33.18
C ILE B 459 26.82 -17.48 -31.93
N ILE B 460 25.99 -18.39 -31.37
CA ILE B 460 25.26 -18.08 -30.14
C ILE B 460 26.23 -17.92 -28.96
N ASN B 461 27.23 -18.79 -28.86
CA ASN B 461 28.23 -18.72 -27.80
C ASN B 461 29.18 -17.54 -27.95
N ALA B 462 29.38 -17.06 -29.18
CA ALA B 462 30.13 -15.84 -29.41
C ALA B 462 29.32 -14.59 -29.11
N LEU B 463 28.00 -14.65 -29.27
CA LEU B 463 27.11 -13.56 -28.83
C LEU B 463 26.93 -13.53 -27.32
N ASP B 464 27.06 -14.68 -26.66
CA ASP B 464 26.99 -14.72 -25.20
C ASP B 464 28.17 -13.98 -24.55
N ASN B 465 29.33 -13.98 -25.19
CA ASN B 465 30.51 -13.30 -24.66
C ASN B 465 30.60 -11.84 -25.09
N LYS B 466 29.73 -11.39 -25.99
CA LYS B 466 29.69 -10.00 -26.40
C LYS B 466 28.83 -9.14 -25.47
N CYS B 467 28.13 -9.75 -24.53
CA CYS B 467 27.27 -9.05 -23.60
C CYS B 467 28.01 -8.79 -22.30
N SER B 468 27.28 -8.31 -21.30
CA SER B 468 27.85 -7.98 -19.99
C SER B 468 27.48 -9.04 -18.98
N THR B 469 28.47 -9.49 -18.23
CA THR B 469 28.26 -10.42 -17.12
C THR B 469 28.18 -9.63 -15.83
N PHE B 470 27.07 -9.76 -15.12
CA PHE B 470 26.82 -8.99 -13.91
C PHE B 470 26.43 -9.94 -12.78
N ASP B 471 26.39 -9.38 -11.58
CA ASP B 471 25.93 -10.11 -10.40
C ASP B 471 24.48 -9.73 -10.12
N ASN B 472 23.62 -10.74 -10.05
CA ASN B 472 22.19 -10.52 -9.86
C ASN B 472 21.92 -9.98 -8.47
N LEU B 473 21.33 -8.79 -8.40
CA LEU B 473 21.05 -8.12 -7.14
C LEU B 473 19.58 -7.78 -6.96
N SER B 474 18.73 -8.10 -7.94
CA SER B 474 17.32 -7.76 -7.88
C SER B 474 16.56 -8.73 -6.97
N GLU B 475 15.24 -8.56 -6.91
CA GLU B 475 14.44 -9.43 -6.05
C GLU B 475 14.21 -10.80 -6.68
N LYS B 476 14.42 -10.93 -7.99
CA LYS B 476 14.25 -12.19 -8.69
C LYS B 476 15.56 -12.95 -8.86
N LYS B 477 16.49 -12.80 -7.93
CA LYS B 477 17.70 -13.61 -7.91
C LYS B 477 17.54 -14.88 -7.09
N ILE B 478 16.40 -15.06 -6.43
CA ILE B 478 16.12 -16.32 -5.75
C ILE B 478 15.74 -17.41 -6.74
N LEU B 479 15.40 -17.02 -7.97
CA LEU B 479 15.04 -17.98 -9.01
C LEU B 479 16.30 -18.38 -9.77
N LYS B 480 16.62 -19.67 -9.75
CA LYS B 480 17.78 -20.21 -10.42
C LYS B 480 17.33 -21.14 -11.55
N PRO B 481 18.11 -21.26 -12.62
CA PRO B 481 17.75 -22.20 -13.69
C PRO B 481 18.03 -23.64 -13.29
N CYS B 482 17.61 -24.59 -14.14
CA CYS B 482 17.84 -26.01 -13.91
C CYS B 482 18.97 -26.45 -14.84
N LEU B 483 20.20 -26.30 -14.38
CA LEU B 483 21.35 -26.67 -15.19
C LEU B 483 21.54 -28.19 -15.21
N ASN B 484 21.23 -28.86 -14.11
CA ASN B 484 21.38 -30.31 -14.02
C ASN B 484 20.04 -30.97 -14.32
N ASN B 485 20.05 -31.90 -15.27
CA ASN B 485 18.86 -32.68 -15.61
C ASN B 485 18.70 -33.82 -14.62
N LEU B 486 17.49 -33.97 -14.08
CA LEU B 486 17.21 -35.03 -13.14
C LEU B 486 17.18 -36.38 -13.84
N VAL B 487 17.71 -37.40 -13.16
CA VAL B 487 17.70 -38.76 -13.66
C VAL B 487 16.58 -39.52 -12.96
N ILE B 488 15.59 -39.95 -13.73
CA ILE B 488 14.41 -40.64 -13.20
C ILE B 488 14.54 -42.11 -13.55
N ASN B 489 14.71 -42.95 -12.53
CA ASN B 489 14.84 -44.39 -12.72
C ASN B 489 13.86 -45.21 -11.89
N SER B 490 13.29 -44.64 -10.82
CA SER B 490 12.40 -45.38 -9.95
C SER B 490 11.32 -44.44 -9.44
N LYS B 491 10.45 -44.97 -8.58
CA LYS B 491 9.36 -44.17 -8.03
C LYS B 491 9.87 -43.18 -6.98
N ALA B 492 11.02 -43.46 -6.37
CA ALA B 492 11.61 -42.53 -5.42
C ALA B 492 12.08 -41.25 -6.11
N ASP B 493 12.58 -41.38 -7.35
CA ASP B 493 12.98 -40.21 -8.11
C ASP B 493 11.78 -39.37 -8.54
N ILE B 494 10.64 -40.02 -8.78
CA ILE B 494 9.41 -39.29 -9.08
C ILE B 494 8.89 -38.59 -7.83
N ASN B 495 8.98 -39.28 -6.69
CA ASN B 495 8.52 -38.70 -5.43
C ASN B 495 9.40 -37.54 -4.99
N ASP B 496 10.69 -37.57 -5.30
CA ASP B 496 11.57 -36.44 -5.02
C ASP B 496 11.17 -35.21 -5.82
N PHE B 497 10.85 -35.41 -7.11
CA PHE B 497 10.37 -34.30 -7.95
C PHE B 497 9.04 -33.75 -7.44
N ALA B 498 8.13 -34.63 -7.02
CA ALA B 498 6.84 -34.19 -6.53
C ALA B 498 6.97 -33.43 -5.20
N SER B 499 7.87 -33.89 -4.32
CA SER B 499 8.11 -33.17 -3.08
C SER B 499 8.78 -31.83 -3.33
N ARG B 500 9.66 -31.74 -4.35
CA ARG B 500 10.24 -30.45 -4.70
C ARG B 500 9.19 -29.50 -5.27
N LEU B 501 8.24 -30.01 -6.06
CA LEU B 501 7.13 -29.19 -6.54
C LEU B 501 6.29 -28.67 -5.38
N GLY B 502 5.97 -29.55 -4.42
CA GLY B 502 5.23 -29.13 -3.24
C GLY B 502 5.96 -28.16 -2.35
N LYS B 503 7.29 -28.28 -2.26
CA LYS B 503 8.07 -27.31 -1.48
C LYS B 503 8.13 -25.96 -2.17
N GLY B 504 8.36 -25.94 -3.49
CA GLY B 504 8.43 -24.69 -4.21
C GLY B 504 7.11 -23.95 -4.26
N LEU B 505 5.99 -24.70 -4.34
CA LEU B 505 4.66 -24.10 -4.33
C LEU B 505 4.40 -23.34 -3.03
N LEU B 506 4.71 -23.97 -1.89
CA LEU B 506 4.48 -23.31 -0.61
C LEU B 506 5.48 -22.21 -0.34
N THR B 507 6.72 -22.33 -0.84
CA THR B 507 7.69 -21.25 -0.71
C THR B 507 7.22 -20.00 -1.46
N ILE B 508 6.76 -20.18 -2.69
CA ILE B 508 6.30 -19.04 -3.50
C ILE B 508 5.01 -18.46 -2.93
N SER B 509 4.12 -19.32 -2.41
CA SER B 509 2.90 -18.85 -1.76
C SER B 509 3.20 -18.05 -0.50
N ASP B 510 4.16 -18.51 0.31
CA ASP B 510 4.52 -17.79 1.52
C ASP B 510 5.17 -16.45 1.21
N GLU B 511 5.98 -16.39 0.15
CA GLU B 511 6.62 -15.12 -0.19
C GLU B 511 5.62 -14.14 -0.82
N TRP B 512 4.63 -14.66 -1.56
CA TRP B 512 3.54 -13.82 -2.07
C TRP B 512 2.69 -13.27 -0.93
N LYS B 513 2.39 -14.11 0.06
CA LYS B 513 1.62 -13.64 1.22
C LYS B 513 2.43 -12.68 2.07
N ARG B 514 3.76 -12.81 2.05
CA ARG B 514 4.61 -11.85 2.74
C ARG B 514 4.55 -10.49 2.06
N LYS B 515 4.63 -10.47 0.72
CA LYS B 515 4.64 -9.18 0.03
C LYS B 515 3.26 -8.54 -0.03
N TYR B 516 2.21 -9.33 -0.22
CA TYR B 516 0.85 -8.81 -0.39
C TYR B 516 -0.06 -9.42 0.67
N LYS B 517 -0.24 -8.71 1.77
CA LYS B 517 -1.17 -9.14 2.80
C LYS B 517 -2.58 -8.65 2.47
N ASN B 518 -3.57 -9.31 3.11
CA ASN B 518 -5.01 -9.02 2.95
C ASN B 518 -5.44 -9.14 1.48
N LYS B 519 -5.10 -10.26 0.86
CA LYS B 519 -5.34 -10.50 -0.55
C LYS B 519 -5.41 -12.00 -0.77
N ARG B 520 -5.27 -12.43 -2.01
CA ARG B 520 -5.23 -13.85 -2.34
C ARG B 520 -3.99 -14.50 -1.73
N ILE B 521 -4.09 -15.80 -1.47
CA ILE B 521 -3.02 -16.54 -0.82
C ILE B 521 -2.09 -17.18 -1.84
N PHE B 522 -2.25 -16.89 -3.13
CA PHE B 522 -1.52 -17.56 -4.19
C PHE B 522 -1.36 -16.62 -5.37
N PRO B 523 -0.20 -16.62 -6.03
CA PRO B 523 -0.06 -15.84 -7.27
C PRO B 523 -0.63 -16.58 -8.47
N VAL B 524 -1.43 -15.86 -9.25
CA VAL B 524 -2.24 -16.41 -10.32
C VAL B 524 -1.97 -15.58 -11.59
N HIS B 525 -1.93 -16.27 -12.74
CA HIS B 525 -1.86 -15.69 -14.08
C HIS B 525 -2.91 -14.61 -14.29
N TYR B 526 -2.59 -13.65 -15.17
CA TYR B 526 -3.39 -12.43 -15.31
C TYR B 526 -4.75 -12.66 -15.94
N TYR B 527 -4.98 -13.82 -16.57
CA TYR B 527 -6.31 -14.15 -17.09
C TYR B 527 -7.30 -14.47 -15.99
N GLY B 528 -6.84 -14.72 -14.77
CA GLY B 528 -7.72 -15.00 -13.67
C GLY B 528 -7.33 -14.30 -12.38
N LEU B 529 -6.80 -13.08 -12.51
CA LEU B 529 -6.38 -12.34 -11.33
C LEU B 529 -7.56 -11.91 -10.48
N LYS B 530 -8.59 -11.31 -11.08
CA LYS B 530 -9.74 -10.83 -10.34
C LYS B 530 -10.88 -11.84 -10.39
N ILE B 531 -10.56 -13.11 -10.10
CA ILE B 531 -11.53 -14.16 -9.81
C ILE B 531 -10.90 -15.04 -8.74
N ASN B 532 -11.74 -15.68 -7.92
CA ASN B 532 -11.26 -16.60 -6.89
C ASN B 532 -12.10 -17.87 -6.87
N GLN B 533 -12.81 -18.13 -7.97
CA GLN B 533 -13.70 -19.28 -8.08
C GLN B 533 -13.35 -20.05 -9.35
N GLY B 534 -13.79 -21.30 -9.39
CA GLY B 534 -13.61 -22.12 -10.57
C GLY B 534 -12.22 -22.73 -10.67
N ILE B 535 -12.16 -23.88 -11.33
CA ILE B 535 -10.90 -24.63 -11.35
C ILE B 535 -10.13 -24.20 -12.59
N ALA B 536 -9.60 -22.97 -12.58
CA ALA B 536 -8.55 -22.61 -13.51
C ALA B 536 -7.59 -21.66 -12.83
N PHE B 537 -8.12 -20.86 -11.89
CA PHE B 537 -7.42 -19.72 -11.36
C PHE B 537 -7.63 -19.50 -9.86
N SER B 538 -8.35 -20.39 -9.19
CA SER B 538 -8.67 -20.17 -7.79
C SER B 538 -7.59 -20.76 -6.90
N ASP B 539 -7.53 -20.25 -5.67
CA ASP B 539 -6.61 -20.77 -4.67
C ASP B 539 -7.05 -22.12 -4.12
N LEU B 540 -8.35 -22.38 -4.14
CA LEU B 540 -8.89 -23.65 -3.67
C LEU B 540 -8.46 -24.81 -4.57
N GLY B 541 -8.34 -24.58 -5.87
CA GLY B 541 -7.84 -25.60 -6.77
C GLY B 541 -6.38 -25.93 -6.52
N ILE B 542 -5.58 -24.92 -6.21
CA ILE B 542 -4.18 -25.15 -5.85
C ILE B 542 -4.07 -25.89 -4.53
N LEU B 543 -4.96 -25.58 -3.58
CA LEU B 543 -4.98 -26.31 -2.31
C LEU B 543 -5.40 -27.77 -2.50
N LEU B 544 -6.35 -28.02 -3.41
CA LEU B 544 -6.73 -29.39 -3.77
C LEU B 544 -5.58 -30.13 -4.42
N SER B 545 -4.85 -29.46 -5.32
CA SER B 545 -3.69 -30.08 -5.97
C SER B 545 -2.60 -30.39 -4.95
N TYR B 546 -2.39 -29.50 -3.97
CA TYR B 546 -1.43 -29.78 -2.91
C TYR B 546 -1.86 -30.95 -2.04
N LYS B 547 -3.16 -31.06 -1.75
CA LYS B 547 -3.64 -32.18 -0.95
C LYS B 547 -3.48 -33.50 -1.68
N LYS B 548 -3.78 -33.53 -2.97
CA LYS B 548 -3.59 -34.77 -3.74
C LYS B 548 -2.13 -35.04 -4.07
N LEU B 549 -1.25 -34.03 -3.94
CA LEU B 549 0.18 -34.28 -4.00
C LEU B 549 0.70 -34.88 -2.70
N ILE B 550 0.18 -34.41 -1.56
CA ILE B 550 0.54 -34.98 -0.27
C ILE B 550 0.04 -36.42 -0.17
N ASP B 551 -1.15 -36.69 -0.69
CA ASP B 551 -1.71 -38.03 -0.71
C ASP B 551 -1.14 -38.90 -1.83
N LEU B 552 -0.19 -38.37 -2.61
CA LEU B 552 0.52 -39.14 -3.63
C LEU B 552 1.80 -39.78 -3.10
N LEU B 553 2.62 -39.03 -2.38
CA LEU B 553 3.85 -39.53 -1.81
C LEU B 553 3.77 -39.77 -0.31
N SER B 554 2.55 -39.70 0.25
CA SER B 554 2.23 -40.09 1.64
C SER B 554 2.97 -39.25 2.67
N ASP B 555 3.01 -37.94 2.49
CA ASP B 555 3.54 -37.04 3.50
C ASP B 555 2.41 -36.54 4.38
N LYS B 556 2.70 -35.52 5.20
CA LYS B 556 1.71 -34.86 6.02
C LYS B 556 1.51 -33.42 5.54
N VAL B 557 0.52 -32.75 6.16
CA VAL B 557 0.25 -31.36 5.81
C VAL B 557 1.35 -30.46 6.37
N ASP B 558 1.51 -29.30 5.72
CA ASP B 558 2.57 -28.35 6.10
C ASP B 558 2.05 -27.40 7.17
N ASN B 559 1.83 -27.98 8.36
CA ASN B 559 1.49 -27.29 9.60
C ASN B 559 0.20 -26.46 9.51
N SER B 560 0.29 -25.28 8.91
CA SER B 560 -0.84 -24.36 8.83
C SER B 560 -1.72 -24.59 7.62
N TYR B 561 -1.57 -25.73 6.92
CA TYR B 561 -2.36 -26.01 5.72
C TYR B 561 -3.85 -26.12 6.04
N GLU B 562 -4.18 -26.70 7.20
CA GLU B 562 -5.58 -26.84 7.60
C GLU B 562 -6.24 -25.48 7.82
N GLU B 563 -5.51 -24.54 8.44
CA GLU B 563 -6.04 -23.19 8.64
C GLU B 563 -6.13 -22.44 7.31
N ILE B 564 -5.16 -22.67 6.41
CA ILE B 564 -5.20 -22.03 5.09
C ILE B 564 -6.40 -22.50 4.29
N LYS B 565 -6.67 -23.81 4.29
CA LYS B 565 -7.83 -24.32 3.55
C LYS B 565 -9.14 -24.01 4.27
N ASN B 566 -9.13 -23.80 5.58
CA ASN B 566 -10.33 -23.35 6.27
C ASN B 566 -10.69 -21.91 5.91
N LEU B 567 -9.71 -21.01 5.94
CA LEU B 567 -9.99 -19.62 5.56
C LEU B 567 -10.27 -19.48 4.07
N ALA B 568 -9.68 -20.33 3.22
CA ALA B 568 -9.99 -20.29 1.80
C ALA B 568 -11.42 -20.72 1.51
N ILE B 569 -11.87 -21.79 2.18
CA ILE B 569 -13.26 -22.24 2.05
C ILE B 569 -14.22 -21.19 2.60
N GLN B 570 -13.87 -20.58 3.74
CA GLN B 570 -14.73 -19.54 4.32
C GLN B 570 -14.82 -18.31 3.42
N THR B 571 -13.71 -17.95 2.75
CA THR B 571 -13.73 -16.85 1.78
C THR B 571 -14.57 -17.22 0.56
N ALA B 572 -14.52 -18.48 0.15
CA ALA B 572 -15.35 -18.94 -0.98
C ALA B 572 -16.83 -18.91 -0.63
N ILE B 573 -17.17 -19.22 0.63
CA ILE B 573 -18.57 -19.10 1.08
C ILE B 573 -18.99 -17.64 1.14
N ALA B 574 -18.10 -16.76 1.62
CA ALA B 574 -18.44 -15.35 1.76
C ALA B 574 -18.59 -14.67 0.40
N LYS B 575 -17.82 -15.12 -0.60
CA LYS B 575 -17.88 -14.55 -1.95
C LYS B 575 -18.68 -15.43 -2.90
N PHE B 576 -19.67 -16.16 -2.39
CA PHE B 576 -20.47 -17.07 -3.20
C PHE B 576 -21.52 -16.26 -3.94
N ARG B 577 -21.18 -15.84 -5.16
CA ARG B 577 -22.06 -15.00 -5.95
C ARG B 577 -23.04 -15.85 -6.77
N ASP B 578 -23.71 -15.21 -7.73
CA ASP B 578 -24.55 -15.93 -8.67
C ASP B 578 -24.46 -15.39 -10.10
N ASP B 579 -23.58 -14.44 -10.38
CA ASP B 579 -23.42 -13.88 -11.73
C ASP B 579 -22.29 -14.61 -12.46
N SER B 580 -22.48 -15.92 -12.62
CA SER B 580 -21.50 -16.85 -13.14
C SER B 580 -22.11 -18.21 -13.51
N PRO B 581 -22.48 -19.07 -12.51
CA PRO B 581 -22.51 -20.53 -12.72
C PRO B 581 -21.57 -21.13 -13.75
N GLY B 582 -20.30 -21.29 -13.38
CA GLY B 582 -19.33 -21.97 -14.19
C GLY B 582 -18.62 -23.05 -13.40
N LEU B 583 -17.94 -23.94 -14.14
CA LEU B 583 -17.12 -24.97 -13.53
C LEU B 583 -15.69 -24.49 -13.35
N LEU B 584 -15.10 -23.93 -14.41
CA LEU B 584 -13.71 -23.50 -14.33
C LEU B 584 -13.58 -21.99 -14.14
N ASP B 585 -14.69 -21.29 -13.87
CA ASP B 585 -14.61 -19.90 -13.47
C ASP B 585 -15.62 -19.53 -12.39
N GLY B 586 -16.34 -20.51 -11.83
CA GLY B 586 -17.41 -20.20 -10.91
C GLY B 586 -17.56 -21.15 -9.73
N MET B 587 -18.81 -21.42 -9.35
CA MET B 587 -19.10 -22.02 -8.06
C MET B 587 -19.33 -23.52 -8.10
N SER B 588 -19.60 -24.09 -9.27
CA SER B 588 -19.66 -25.55 -9.38
C SER B 588 -18.28 -26.18 -9.20
N GLY B 589 -17.25 -25.55 -9.76
CA GLY B 589 -15.90 -26.01 -9.49
C GLY B 589 -15.46 -25.80 -8.06
N THR B 590 -15.90 -24.69 -7.45
CA THR B 590 -15.61 -24.44 -6.05
C THR B 590 -16.25 -25.50 -5.17
N ILE B 591 -17.50 -25.88 -5.48
CA ILE B 591 -18.15 -26.88 -4.64
C ILE B 591 -17.62 -28.28 -4.94
N TRP B 592 -17.09 -28.54 -6.14
CA TRP B 592 -16.46 -29.82 -6.37
C TRP B 592 -15.11 -29.91 -5.66
N ILE B 593 -14.40 -28.78 -5.55
CA ILE B 593 -13.18 -28.72 -4.74
C ILE B 593 -13.51 -28.99 -3.28
N ILE B 594 -14.58 -28.35 -2.78
CA ILE B 594 -15.00 -28.50 -1.38
C ILE B 594 -15.42 -29.95 -1.11
N HIS B 595 -16.05 -30.60 -2.10
CA HIS B 595 -16.33 -32.03 -2.00
C HIS B 595 -15.05 -32.86 -1.98
N GLU B 596 -14.08 -32.50 -2.83
CA GLU B 596 -12.87 -33.30 -2.94
C GLU B 596 -11.90 -33.04 -1.80
N LEU B 597 -12.01 -31.89 -1.12
CA LEU B 597 -11.10 -31.59 -0.03
C LEU B 597 -11.45 -32.36 1.24
N GLY B 598 -12.68 -32.85 1.36
CA GLY B 598 -13.08 -33.58 2.54
C GLY B 598 -14.28 -32.98 3.25
N GLU B 599 -15.06 -32.18 2.54
CA GLU B 599 -16.25 -31.55 3.09
C GLU B 599 -17.48 -31.96 2.28
N LYS B 600 -17.64 -33.27 2.06
CA LYS B 600 -18.65 -33.79 1.15
C LYS B 600 -20.07 -33.49 1.62
N GLN B 601 -20.32 -33.58 2.93
CA GLN B 601 -21.65 -33.29 3.47
C GLN B 601 -22.01 -31.83 3.30
N LEU B 602 -21.06 -30.92 3.60
CA LEU B 602 -21.26 -29.50 3.36
C LEU B 602 -21.37 -29.21 1.86
N ALA B 603 -20.68 -30.00 1.04
CA ALA B 603 -20.74 -29.83 -0.41
C ALA B 603 -22.12 -30.15 -0.97
N ILE B 604 -22.67 -31.32 -0.59
CA ILE B 604 -24.00 -31.69 -1.07
C ILE B 604 -25.07 -30.80 -0.45
N ASP B 605 -24.83 -30.30 0.78
CA ASP B 605 -25.76 -29.37 1.41
C ASP B 605 -25.83 -28.04 0.65
N LEU B 606 -24.67 -27.47 0.32
CA LEU B 606 -24.67 -26.17 -0.36
C LEU B 606 -25.10 -26.31 -1.82
N PHE B 607 -24.78 -27.45 -2.44
CA PHE B 607 -25.22 -27.69 -3.81
C PHE B 607 -26.74 -27.86 -3.90
N ARG B 608 -27.34 -28.60 -2.97
CA ARG B 608 -28.80 -28.69 -2.95
C ARG B 608 -29.44 -27.41 -2.43
N LYS B 609 -28.68 -26.54 -1.76
CA LYS B 609 -29.21 -25.23 -1.39
C LYS B 609 -29.33 -24.29 -2.58
N TYR B 610 -28.31 -24.23 -3.45
CA TYR B 610 -28.36 -23.29 -4.57
C TYR B 610 -28.49 -23.92 -5.96
N TYR B 611 -28.91 -25.20 -6.05
CA TYR B 611 -28.98 -25.90 -7.33
C TYR B 611 -29.94 -25.23 -8.31
N SER B 612 -31.17 -24.95 -7.86
CA SER B 612 -32.23 -24.52 -8.77
C SER B 612 -31.95 -23.14 -9.35
N GLU B 613 -31.61 -22.17 -8.49
CA GLU B 613 -31.26 -20.84 -8.97
C GLU B 613 -29.96 -20.83 -9.75
N MET B 614 -28.97 -21.64 -9.34
CA MET B 614 -27.67 -21.57 -9.97
C MET B 614 -27.65 -22.38 -11.29
N LEU B 615 -28.68 -23.19 -11.54
CA LEU B 615 -28.84 -23.71 -12.90
C LEU B 615 -29.77 -22.83 -13.73
N ARG B 616 -30.78 -22.22 -13.12
CA ARG B 616 -31.74 -21.43 -13.88
C ARG B 616 -31.12 -20.14 -14.40
N LYS B 617 -30.28 -19.50 -13.59
CA LYS B 617 -29.64 -18.25 -13.98
C LYS B 617 -28.30 -18.59 -14.64
N SER B 618 -28.33 -18.81 -15.95
CA SER B 618 -27.12 -19.14 -16.70
C SER B 618 -27.30 -18.71 -18.15
N SER B 619 -26.18 -18.53 -18.84
CA SER B 619 -26.18 -18.04 -20.21
C SER B 619 -25.55 -19.00 -21.20
N GLU B 620 -24.37 -19.52 -20.91
CA GLU B 620 -23.63 -20.32 -21.88
C GLU B 620 -24.02 -21.79 -21.78
N LYS B 621 -23.42 -22.61 -22.64
CA LYS B 621 -23.74 -24.03 -22.72
C LYS B 621 -22.53 -24.94 -22.64
N ASN B 622 -21.32 -24.40 -22.50
CA ASN B 622 -20.12 -25.23 -22.46
C ASN B 622 -19.90 -25.78 -21.05
N ILE B 623 -18.84 -26.60 -20.92
CA ILE B 623 -18.49 -27.15 -19.62
C ILE B 623 -17.76 -26.10 -18.78
N TYR B 624 -17.25 -25.05 -19.41
CA TYR B 624 -16.50 -24.01 -18.70
C TYR B 624 -17.41 -23.12 -17.87
N SER B 625 -18.33 -22.41 -18.53
CA SER B 625 -19.18 -21.43 -17.89
C SER B 625 -20.63 -21.59 -18.32
N GLY B 626 -21.06 -22.84 -18.53
CA GLY B 626 -22.44 -23.11 -18.87
C GLY B 626 -23.04 -24.15 -17.94
N THR B 627 -24.26 -24.61 -18.25
CA THR B 627 -24.98 -25.54 -17.37
C THR B 627 -24.40 -26.94 -17.35
N ALA B 628 -23.52 -27.28 -18.30
CA ALA B 628 -22.89 -28.59 -18.33
C ALA B 628 -22.00 -28.82 -17.12
N GLY B 629 -21.33 -27.77 -16.62
CA GLY B 629 -20.54 -27.91 -15.41
C GLY B 629 -21.39 -28.20 -14.19
N ILE B 630 -22.55 -27.55 -14.10
CA ILE B 630 -23.50 -27.82 -13.01
C ILE B 630 -24.01 -29.25 -13.09
N LEU B 631 -24.34 -29.71 -14.30
CA LEU B 631 -24.79 -31.08 -14.50
C LEU B 631 -23.71 -32.10 -14.17
N LEU B 632 -22.44 -31.79 -14.48
CA LEU B 632 -21.36 -32.72 -14.18
C LEU B 632 -21.05 -32.79 -12.69
N VAL B 633 -21.13 -31.65 -11.99
CA VAL B 633 -20.97 -31.66 -10.54
C VAL B 633 -22.11 -32.42 -9.89
N GLY B 634 -23.35 -32.23 -10.38
CA GLY B 634 -24.47 -32.99 -9.87
C GLY B 634 -24.37 -34.48 -10.15
N LEU B 635 -23.81 -34.84 -11.32
CA LEU B 635 -23.61 -36.24 -11.66
C LEU B 635 -22.56 -36.89 -10.76
N TYR B 636 -21.47 -36.18 -10.50
CA TYR B 636 -20.46 -36.68 -9.56
C TYR B 636 -21.04 -36.84 -8.16
N LEU B 637 -21.87 -35.87 -7.74
CA LEU B 637 -22.47 -35.92 -6.41
C LEU B 637 -23.49 -37.03 -6.26
N ILE B 638 -24.26 -37.34 -7.30
CA ILE B 638 -25.21 -38.45 -7.21
C ILE B 638 -24.61 -39.79 -7.59
N SER B 639 -23.42 -39.82 -8.16
CA SER B 639 -22.73 -41.09 -8.38
C SER B 639 -21.91 -41.48 -7.16
N GLN B 640 -21.27 -40.53 -6.50
CA GLN B 640 -20.56 -40.82 -5.26
C GLN B 640 -21.49 -40.98 -4.07
N HIS B 641 -22.67 -40.36 -4.11
CA HIS B 641 -23.62 -40.43 -3.00
C HIS B 641 -25.00 -40.70 -3.58
N ASN B 642 -25.55 -41.88 -3.30
CA ASN B 642 -26.85 -42.28 -3.83
C ASN B 642 -28.00 -41.91 -2.90
N ASP B 643 -27.84 -40.87 -2.07
CA ASP B 643 -28.85 -40.47 -1.11
C ASP B 643 -29.27 -39.02 -1.32
N LEU B 644 -29.06 -38.49 -2.52
CA LEU B 644 -29.46 -37.12 -2.82
C LEU B 644 -30.97 -37.05 -3.03
N SER B 645 -31.61 -36.12 -2.32
CA SER B 645 -33.04 -35.90 -2.50
C SER B 645 -33.35 -35.08 -3.74
N ILE B 646 -32.34 -34.49 -4.36
CA ILE B 646 -32.49 -33.66 -5.54
C ILE B 646 -32.06 -34.43 -6.78
N LYS B 647 -31.96 -35.75 -6.64
CA LYS B 647 -31.43 -36.60 -7.72
C LYS B 647 -32.37 -36.64 -8.93
N GLU B 648 -33.68 -36.71 -8.67
CA GLU B 648 -34.65 -36.77 -9.76
C GLU B 648 -34.65 -35.49 -10.59
N LEU B 649 -34.51 -34.33 -9.94
CA LEU B 649 -34.35 -33.06 -10.65
C LEU B 649 -33.06 -32.99 -11.44
N ILE B 650 -32.03 -33.73 -11.04
CA ILE B 650 -30.78 -33.78 -11.79
C ILE B 650 -30.95 -34.62 -13.06
N ILE B 651 -31.55 -35.82 -12.91
CA ILE B 651 -31.74 -36.69 -14.07
C ILE B 651 -32.76 -36.12 -15.06
N SER B 652 -33.80 -35.45 -14.56
CA SER B 652 -34.77 -34.81 -15.45
C SER B 652 -34.15 -33.64 -16.23
N ASP B 653 -33.28 -32.86 -15.58
CA ASP B 653 -32.56 -31.80 -16.28
C ASP B 653 -31.56 -32.32 -17.28
N MET B 654 -30.91 -33.46 -16.99
CA MET B 654 -30.07 -34.11 -18.00
C MET B 654 -30.87 -34.58 -19.20
N ASN B 655 -32.07 -35.14 -18.95
CA ASN B 655 -32.92 -35.58 -20.05
C ASN B 655 -33.42 -34.40 -20.89
N LEU B 656 -33.75 -33.28 -20.23
CA LEU B 656 -34.15 -32.08 -20.95
C LEU B 656 -32.99 -31.51 -21.77
N PHE B 657 -31.77 -31.54 -21.22
CA PHE B 657 -30.60 -31.07 -21.95
C PHE B 657 -30.28 -31.98 -23.13
N ALA B 658 -30.49 -33.29 -22.96
CA ALA B 658 -30.31 -34.25 -24.05
C ALA B 658 -31.33 -34.02 -25.17
N ASP B 659 -32.59 -33.77 -24.79
CA ASP B 659 -33.63 -33.49 -25.78
C ASP B 659 -33.37 -32.18 -26.51
N ASN B 660 -32.87 -31.17 -25.79
CA ASN B 660 -32.51 -29.90 -26.44
C ASN B 660 -31.29 -30.06 -27.34
N TYR B 661 -30.38 -30.98 -26.99
CA TYR B 661 -29.20 -31.20 -27.83
C TYR B 661 -29.56 -31.94 -29.12
N LEU B 662 -30.46 -32.92 -29.05
CA LEU B 662 -30.93 -33.57 -30.27
C LEU B 662 -31.84 -32.65 -31.07
N PHE B 663 -32.61 -31.79 -30.41
CA PHE B 663 -33.62 -30.99 -31.09
C PHE B 663 -32.99 -29.82 -31.84
N ASN B 664 -32.26 -28.96 -31.13
CA ASN B 664 -31.72 -27.75 -31.72
C ASN B 664 -30.33 -28.01 -32.29
N PRO B 665 -30.12 -27.85 -33.59
CA PRO B 665 -28.77 -28.00 -34.14
C PRO B 665 -27.99 -26.68 -34.17
N SER B 666 -26.73 -26.76 -33.75
CA SER B 666 -25.77 -25.65 -33.72
C SER B 666 -26.27 -24.47 -32.87
N ASP B 667 -27.04 -24.75 -31.84
CA ASP B 667 -27.58 -23.71 -30.97
C ASP B 667 -26.99 -23.76 -29.57
N PHE B 668 -25.93 -24.54 -29.38
CA PHE B 668 -25.23 -24.64 -28.09
C PHE B 668 -23.97 -23.79 -28.06
N CYS B 669 -23.11 -23.95 -29.06
CA CYS B 669 -22.00 -23.04 -29.29
C CYS B 669 -21.75 -23.00 -30.80
N LYS B 670 -20.60 -22.45 -31.20
CA LYS B 670 -20.30 -22.28 -32.61
C LYS B 670 -19.85 -23.59 -33.23
N VAL B 671 -20.56 -24.04 -34.25
CA VAL B 671 -20.17 -25.21 -35.03
C VAL B 671 -19.57 -24.67 -36.32
N GLY B 672 -18.25 -24.48 -36.31
CA GLY B 672 -17.58 -23.91 -37.46
C GLY B 672 -16.12 -23.63 -37.14
N VAL B 673 -15.50 -22.84 -38.02
CA VAL B 673 -14.08 -22.52 -37.86
C VAL B 673 -13.89 -21.48 -36.76
N GLY B 674 -14.47 -20.30 -36.94
CA GLY B 674 -14.26 -19.19 -36.05
C GLY B 674 -13.20 -18.24 -36.58
N ASP B 675 -13.07 -17.11 -35.87
CA ASP B 675 -12.15 -16.06 -36.28
C ASP B 675 -11.27 -15.51 -35.17
N THR B 676 -11.56 -15.81 -33.90
CA THR B 676 -10.79 -15.24 -32.80
C THR B 676 -9.44 -15.94 -32.67
N ASN B 677 -8.37 -15.15 -32.62
CA ASN B 677 -7.01 -15.66 -32.54
C ASN B 677 -6.32 -15.20 -31.27
N SER B 678 -7.05 -15.19 -30.16
CA SER B 678 -6.52 -14.80 -28.86
C SER B 678 -6.53 -16.00 -27.92
N ASN B 679 -5.90 -15.83 -26.75
CA ASN B 679 -5.81 -16.89 -25.75
C ASN B 679 -6.74 -16.65 -24.56
N ASP B 680 -7.62 -15.66 -24.66
CA ASP B 680 -8.59 -15.39 -23.61
C ASP B 680 -9.59 -16.54 -23.53
N PRO B 681 -9.84 -17.11 -22.35
CA PRO B 681 -10.83 -18.19 -22.25
C PRO B 681 -12.25 -17.80 -22.62
N TYR B 682 -12.63 -16.53 -22.44
CA TYR B 682 -13.98 -16.09 -22.77
C TYR B 682 -14.16 -15.78 -24.25
N GLU B 683 -13.09 -15.81 -25.05
CA GLU B 683 -13.19 -15.61 -26.49
C GLU B 683 -12.85 -16.87 -27.26
N ALA B 684 -13.02 -18.04 -26.66
CA ALA B 684 -12.81 -19.32 -27.31
C ALA B 684 -14.07 -20.16 -27.21
N ASP B 685 -14.36 -20.92 -28.26
CA ASP B 685 -15.60 -21.67 -28.37
C ASP B 685 -15.37 -23.05 -28.98
N SER B 686 -14.33 -23.74 -28.52
CA SER B 686 -14.00 -25.06 -29.06
C SER B 686 -13.29 -25.90 -28.01
N GLY B 687 -12.99 -27.14 -28.37
CA GLY B 687 -12.21 -28.00 -27.52
C GLY B 687 -13.01 -28.57 -26.37
N LEU B 688 -12.25 -29.15 -25.42
CA LEU B 688 -12.86 -29.80 -24.26
C LEU B 688 -13.60 -28.82 -23.38
N LEU B 689 -13.06 -27.62 -23.19
CA LEU B 689 -13.60 -26.68 -22.22
C LEU B 689 -14.68 -25.76 -22.79
N PHE B 690 -14.59 -25.39 -24.06
CA PHE B 690 -15.44 -24.34 -24.60
C PHE B 690 -16.39 -24.81 -25.71
N GLY B 691 -16.51 -26.12 -25.94
CA GLY B 691 -17.28 -26.57 -27.08
C GLY B 691 -18.13 -27.81 -26.87
N HIS B 692 -18.39 -28.53 -27.96
CA HIS B 692 -19.22 -29.73 -27.90
C HIS B 692 -18.50 -30.91 -27.25
N THR B 693 -17.18 -30.82 -27.10
CA THR B 693 -16.44 -31.89 -26.43
C THR B 693 -16.76 -31.91 -24.94
N GLY B 694 -17.06 -30.75 -24.34
CA GLY B 694 -17.57 -30.75 -22.98
C GLY B 694 -18.95 -31.39 -22.85
N ILE B 695 -19.78 -31.20 -23.88
CA ILE B 695 -21.08 -31.89 -23.95
C ILE B 695 -20.89 -33.39 -24.05
N GLY B 696 -19.93 -33.83 -24.87
CA GLY B 696 -19.64 -35.25 -24.96
C GLY B 696 -19.06 -35.82 -23.68
N TRP B 697 -18.27 -35.02 -22.96
CA TRP B 697 -17.73 -35.45 -21.67
C TRP B 697 -18.83 -35.57 -20.63
N LEU B 698 -19.82 -34.67 -20.68
CA LEU B 698 -20.99 -34.79 -19.79
C LEU B 698 -21.81 -36.03 -20.10
N PHE B 699 -22.06 -36.28 -21.38
CA PHE B 699 -22.99 -37.34 -21.78
C PHE B 699 -22.26 -38.65 -22.11
N GLY B 700 -20.98 -38.72 -21.77
CA GLY B 700 -20.28 -39.99 -21.75
C GLY B 700 -20.15 -40.51 -20.34
N GLU B 701 -20.37 -39.64 -19.35
CA GLU B 701 -20.46 -40.03 -17.95
C GLU B 701 -21.90 -40.21 -17.49
N ALA B 702 -22.83 -39.43 -18.07
CA ALA B 702 -24.25 -39.70 -17.84
C ALA B 702 -24.66 -41.06 -18.39
N TYR B 703 -24.06 -41.46 -19.52
CA TYR B 703 -24.22 -42.82 -20.00
C TYR B 703 -23.59 -43.85 -19.07
N ARG B 704 -22.47 -43.49 -18.42
CA ARG B 704 -21.83 -44.43 -17.51
C ARG B 704 -22.64 -44.65 -16.23
N TYR B 705 -23.36 -43.64 -15.76
CA TYR B 705 -24.09 -43.77 -14.51
C TYR B 705 -25.56 -44.13 -14.69
N THR B 706 -26.26 -43.52 -15.64
CA THR B 706 -27.72 -43.60 -15.76
C THR B 706 -28.13 -44.09 -17.14
N LYS B 707 -27.62 -45.25 -17.56
CA LYS B 707 -27.58 -45.79 -18.92
C LYS B 707 -28.84 -45.60 -19.76
N ASN B 708 -28.68 -44.89 -20.89
CA ASN B 708 -29.78 -44.55 -21.78
C ASN B 708 -29.25 -44.53 -23.21
N SER B 709 -30.17 -44.74 -24.17
CA SER B 709 -29.80 -44.59 -25.57
C SER B 709 -29.67 -43.12 -25.97
N LYS B 710 -30.37 -42.24 -25.24
CA LYS B 710 -30.30 -40.81 -25.54
C LYS B 710 -28.91 -40.26 -25.24
N PHE B 711 -28.24 -40.78 -24.20
CA PHE B 711 -26.93 -40.26 -23.85
C PHE B 711 -25.86 -40.72 -24.83
N LEU B 712 -25.95 -41.96 -25.34
CA LEU B 712 -25.02 -42.38 -26.38
C LEU B 712 -25.30 -41.66 -27.69
N LYS B 713 -26.58 -41.34 -27.96
CA LYS B 713 -26.91 -40.53 -29.13
C LYS B 713 -26.32 -39.13 -29.01
N CYS B 714 -26.34 -38.55 -27.80
CA CYS B 714 -25.67 -37.27 -27.56
C CYS B 714 -24.17 -37.38 -27.72
N LEU B 715 -23.58 -38.50 -27.29
CA LEU B 715 -22.14 -38.71 -27.45
C LEU B 715 -21.74 -38.75 -28.92
N ASN B 716 -22.45 -39.54 -29.72
CA ASN B 716 -22.15 -39.58 -31.16
C ASN B 716 -22.48 -38.27 -31.86
N LEU B 717 -23.51 -37.55 -31.40
CA LEU B 717 -23.81 -36.23 -31.96
C LEU B 717 -22.71 -35.23 -31.62
N ALA B 718 -22.15 -35.32 -30.41
CA ALA B 718 -21.04 -34.43 -30.03
C ALA B 718 -19.80 -34.72 -30.86
N ILE B 719 -19.50 -36.00 -31.11
CA ILE B 719 -18.38 -36.36 -31.98
C ILE B 719 -18.60 -35.86 -33.41
N GLU B 720 -19.80 -36.08 -33.94
CA GLU B 720 -20.10 -35.67 -35.31
C GLU B 720 -20.13 -34.16 -35.47
N SER B 721 -20.52 -33.44 -34.42
CA SER B 721 -20.49 -31.97 -34.48
C SER B 721 -19.06 -31.44 -34.30
N GLU B 722 -18.25 -32.12 -33.49
CA GLU B 722 -16.91 -31.63 -33.22
C GLU B 722 -15.96 -31.83 -34.39
N LEU B 723 -16.02 -32.99 -35.07
CA LEU B 723 -15.09 -33.20 -36.19
C LEU B 723 -15.45 -32.45 -37.46
N VAL B 724 -16.51 -31.63 -37.45
CA VAL B 724 -16.71 -30.70 -38.57
C VAL B 724 -15.58 -29.67 -38.62
N ALA B 725 -15.19 -29.12 -37.47
CA ALA B 725 -14.15 -28.11 -37.43
C ALA B 725 -12.75 -28.69 -37.50
N TYR B 726 -12.59 -29.99 -37.30
CA TYR B 726 -11.28 -30.61 -37.30
C TYR B 726 -10.90 -30.99 -38.73
N GLU B 727 -9.70 -30.64 -39.15
CA GLU B 727 -9.30 -30.71 -40.56
C GLU B 727 -7.94 -31.35 -40.73
N LYS B 728 -7.77 -32.04 -41.86
CA LYS B 728 -6.54 -32.75 -42.16
C LYS B 728 -5.43 -31.79 -42.56
N ASP B 729 -4.25 -31.97 -41.95
CA ASP B 729 -3.09 -31.15 -42.22
C ASP B 729 -2.27 -31.74 -43.37
N ASP B 730 -1.02 -31.29 -43.46
CA ASP B 730 -0.16 -31.64 -44.59
C ASP B 730 0.15 -33.13 -44.65
N PHE B 731 0.36 -33.77 -43.49
CA PHE B 731 0.72 -35.19 -43.49
C PHE B 731 -0.35 -36.07 -42.87
N ASP B 732 -0.60 -35.95 -41.55
CA ASP B 732 -1.57 -36.84 -40.91
C ASP B 732 -2.26 -36.18 -39.72
N ARG B 733 -2.19 -34.86 -39.59
CA ARG B 733 -2.55 -34.18 -38.36
C ARG B 733 -3.97 -33.60 -38.47
N LEU B 734 -4.75 -33.77 -37.40
CA LEU B 734 -6.09 -33.19 -37.32
C LEU B 734 -6.09 -32.17 -36.19
N GLN B 735 -6.18 -30.89 -36.55
CA GLN B 735 -6.16 -29.81 -35.57
C GLN B 735 -7.29 -28.82 -35.86
N TYR B 736 -7.69 -28.09 -34.83
CA TYR B 736 -8.76 -27.11 -34.96
C TYR B 736 -8.19 -25.78 -35.43
N ASN B 737 -8.95 -25.10 -36.32
CA ASN B 737 -8.58 -23.77 -36.79
C ASN B 737 -9.25 -22.70 -35.94
N GLN B 738 -8.46 -21.80 -35.38
CA GLN B 738 -8.99 -20.58 -34.76
C GLN B 738 -9.00 -19.41 -35.72
N GLY B 739 -9.20 -19.66 -37.01
CA GLY B 739 -9.18 -18.61 -38.02
C GLY B 739 -7.83 -18.44 -38.67
N LYS B 740 -6.79 -18.17 -37.87
CA LYS B 740 -5.46 -17.92 -38.40
C LYS B 740 -4.38 -18.88 -37.90
N ARG B 741 -4.69 -19.73 -36.93
CA ARG B 741 -3.68 -20.63 -36.37
C ARG B 741 -4.36 -21.90 -35.86
N LEU B 742 -3.54 -22.90 -35.56
CA LEU B 742 -4.00 -24.25 -35.24
C LEU B 742 -3.64 -24.57 -33.80
N LEU B 743 -4.60 -25.09 -33.04
CA LEU B 743 -4.43 -25.26 -31.60
C LEU B 743 -4.68 -26.71 -31.20
N PRO B 744 -3.64 -27.49 -30.89
CA PRO B 744 -3.84 -28.87 -30.44
C PRO B 744 -3.99 -29.02 -28.92
N TYR B 745 -4.25 -27.92 -28.22
CA TYR B 745 -4.16 -27.90 -26.77
C TYR B 745 -5.38 -28.57 -26.12
N LEU B 746 -5.31 -28.76 -24.80
CA LEU B 746 -6.36 -29.44 -24.07
C LEU B 746 -7.65 -28.64 -23.95
N SER B 747 -7.55 -27.32 -23.87
CA SER B 747 -8.71 -26.46 -23.72
C SER B 747 -9.45 -26.19 -25.02
N THR B 748 -8.74 -26.16 -26.16
CA THR B 748 -9.30 -25.66 -27.41
C THR B 748 -9.13 -26.62 -28.58
N GLY B 749 -8.66 -27.85 -28.36
CA GLY B 749 -8.28 -28.63 -29.51
C GLY B 749 -8.17 -30.14 -29.37
N SER B 750 -7.13 -30.69 -29.99
CA SER B 750 -7.06 -32.13 -30.24
C SER B 750 -6.83 -32.93 -28.96
N ALA B 751 -6.26 -32.31 -27.93
CA ALA B 751 -5.97 -33.02 -26.70
C ALA B 751 -7.21 -33.23 -25.83
N GLY B 752 -8.29 -32.50 -26.06
CA GLY B 752 -9.46 -32.67 -25.24
C GLY B 752 -10.44 -33.67 -25.81
N LEU B 753 -10.47 -33.77 -27.14
CA LEU B 753 -11.36 -34.72 -27.79
C LEU B 753 -10.88 -36.15 -27.61
N LEU B 754 -9.57 -36.37 -27.74
CA LEU B 754 -8.98 -37.71 -27.66
C LEU B 754 -9.12 -38.30 -26.27
N LEU B 755 -9.23 -37.46 -25.23
CA LEU B 755 -9.40 -37.96 -23.87
C LEU B 755 -10.72 -38.70 -23.70
N LEU B 756 -11.79 -38.23 -24.31
CA LEU B 756 -13.06 -38.95 -24.22
C LEU B 756 -13.27 -39.94 -25.34
N ILE B 757 -12.57 -39.81 -26.48
CA ILE B 757 -12.60 -40.94 -27.40
C ILE B 757 -11.86 -42.14 -26.81
N SER B 758 -10.76 -41.92 -26.09
CA SER B 758 -10.06 -42.98 -25.39
C SER B 758 -10.77 -43.43 -24.12
N ARG B 759 -11.45 -42.51 -23.43
CA ARG B 759 -12.18 -42.88 -22.22
C ARG B 759 -13.44 -43.69 -22.55
N ASN B 760 -14.20 -43.27 -23.56
CA ASN B 760 -15.45 -43.91 -23.93
C ASN B 760 -15.24 -44.83 -25.13
N LYS B 761 -14.07 -45.46 -25.20
CA LYS B 761 -13.72 -46.28 -26.36
C LYS B 761 -14.53 -47.57 -26.43
N GLU B 762 -14.97 -48.09 -25.28
CA GLU B 762 -15.75 -49.32 -25.29
C GLU B 762 -17.17 -49.08 -25.81
N PHE B 763 -17.78 -47.95 -25.43
CA PHE B 763 -19.15 -47.66 -25.84
C PHE B 763 -19.22 -47.20 -27.29
N LEU B 764 -18.24 -46.42 -27.72
CA LEU B 764 -18.23 -45.78 -29.02
C LEU B 764 -17.87 -46.78 -30.12
N GLN B 765 -18.28 -46.46 -31.35
CA GLN B 765 -18.16 -47.37 -32.48
C GLN B 765 -16.74 -47.35 -33.05
N ASN B 766 -16.54 -47.97 -34.21
CA ASN B 766 -15.21 -48.09 -34.79
C ASN B 766 -14.85 -46.90 -35.68
N SER B 767 -15.85 -46.28 -36.31
CA SER B 767 -15.60 -45.29 -37.36
C SER B 767 -14.96 -44.03 -36.82
N VAL B 768 -15.22 -43.69 -35.55
CA VAL B 768 -14.57 -42.56 -34.90
C VAL B 768 -13.68 -43.00 -33.75
N LEU B 769 -13.39 -44.30 -33.61
CA LEU B 769 -12.12 -44.70 -33.02
C LEU B 769 -11.01 -44.80 -34.05
N ASN B 770 -11.36 -44.72 -35.34
CA ASN B 770 -10.32 -44.64 -36.37
C ASN B 770 -9.59 -43.30 -36.35
N ASN B 771 -10.15 -42.28 -35.71
CA ASN B 771 -9.53 -40.98 -35.57
C ASN B 771 -8.55 -40.90 -34.42
N CYS B 772 -8.44 -41.95 -33.60
CA CYS B 772 -7.50 -42.02 -32.50
C CYS B 772 -6.04 -42.03 -32.97
N HIS B 773 -5.78 -42.48 -34.19
CA HIS B 773 -4.44 -42.41 -34.77
C HIS B 773 -4.19 -41.11 -35.51
N TYR B 774 -5.23 -40.50 -36.08
CA TYR B 774 -5.07 -39.20 -36.74
C TYR B 774 -4.90 -38.08 -35.72
N LEU B 775 -5.47 -38.23 -34.53
CA LEU B 775 -5.31 -37.23 -33.47
C LEU B 775 -4.15 -37.54 -32.54
N GLU B 776 -3.44 -38.66 -32.74
CA GLU B 776 -2.36 -39.03 -31.84
C GLU B 776 -1.05 -38.32 -32.17
N LYS B 777 -0.71 -38.20 -33.46
CA LYS B 777 0.50 -37.48 -33.85
C LYS B 777 0.24 -36.02 -34.12
N ALA B 778 -1.01 -35.57 -34.02
CA ALA B 778 -1.35 -34.15 -34.03
C ALA B 778 -1.24 -33.53 -32.65
N VAL B 779 -0.99 -34.33 -31.61
CA VAL B 779 -0.88 -33.86 -30.25
C VAL B 779 0.50 -34.18 -29.67
N SER B 780 1.43 -34.65 -30.50
CA SER B 780 2.79 -34.95 -30.08
C SER B 780 3.77 -34.12 -30.90
N PRO B 781 3.97 -32.85 -30.54
CA PRO B 781 5.01 -32.06 -31.20
C PRO B 781 6.34 -32.23 -30.50
N ASN B 782 7.38 -31.56 -30.98
CA ASN B 782 8.66 -31.59 -30.27
C ASN B 782 8.85 -30.38 -29.35
N PHE B 783 8.22 -29.26 -29.67
CA PHE B 783 8.30 -28.05 -28.87
C PHE B 783 6.91 -27.52 -28.59
N CYS B 784 6.60 -27.34 -27.31
CA CYS B 784 5.35 -26.73 -26.87
C CYS B 784 5.66 -25.45 -26.12
N VAL B 785 4.95 -24.37 -26.47
CA VAL B 785 5.32 -23.04 -26.00
C VAL B 785 5.01 -22.89 -24.52
N PHE B 786 3.83 -23.33 -24.10
CA PHE B 786 3.43 -23.15 -22.71
C PHE B 786 3.48 -24.47 -21.95
N PRO B 787 3.73 -24.42 -20.63
CA PRO B 787 3.81 -25.66 -19.85
C PRO B 787 2.54 -26.10 -19.15
N GLY B 788 1.47 -25.33 -19.22
CA GLY B 788 0.30 -25.59 -18.42
C GLY B 788 -0.49 -26.81 -18.88
N ILE B 789 -1.47 -27.19 -18.06
CA ILE B 789 -2.26 -28.36 -18.39
C ILE B 789 -3.34 -28.00 -19.42
N ALA B 790 -3.86 -26.77 -19.39
CA ALA B 790 -4.93 -26.43 -20.32
C ALA B 790 -4.39 -26.06 -21.69
N ASN B 791 -3.69 -24.92 -21.78
CA ASN B 791 -3.13 -24.46 -23.05
C ASN B 791 -1.65 -24.81 -23.17
N GLY B 792 -1.25 -26.06 -22.99
CA GLY B 792 0.17 -26.34 -23.01
C GLY B 792 0.51 -27.82 -23.01
N MET B 793 1.72 -28.10 -22.52
CA MET B 793 2.36 -29.39 -22.73
C MET B 793 1.77 -30.47 -21.83
N CYS B 794 1.33 -30.11 -20.62
CA CYS B 794 0.83 -31.11 -19.69
C CYS B 794 -0.53 -31.68 -20.06
N GLY B 795 -1.27 -31.02 -20.97
CA GLY B 795 -2.50 -31.61 -21.47
C GLY B 795 -2.23 -32.42 -22.72
N LEU B 796 -1.23 -31.97 -23.49
CA LEU B 796 -0.75 -32.72 -24.65
C LEU B 796 -0.18 -34.07 -24.22
N PHE B 797 0.49 -34.10 -23.08
CA PHE B 797 1.05 -35.35 -22.56
C PHE B 797 -0.06 -36.25 -22.03
N LEU B 798 -1.03 -35.65 -21.32
CA LEU B 798 -2.10 -36.41 -20.69
C LEU B 798 -3.03 -37.04 -21.72
N SER B 799 -3.35 -36.33 -22.80
CA SER B 799 -4.12 -36.92 -23.88
C SER B 799 -3.38 -38.08 -24.53
N LYS B 800 -2.08 -37.92 -24.73
CA LYS B 800 -1.27 -38.96 -25.37
C LYS B 800 -1.13 -40.20 -24.50
N ASN B 801 -1.19 -40.05 -23.17
CA ASN B 801 -0.89 -41.18 -22.29
C ASN B 801 -2.08 -41.75 -21.54
N LEU B 802 -3.00 -40.92 -21.04
CA LEU B 802 -4.08 -41.41 -20.19
C LEU B 802 -5.15 -42.10 -21.02
N TYR B 803 -5.75 -43.14 -20.41
CA TYR B 803 -6.77 -44.01 -21.03
C TYR B 803 -6.26 -44.65 -22.32
N LYS B 804 -5.00 -45.06 -22.33
CA LYS B 804 -4.40 -45.64 -23.52
C LYS B 804 -4.02 -47.11 -23.37
N SER B 805 -4.12 -47.67 -22.16
CA SER B 805 -3.91 -49.08 -21.79
C SER B 805 -2.45 -49.52 -21.87
N ASN B 806 -2.05 -50.41 -20.97
CA ASN B 806 -0.67 -50.90 -20.79
C ASN B 806 0.30 -49.73 -20.58
N ILE B 807 0.04 -48.98 -19.51
CA ILE B 807 0.75 -47.74 -19.21
C ILE B 807 1.61 -47.96 -17.98
N ASN B 808 2.90 -47.68 -18.11
CA ASN B 808 3.84 -47.76 -16.99
C ASN B 808 4.05 -46.37 -16.41
N TYR B 809 4.00 -46.28 -15.08
CA TYR B 809 4.12 -45.00 -14.39
C TYR B 809 5.52 -44.41 -14.54
N VAL B 810 6.55 -45.24 -14.35
CA VAL B 810 7.93 -44.78 -14.34
C VAL B 810 8.38 -44.38 -15.75
N GLN B 811 8.01 -45.17 -16.76
CA GLN B 811 8.42 -44.85 -18.13
C GLN B 811 7.69 -43.63 -18.67
N GLN B 812 6.46 -43.38 -18.20
CA GLN B 812 5.77 -42.15 -18.59
C GLN B 812 6.36 -40.94 -17.88
N CYS B 813 6.67 -41.08 -16.58
CA CYS B 813 7.25 -39.97 -15.84
C CYS B 813 8.66 -39.64 -16.30
N LYS B 814 9.39 -40.62 -16.86
CA LYS B 814 10.72 -40.35 -17.38
C LYS B 814 10.67 -39.45 -18.61
N GLU B 815 9.62 -39.57 -19.42
CA GLU B 815 9.41 -38.60 -20.50
C GLU B 815 8.86 -37.28 -19.97
N LEU B 816 8.00 -37.35 -18.95
CA LEU B 816 7.33 -36.15 -18.44
C LEU B 816 8.31 -35.19 -17.78
N ILE B 817 9.20 -35.71 -16.92
CA ILE B 817 10.16 -34.84 -16.23
C ILE B 817 11.18 -34.28 -17.20
N ARG B 818 11.58 -35.10 -18.19
CA ARG B 818 12.51 -34.64 -19.22
C ARG B 818 11.90 -33.51 -20.05
N CYS B 819 10.60 -33.60 -20.34
CA CYS B 819 9.92 -32.50 -21.01
C CYS B 819 9.67 -31.31 -20.07
N LEU B 820 9.57 -31.55 -18.77
CA LEU B 820 9.27 -30.50 -17.80
C LEU B 820 10.48 -29.71 -17.34
N GLU B 821 11.69 -30.22 -17.55
CA GLU B 821 12.90 -29.47 -17.19
C GLU B 821 13.24 -28.37 -18.19
N THR B 822 12.32 -28.04 -19.11
CA THR B 822 12.43 -26.91 -20.00
C THR B 822 11.88 -25.63 -19.39
N TYR B 823 10.79 -25.73 -18.64
CA TYR B 823 10.04 -24.58 -18.14
C TYR B 823 10.22 -24.37 -16.64
N LEU B 824 11.18 -25.03 -16.01
CA LEU B 824 11.29 -25.03 -14.57
C LEU B 824 12.34 -24.04 -14.08
N CYS B 825 12.16 -23.57 -12.84
CA CYS B 825 13.15 -22.78 -12.15
C CYS B 825 13.21 -23.23 -10.70
N VAL B 826 14.32 -22.95 -10.05
CA VAL B 826 14.61 -23.46 -8.72
C VAL B 826 14.50 -22.32 -7.72
N VAL B 827 13.67 -22.50 -6.70
CA VAL B 827 13.61 -21.59 -5.56
C VAL B 827 13.58 -22.44 -4.29
N GLU B 828 14.37 -22.01 -3.29
CA GLU B 828 14.66 -22.75 -2.04
C GLU B 828 15.26 -24.09 -2.47
N ASP B 829 14.78 -25.24 -2.01
CA ASP B 829 15.19 -26.53 -2.54
C ASP B 829 14.09 -27.16 -3.38
N GLY B 830 13.21 -26.33 -3.94
CA GLY B 830 12.09 -26.81 -4.70
C GLY B 830 12.04 -26.33 -6.14
N PHE B 831 10.85 -26.37 -6.73
CA PHE B 831 10.64 -25.97 -8.11
C PHE B 831 9.51 -24.96 -8.20
N ALA B 832 9.70 -23.95 -9.04
CA ALA B 832 8.64 -23.01 -9.39
C ALA B 832 8.56 -22.93 -10.91
N LEU B 833 7.46 -22.37 -11.41
CA LEU B 833 7.22 -22.39 -12.84
C LEU B 833 6.32 -21.22 -13.24
N ALA B 834 6.54 -20.73 -14.45
CA ALA B 834 5.80 -19.61 -15.01
C ALA B 834 4.77 -20.13 -16.02
N GLY B 835 3.62 -19.47 -16.07
CA GLY B 835 2.48 -19.99 -16.80
C GLY B 835 2.49 -19.77 -18.30
N ASP B 836 1.39 -19.27 -18.84
CA ASP B 836 1.21 -19.16 -20.29
C ASP B 836 1.62 -17.78 -20.79
N SER B 837 2.58 -17.19 -20.08
CA SER B 837 3.26 -16.00 -20.58
C SER B 837 4.77 -16.21 -20.48
N GLY B 838 5.20 -16.86 -19.40
CA GLY B 838 6.60 -16.97 -19.07
C GLY B 838 7.16 -15.80 -18.30
N LEU B 839 6.37 -14.75 -18.10
CA LEU B 839 6.87 -13.51 -17.52
C LEU B 839 7.00 -13.60 -16.01
N LYS B 840 5.94 -14.05 -15.35
CA LYS B 840 5.87 -13.97 -13.90
C LYS B 840 5.52 -15.35 -13.36
N LEU B 841 5.74 -15.54 -12.07
CA LEU B 841 5.49 -16.83 -11.44
C LEU B 841 4.00 -17.06 -11.22
N THR B 842 3.55 -18.28 -11.47
CA THR B 842 2.16 -18.66 -11.35
C THR B 842 2.04 -19.94 -10.54
N THR B 843 0.96 -20.05 -9.78
CA THR B 843 0.68 -21.24 -9.00
C THR B 843 -0.65 -21.90 -9.35
N ASP B 844 -1.42 -21.33 -10.27
CA ASP B 844 -2.76 -21.79 -10.60
C ASP B 844 -2.74 -23.10 -11.38
N ILE B 845 -3.92 -23.63 -11.65
CA ILE B 845 -4.01 -24.94 -12.30
C ILE B 845 -3.85 -24.81 -13.81
N SER B 846 -4.61 -23.90 -14.44
CA SER B 846 -4.67 -23.86 -15.90
C SER B 846 -3.37 -23.40 -16.55
N THR B 847 -2.54 -22.62 -15.85
CA THR B 847 -1.28 -22.18 -16.42
C THR B 847 -0.07 -22.60 -15.62
N GLY B 848 -0.17 -22.64 -14.29
CA GLY B 848 1.02 -22.80 -13.45
C GLY B 848 1.27 -24.17 -12.86
N THR B 849 1.91 -24.18 -11.69
CA THR B 849 2.54 -25.38 -11.15
C THR B 849 1.52 -26.44 -10.73
N ALA B 850 0.33 -26.00 -10.31
CA ALA B 850 -0.69 -26.93 -9.85
C ALA B 850 -1.24 -27.80 -10.99
N GLY B 851 -1.15 -27.31 -12.23
CA GLY B 851 -1.46 -28.17 -13.36
C GLY B 851 -0.46 -29.30 -13.56
N ILE B 852 0.81 -29.04 -13.31
CA ILE B 852 1.84 -30.09 -13.33
C ILE B 852 1.60 -31.07 -12.18
N ILE B 853 1.24 -30.55 -11.01
CA ILE B 853 0.96 -31.40 -9.85
C ILE B 853 -0.23 -32.32 -10.13
N LEU B 854 -1.30 -31.76 -10.70
CA LEU B 854 -2.46 -32.55 -11.11
C LEU B 854 -2.15 -33.48 -12.28
N THR B 855 -1.19 -33.14 -13.13
CA THR B 855 -0.73 -34.07 -14.17
C THR B 855 -0.08 -35.31 -13.58
N LEU B 856 0.79 -35.12 -12.58
CA LEU B 856 1.39 -36.26 -11.89
C LEU B 856 0.34 -37.07 -11.13
N VAL B 857 -0.61 -36.39 -10.49
CA VAL B 857 -1.67 -37.09 -9.75
C VAL B 857 -2.56 -37.89 -10.68
N SER B 858 -2.96 -37.31 -11.81
CA SER B 858 -3.77 -37.99 -12.80
C SER B 858 -3.02 -39.08 -13.55
N LEU B 859 -1.69 -38.99 -13.63
CA LEU B 859 -0.91 -40.10 -14.17
C LEU B 859 -0.79 -41.25 -13.19
N ARG B 860 -0.67 -40.95 -11.89
CA ARG B 860 -0.61 -42.02 -10.90
C ARG B 860 -1.95 -42.73 -10.75
N ASN B 861 -3.04 -41.95 -10.62
CA ASN B 861 -4.35 -42.52 -10.38
C ASN B 861 -5.04 -43.03 -11.63
N GLY B 862 -4.58 -42.64 -12.82
CA GLY B 862 -5.18 -43.09 -14.05
C GLY B 862 -6.42 -42.33 -14.48
N LYS B 863 -6.87 -41.35 -13.71
CA LYS B 863 -8.08 -40.60 -14.02
C LYS B 863 -7.84 -39.13 -13.73
N LEU B 864 -8.56 -38.27 -14.47
CA LEU B 864 -8.33 -36.83 -14.42
C LEU B 864 -8.81 -36.23 -13.10
N GLU B 865 -8.22 -35.08 -12.78
CA GLU B 865 -8.68 -34.25 -11.66
C GLU B 865 -9.11 -32.87 -12.10
N LEU B 866 -8.97 -32.55 -13.39
CA LEU B 866 -9.49 -31.29 -13.90
C LEU B 866 -11.00 -31.36 -14.12
N LEU B 867 -11.51 -32.51 -14.52
CA LEU B 867 -12.93 -32.75 -14.72
C LEU B 867 -13.34 -34.03 -14.01
N PRO B 868 -14.61 -34.14 -13.60
CA PRO B 868 -15.08 -35.41 -13.03
C PRO B 868 -15.06 -36.55 -14.05
N SER B 869 -14.56 -37.70 -13.61
CA SER B 869 -14.26 -38.84 -14.46
C SER B 869 -14.75 -40.13 -13.81
N VAL B 870 -16.03 -40.15 -13.44
CA VAL B 870 -16.67 -41.21 -12.64
C VAL B 870 -16.54 -42.58 -13.28
N GLN B 871 -15.97 -43.53 -12.55
CA GLN B 871 -15.82 -44.90 -13.02
C GLN B 871 -17.03 -45.75 -12.65
N MET C 1 -3.99 22.18 -42.17
CA MET C 1 -5.23 21.46 -42.44
C MET C 1 -5.77 20.81 -41.19
N LEU C 2 -5.92 21.60 -40.12
CA LEU C 2 -6.39 21.05 -38.85
C LEU C 2 -7.31 19.86 -39.04
N GLU C 3 -8.48 20.10 -39.63
CA GLU C 3 -9.46 19.03 -39.81
C GLU C 3 -8.87 17.81 -40.48
N GLU C 4 -8.42 17.95 -41.71
CA GLU C 4 -7.82 16.83 -42.42
C GLU C 4 -6.86 16.11 -41.51
N VAL C 5 -5.87 16.84 -41.01
CA VAL C 5 -4.88 16.24 -40.14
C VAL C 5 -5.55 15.42 -39.06
N LEU C 6 -6.57 15.98 -38.42
CA LEU C 6 -7.21 15.28 -37.32
C LEU C 6 -8.08 14.15 -37.82
N LYS C 7 -8.57 14.27 -39.05
CA LYS C 7 -9.38 13.20 -39.62
C LYS C 7 -8.53 11.94 -39.70
N LEU C 8 -7.23 12.10 -39.94
CA LEU C 8 -6.36 10.94 -40.10
C LEU C 8 -6.49 9.96 -38.95
N GLN C 9 -6.88 10.45 -37.79
CA GLN C 9 -6.98 9.59 -36.62
C GLN C 9 -8.22 8.72 -36.75
N LEU C 10 -9.16 9.16 -37.56
CA LEU C 10 -10.40 8.41 -37.72
C LEU C 10 -10.34 7.52 -38.95
N MET C 11 -9.20 6.89 -39.18
CA MET C 11 -9.09 5.98 -40.28
C MET C 11 -9.32 4.65 -39.60
N ASP C 12 -9.08 3.55 -40.31
CA ASP C 12 -9.39 2.23 -39.76
C ASP C 12 -8.17 1.46 -39.29
N ALA C 13 -8.32 0.15 -39.09
CA ALA C 13 -7.21 -0.64 -38.54
C ALA C 13 -6.56 0.23 -37.52
N LYS C 14 -7.35 0.68 -36.55
CA LYS C 14 -6.83 1.61 -35.56
C LYS C 14 -5.93 1.02 -34.51
N GLU C 15 -5.97 1.57 -33.30
CA GLU C 15 -5.10 1.14 -32.20
C GLU C 15 -4.43 -0.22 -32.42
PG AGS D . 17.80 16.45 22.29
S1G AGS D . 16.56 16.49 20.64
O2G AGS D . 17.08 17.03 23.61
O3G AGS D . 18.22 15.08 22.61
PB AGS D . 20.39 17.14 22.75
O1B AGS D . 20.87 15.72 22.70
O2B AGS D . 21.34 18.25 22.42
O3B AGS D . 19.09 17.28 21.85
PA AGS D . 20.29 18.80 24.85
O1A AGS D . 21.72 18.61 25.20
O2A AGS D . 19.89 19.95 23.97
O3A AGS D . 19.79 17.44 24.17
O5' AGS D . 19.40 18.82 26.17
C5' AGS D . 18.97 20.04 26.75
C4' AGS D . 18.97 19.84 28.25
O4' AGS D . 20.31 19.71 28.64
C3' AGS D . 18.38 21.02 28.99
O3' AGS D . 17.58 20.59 30.10
C2' AGS D . 19.57 21.81 29.48
O2' AGS D . 19.44 22.24 30.83
C1' AGS D . 20.73 20.86 29.35
N9 AGS D . 21.73 21.56 28.58
C8 AGS D . 22.21 21.27 27.38
N7 AGS D . 23.14 22.18 27.03
C5 AGS D . 23.25 23.04 28.04
C6 AGS D . 24.02 24.24 28.35
N6 AGS D . 24.91 24.73 27.48
N1 AGS D . 23.81 24.84 29.53
C2 AGS D . 22.93 24.38 30.42
N3 AGS D . 22.18 23.31 30.20
C4 AGS D . 22.31 22.63 29.05
HOG2 AGS D . 17.61 17.49 24.28
H5'1 AGS D . 17.96 20.29 26.41
H5'2 AGS D . 19.65 20.86 26.49
H4' AGS D . 18.39 18.94 28.50
H3' AGS D . 17.79 21.63 28.30
HO3' AGS D . 18.14 20.57 30.88
H2' AGS D . 19.71 22.67 28.81
HO2' AGS D . 20.30 22.59 31.12
H1' AGS D . 21.10 20.60 30.34
H8 AGS D . 21.90 20.45 26.77
HN61 AGS D . 25.45 25.56 27.71
HN62 AGS D . 25.06 24.27 26.59
H2 AGS D . 22.80 24.92 31.36
MG MG E . 17.45 20.79 22.76
PG AGS F . 4.91 0.14 -30.44
S1G AGS F . 5.57 0.53 -28.53
O2G AGS F . 4.46 -1.39 -30.56
O3G AGS F . 3.77 1.01 -30.72
PB AGS F . 5.39 0.90 -32.92
O1B AGS F . 4.32 -0.10 -33.18
O2B AGS F . 5.06 2.36 -32.83
O3B AGS F . 6.03 0.49 -31.53
PA AGS F . 6.07 0.96 -35.53
O1A AGS F . 4.75 1.63 -35.43
O2A AGS F . 7.25 1.62 -36.17
O3A AGS F . 6.49 0.63 -34.04
O5' AGS F . 5.84 -0.43 -36.27
C5' AGS F . 4.67 -1.21 -36.08
C4' AGS F . 4.33 -1.87 -37.39
O4' AGS F . 4.53 -0.91 -38.41
C3' AGS F . 5.21 -3.04 -37.71
O3' AGS F . 4.56 -4.27 -37.45
C2' AGS F . 5.50 -2.91 -39.18
O2' AGS F . 4.68 -3.80 -39.91
C1' AGS F . 5.15 -1.51 -39.55
N9 AGS F . 6.36 -0.73 -39.94
C8 AGS F . 6.88 0.30 -39.29
N7 AGS F . 7.95 0.78 -39.93
C5 AGS F . 8.12 0.05 -41.03
C6 AGS F . 9.06 0.03 -42.13
N6 AGS F . 10.06 0.92 -42.19
N1 AGS F . 8.89 -0.92 -43.08
C2 AGS F . 7.89 -1.81 -43.02
N3 AGS F . 7.00 -1.83 -42.03
C4 AGS F . 7.07 -0.95 -41.02
HOG2 AGS F . 4.28 -1.78 -31.43
H5'1 AGS F . 3.85 -0.60 -35.73
H5'2 AGS F . 4.88 -1.98 -35.32
H4' AGS F . 3.28 -2.20 -37.37
H3' AGS F . 6.15 -2.96 -37.14
HO3' AGS F . 4.04 -4.18 -36.64
H2' AGS F . 6.57 -3.10 -39.37
HO2' AGS F . 3.82 -3.87 -39.47
H1' AGS F . 4.45 -1.54 -40.39
H8 AGS F . 6.49 0.71 -38.36
HN61 AGS F . 10.71 0.89 -42.96
HN62 AGS F . 10.16 1.61 -41.45
H2 AGS F . 7.81 -2.54 -43.81
MG MG G . 7.68 -2.28 -33.12
#